data_1C6K
# 
_entry.id   1C6K 
# 
_audit_conform.dict_name       mmcif_pdbx.dic 
_audit_conform.dict_version    5.375 
_audit_conform.dict_location   http://mmcif.pdb.org/dictionaries/ascii/mmcif_pdbx.dic 
# 
loop_
_database_2.database_id 
_database_2.database_code 
_database_2.pdbx_database_accession 
_database_2.pdbx_DOI 
PDB   1C6K         pdb_00001c6k 10.2210/pdb1c6k/pdb 
RCSB  RCSB001400   ?            ?                   
WWPDB D_1000001400 ?            ?                   
# 
_pdbx_database_status.status_code                     REL 
_pdbx_database_status.entry_id                        1C6K 
_pdbx_database_status.recvd_initial_deposition_date   1999-12-21 
_pdbx_database_status.deposit_site                    BNL 
_pdbx_database_status.process_site                    RCSB 
_pdbx_database_status.status_code_sf                  REL 
_pdbx_database_status.SG_entry                        . 
_pdbx_database_status.pdb_format_compatible           Y 
_pdbx_database_status.status_code_mr                  ? 
_pdbx_database_status.status_code_cs                  ? 
_pdbx_database_status.status_code_nmr_data            ? 
_pdbx_database_status.methods_development_category    ? 
# 
loop_
_audit_author.name 
_audit_author.pdbx_ordinal 
'Quillin, M.L.'  1 
'Matthews, B.W.' 2 
# 
loop_
_citation.id 
_citation.title 
_citation.journal_abbrev 
_citation.journal_volume 
_citation.page_first 
_citation.page_last 
_citation.year 
_citation.journal_id_ASTM 
_citation.country 
_citation.journal_id_ISSN 
_citation.journal_id_CSD 
_citation.book_publisher 
_citation.pdbx_database_id_PubMed 
_citation.pdbx_database_id_DOI 
primary 
'Size versus polarizability in protein-ligand interactions: binding of noble gases within engineered cavities in phage T4 lysozyme.' 
J.Mol.Biol. 302 955 977 2000 JMOBAK UK 0022-2836 0070 ? 10993735 10.1006/jmbi.2000.4063 
1       'Response of a Protein Structure to Cavity-Creating Mutations and its Relation to the Hydrophobic Effect' Science     255 
178 ?   1992 SCIEAS US 0036-8075 0038 ? ?        ?                      
2       'Structure of Bacteriophage T4 Lysozyme Refined at 1.7 A Resolution' J.Mol.Biol. 193 189 ?   1987 JMOBAK UK 0022-2836 0070 
? ?        ?                      
# 
loop_
_citation_author.citation_id 
_citation_author.name 
_citation_author.ordinal 
_citation_author.identifier_ORCID 
primary 'Quillin, M.L.'  1  ? 
primary 'Breyer, W.A.'   2  ? 
primary 'Griswold, I.J.' 3  ? 
primary 'Matthews, B.W.' 4  ? 
1       'Eriksson, A.E.' 5  ? 
1       'Baase, W.A.'    6  ? 
1       'Zhang, X.-J.'   7  ? 
1       'Heinz, D.W.'    8  ? 
1       'Blaber, M.'     9  ? 
1       'Baldwin, E.P.'  10 ? 
1       'Matthews, B.W.' 11 ? 
2       'Weaver, L.H.'   12 ? 
2       'Matthews, B.W.' 13 ? 
# 
_cell.entry_id           1C6K 
_cell.length_a           61.068 
_cell.length_b           61.068 
_cell.length_c           97.072 
_cell.angle_alpha        90.00 
_cell.angle_beta         90.00 
_cell.angle_gamma        120.00 
_cell.Z_PDB              6 
_cell.pdbx_unique_axis   ? 
# 
_symmetry.entry_id                         1C6K 
_symmetry.space_group_name_H-M             'P 32 2 1' 
_symmetry.pdbx_full_space_group_name_H-M   ? 
_symmetry.cell_setting                     ? 
_symmetry.Int_Tables_number                154 
# 
loop_
_entity.id 
_entity.type 
_entity.src_method 
_entity.pdbx_description 
_entity.formula_weight 
_entity.pdbx_number_of_molecules 
_entity.pdbx_ec 
_entity.pdbx_mutation 
_entity.pdbx_fragment 
_entity.details 
1 polymer     man 'PROTEIN (LYSOZYME)' 18586.283 1   3.2.1.17 YES ? ? 
2 non-polymer syn 'CHLORIDE ION'       35.453    2   ?        ?   ? ? 
3 non-polymer syn XENON                131.293   3   ?        ?   ? ? 
4 non-polymer syn BETA-MERCAPTOETHANOL 78.133    2   ?        ?   ? ? 
5 water       nat water                18.015    125 ?        ?   ? ? 
# 
_entity_poly.entity_id                      1 
_entity_poly.type                           'polypeptide(L)' 
_entity_poly.nstd_linkage                   no 
_entity_poly.nstd_monomer                   no 
_entity_poly.pdbx_seq_one_letter_code       
;MNIFEMLRIDEGLRLKIYKDTEGYYTIGIGHLLTKSPSLNAAKSELDKAIGRNTNGVITKDEAEKLFNQDVDAAVRGILR
NAKLKPVYDSLDAVRRAAAINMVFQMGETGVAGFTNSLRMLQQKRWDEAAVNLAKSRWYNQTPNRAKRVITTFRTGTWDA
YKNL
;
_entity_poly.pdbx_seq_one_letter_code_can   
;MNIFEMLRIDEGLRLKIYKDTEGYYTIGIGHLLTKSPSLNAAKSELDKAIGRNTNGVITKDEAEKLFNQDVDAAVRGILR
NAKLKPVYDSLDAVRRAAAINMVFQMGETGVAGFTNSLRMLQQKRWDEAAVNLAKSRWYNQTPNRAKRVITTFRTGTWDA
YKNL
;
_entity_poly.pdbx_strand_id                 A 
_entity_poly.pdbx_target_identifier         ? 
# 
loop_
_entity_poly_seq.entity_id 
_entity_poly_seq.num 
_entity_poly_seq.mon_id 
_entity_poly_seq.hetero 
1 1   MET n 
1 2   ASN n 
1 3   ILE n 
1 4   PHE n 
1 5   GLU n 
1 6   MET n 
1 7   LEU n 
1 8   ARG n 
1 9   ILE n 
1 10  ASP n 
1 11  GLU n 
1 12  GLY n 
1 13  LEU n 
1 14  ARG n 
1 15  LEU n 
1 16  LYS n 
1 17  ILE n 
1 18  TYR n 
1 19  LYS n 
1 20  ASP n 
1 21  THR n 
1 22  GLU n 
1 23  GLY n 
1 24  TYR n 
1 25  TYR n 
1 26  THR n 
1 27  ILE n 
1 28  GLY n 
1 29  ILE n 
1 30  GLY n 
1 31  HIS n 
1 32  LEU n 
1 33  LEU n 
1 34  THR n 
1 35  LYS n 
1 36  SER n 
1 37  PRO n 
1 38  SER n 
1 39  LEU n 
1 40  ASN n 
1 41  ALA n 
1 42  ALA n 
1 43  LYS n 
1 44  SER n 
1 45  GLU n 
1 46  LEU n 
1 47  ASP n 
1 48  LYS n 
1 49  ALA n 
1 50  ILE n 
1 51  GLY n 
1 52  ARG n 
1 53  ASN n 
1 54  THR n 
1 55  ASN n 
1 56  GLY n 
1 57  VAL n 
1 58  ILE n 
1 59  THR n 
1 60  LYS n 
1 61  ASP n 
1 62  GLU n 
1 63  ALA n 
1 64  GLU n 
1 65  LYS n 
1 66  LEU n 
1 67  PHE n 
1 68  ASN n 
1 69  GLN n 
1 70  ASP n 
1 71  VAL n 
1 72  ASP n 
1 73  ALA n 
1 74  ALA n 
1 75  VAL n 
1 76  ARG n 
1 77  GLY n 
1 78  ILE n 
1 79  LEU n 
1 80  ARG n 
1 81  ASN n 
1 82  ALA n 
1 83  LYS n 
1 84  LEU n 
1 85  LYS n 
1 86  PRO n 
1 87  VAL n 
1 88  TYR n 
1 89  ASP n 
1 90  SER n 
1 91  LEU n 
1 92  ASP n 
1 93  ALA n 
1 94  VAL n 
1 95  ARG n 
1 96  ARG n 
1 97  ALA n 
1 98  ALA n 
1 99  ALA n 
1 100 ILE n 
1 101 ASN n 
1 102 MET n 
1 103 VAL n 
1 104 PHE n 
1 105 GLN n 
1 106 MET n 
1 107 GLY n 
1 108 GLU n 
1 109 THR n 
1 110 GLY n 
1 111 VAL n 
1 112 ALA n 
1 113 GLY n 
1 114 PHE n 
1 115 THR n 
1 116 ASN n 
1 117 SER n 
1 118 LEU n 
1 119 ARG n 
1 120 MET n 
1 121 LEU n 
1 122 GLN n 
1 123 GLN n 
1 124 LYS n 
1 125 ARG n 
1 126 TRP n 
1 127 ASP n 
1 128 GLU n 
1 129 ALA n 
1 130 ALA n 
1 131 VAL n 
1 132 ASN n 
1 133 LEU n 
1 134 ALA n 
1 135 LYS n 
1 136 SER n 
1 137 ARG n 
1 138 TRP n 
1 139 TYR n 
1 140 ASN n 
1 141 GLN n 
1 142 THR n 
1 143 PRO n 
1 144 ASN n 
1 145 ARG n 
1 146 ALA n 
1 147 LYS n 
1 148 ARG n 
1 149 VAL n 
1 150 ILE n 
1 151 THR n 
1 152 THR n 
1 153 PHE n 
1 154 ARG n 
1 155 THR n 
1 156 GLY n 
1 157 THR n 
1 158 TRP n 
1 159 ASP n 
1 160 ALA n 
1 161 TYR n 
1 162 LYS n 
1 163 ASN n 
1 164 LEU n 
# 
_entity_src_gen.entity_id                          1 
_entity_src_gen.pdbx_src_id                        1 
_entity_src_gen.pdbx_alt_source_flag               sample 
_entity_src_gen.pdbx_seq_type                      ? 
_entity_src_gen.pdbx_beg_seq_num                   ? 
_entity_src_gen.pdbx_end_seq_num                   ? 
_entity_src_gen.gene_src_common_name               ? 
_entity_src_gen.gene_src_genus                     'T4-like viruses' 
_entity_src_gen.pdbx_gene_src_gene                 'GENE E' 
_entity_src_gen.gene_src_species                   'Enterobacteria phage T4 sensu lato' 
_entity_src_gen.gene_src_strain                    ? 
_entity_src_gen.gene_src_tissue                    ? 
_entity_src_gen.gene_src_tissue_fraction           ? 
_entity_src_gen.gene_src_details                   ? 
_entity_src_gen.pdbx_gene_src_fragment             ? 
_entity_src_gen.pdbx_gene_src_scientific_name      'Enterobacteria phage T4' 
_entity_src_gen.pdbx_gene_src_ncbi_taxonomy_id     10665 
_entity_src_gen.pdbx_gene_src_variant              ? 
_entity_src_gen.pdbx_gene_src_cell_line            ? 
_entity_src_gen.pdbx_gene_src_atcc                 ? 
_entity_src_gen.pdbx_gene_src_organ                ? 
_entity_src_gen.pdbx_gene_src_organelle            ? 
_entity_src_gen.pdbx_gene_src_cell                 ? 
_entity_src_gen.pdbx_gene_src_cellular_location    ? 
_entity_src_gen.host_org_common_name               ? 
_entity_src_gen.pdbx_host_org_scientific_name      'Escherichia coli' 
_entity_src_gen.pdbx_host_org_ncbi_taxonomy_id     562 
_entity_src_gen.host_org_genus                     Escherichia 
_entity_src_gen.pdbx_host_org_gene                 ? 
_entity_src_gen.pdbx_host_org_organ                ? 
_entity_src_gen.host_org_species                   ? 
_entity_src_gen.pdbx_host_org_tissue               ? 
_entity_src_gen.pdbx_host_org_tissue_fraction      ? 
_entity_src_gen.pdbx_host_org_strain               ? 
_entity_src_gen.pdbx_host_org_variant              ? 
_entity_src_gen.pdbx_host_org_cell_line            ? 
_entity_src_gen.pdbx_host_org_atcc                 ? 
_entity_src_gen.pdbx_host_org_culture_collection   ? 
_entity_src_gen.pdbx_host_org_cell                 ? 
_entity_src_gen.pdbx_host_org_organelle            ? 
_entity_src_gen.pdbx_host_org_cellular_location    ? 
_entity_src_gen.pdbx_host_org_vector_type          ? 
_entity_src_gen.pdbx_host_org_vector               ? 
_entity_src_gen.host_org_details                   ? 
_entity_src_gen.expression_system_id               ? 
_entity_src_gen.plasmid_name                       PHS1403 
_entity_src_gen.plasmid_details                    ? 
_entity_src_gen.pdbx_description                   ? 
# 
_struct_ref.id                         1 
_struct_ref.db_name                    UNP 
_struct_ref.db_code                    LYCV_BPT4 
_struct_ref.entity_id                  1 
_struct_ref.pdbx_seq_one_letter_code   ? 
_struct_ref.pdbx_align_begin           ? 
_struct_ref.pdbx_db_accession          P00720 
_struct_ref.pdbx_db_isoform            ? 
# 
_struct_ref_seq.align_id                      1 
_struct_ref_seq.ref_id                        1 
_struct_ref_seq.pdbx_PDB_id_code              1C6K 
_struct_ref_seq.pdbx_strand_id                A 
_struct_ref_seq.seq_align_beg                 1 
_struct_ref_seq.pdbx_seq_align_beg_ins_code   ? 
_struct_ref_seq.seq_align_end                 164 
_struct_ref_seq.pdbx_seq_align_end_ins_code   ? 
_struct_ref_seq.pdbx_db_accession             P00720 
_struct_ref_seq.db_align_beg                  1 
_struct_ref_seq.pdbx_db_align_beg_ins_code    ? 
_struct_ref_seq.db_align_end                  164 
_struct_ref_seq.pdbx_db_align_end_ins_code    ? 
_struct_ref_seq.pdbx_auth_seq_align_beg       1 
_struct_ref_seq.pdbx_auth_seq_align_end       164 
# 
loop_
_struct_ref_seq_dif.align_id 
_struct_ref_seq_dif.pdbx_pdb_id_code 
_struct_ref_seq_dif.mon_id 
_struct_ref_seq_dif.pdbx_pdb_strand_id 
_struct_ref_seq_dif.seq_num 
_struct_ref_seq_dif.pdbx_pdb_ins_code 
_struct_ref_seq_dif.pdbx_seq_db_name 
_struct_ref_seq_dif.pdbx_seq_db_accession_code 
_struct_ref_seq_dif.db_mon_id 
_struct_ref_seq_dif.pdbx_seq_db_seq_num 
_struct_ref_seq_dif.details 
_struct_ref_seq_dif.pdbx_auth_seq_num 
_struct_ref_seq_dif.pdbx_ordinal 
1 1C6K THR A 54 ? UNP P00720 CYS 54 'engineered mutation' 54 1 
1 1C6K ALA A 97 ? UNP P00720 CYS 97 'engineered mutation' 97 2 
1 1C6K ALA A 99 ? UNP P00720 LEU 99 'engineered mutation' 99 3 
# 
loop_
_chem_comp.id 
_chem_comp.type 
_chem_comp.mon_nstd_flag 
_chem_comp.name 
_chem_comp.pdbx_synonyms 
_chem_comp.formula 
_chem_comp.formula_weight 
ALA 'L-peptide linking' y ALANINE              ? 'C3 H7 N O2'     89.093  
ARG 'L-peptide linking' y ARGININE             ? 'C6 H15 N4 O2 1' 175.209 
ASN 'L-peptide linking' y ASPARAGINE           ? 'C4 H8 N2 O3'    132.118 
ASP 'L-peptide linking' y 'ASPARTIC ACID'      ? 'C4 H7 N O4'     133.103 
BME non-polymer         . BETA-MERCAPTOETHANOL ? 'C2 H6 O S'      78.133  
CL  non-polymer         . 'CHLORIDE ION'       ? 'Cl -1'          35.453  
CYS 'L-peptide linking' y CYSTEINE             ? 'C3 H7 N O2 S'   121.158 
GLN 'L-peptide linking' y GLUTAMINE            ? 'C5 H10 N2 O3'   146.144 
GLU 'L-peptide linking' y 'GLUTAMIC ACID'      ? 'C5 H9 N O4'     147.129 
GLY 'peptide linking'   y GLYCINE              ? 'C2 H5 N O2'     75.067  
HIS 'L-peptide linking' y HISTIDINE            ? 'C6 H10 N3 O2 1' 156.162 
HOH non-polymer         . WATER                ? 'H2 O'           18.015  
ILE 'L-peptide linking' y ISOLEUCINE           ? 'C6 H13 N O2'    131.173 
LEU 'L-peptide linking' y LEUCINE              ? 'C6 H13 N O2'    131.173 
LYS 'L-peptide linking' y LYSINE               ? 'C6 H15 N2 O2 1' 147.195 
MET 'L-peptide linking' y METHIONINE           ? 'C5 H11 N O2 S'  149.211 
PHE 'L-peptide linking' y PHENYLALANINE        ? 'C9 H11 N O2'    165.189 
PRO 'L-peptide linking' y PROLINE              ? 'C5 H9 N O2'     115.130 
SER 'L-peptide linking' y SERINE               ? 'C3 H7 N O3'     105.093 
THR 'L-peptide linking' y THREONINE            ? 'C4 H9 N O3'     119.119 
TRP 'L-peptide linking' y TRYPTOPHAN           ? 'C11 H12 N2 O2'  204.225 
TYR 'L-peptide linking' y TYROSINE             ? 'C9 H11 N O3'    181.189 
VAL 'L-peptide linking' y VALINE               ? 'C5 H11 N O2'    117.146 
XE  non-polymer         . XENON                ? Xe               131.293 
# 
_exptl.entry_id          1C6K 
_exptl.method            'X-RAY DIFFRACTION' 
_exptl.crystals_number   1 
# 
_exptl_crystal.id                    1 
_exptl_crystal.density_meas          ? 
_exptl_crystal.density_Matthews      2.80 
_exptl_crystal.density_percent_sol   56.0 
_exptl_crystal.description           ? 
# 
_exptl_crystal_grow.crystal_id      1 
_exptl_crystal_grow.method          ? 
_exptl_crystal_grow.temp            ? 
_exptl_crystal_grow.temp_details    ? 
_exptl_crystal_grow.pH              ? 
_exptl_crystal_grow.pdbx_details    
'1.8-2.2 M NAH2/K2HPO4, PH 6.9-7.1, 50 MM BETA-MERCAPTOETHANOL AND/OR 50 MM HYDROXYETHYL DISULFIDE' 
_exptl_crystal_grow.pdbx_pH_range   6.9-7 
# 
_diffrn.id                     1 
_diffrn.ambient_temp           273.0 
_diffrn.ambient_temp_details   ? 
_diffrn.crystal_id             1 
# 
_diffrn_detector.diffrn_id              1 
_diffrn_detector.detector               'IMAGE PLATE' 
_diffrn_detector.type                   'RIGAKU RAXIS IIC' 
_diffrn_detector.pdbx_collection_date   1996-03-27 
_diffrn_detector.details                ? 
# 
_diffrn_radiation.diffrn_id                        1 
_diffrn_radiation.wavelength_id                    1 
_diffrn_radiation.pdbx_monochromatic_or_laue_m_l   M 
_diffrn_radiation.monochromator                    GRAPHITE 
_diffrn_radiation.pdbx_diffrn_protocol             'SINGLE WAVELENGTH' 
_diffrn_radiation.pdbx_scattering_type             x-ray 
# 
_diffrn_radiation_wavelength.id           1 
_diffrn_radiation_wavelength.wavelength   1.5418 
_diffrn_radiation_wavelength.wt           1.0 
# 
_diffrn_source.diffrn_id                   1 
_diffrn_source.source                      'ROTATING ANODE' 
_diffrn_source.type                        'RIGAKU RU200' 
_diffrn_source.pdbx_synchrotron_site       ? 
_diffrn_source.pdbx_synchrotron_beamline   ? 
_diffrn_source.pdbx_wavelength             1.5418 
_diffrn_source.pdbx_wavelength_list        ? 
# 
_reflns.entry_id                     1C6K 
_reflns.observed_criterion_sigma_I   0.000 
_reflns.observed_criterion_sigma_F   ? 
_reflns.d_resolution_low             60.0 
_reflns.d_resolution_high            1.90 
_reflns.number_obs                   16522 
_reflns.number_all                   ? 
_reflns.percent_possible_obs         97.2 
_reflns.pdbx_Rmerge_I_obs            0.0540000 
_reflns.pdbx_Rsym_value              ? 
_reflns.pdbx_netI_over_sigmaI        10.4 
_reflns.B_iso_Wilson_estimate        ? 
_reflns.pdbx_redundancy              3.66 
_reflns.R_free_details               ? 
_reflns.limit_h_max                  ? 
_reflns.limit_h_min                  ? 
_reflns.limit_k_max                  ? 
_reflns.limit_k_min                  ? 
_reflns.limit_l_max                  ? 
_reflns.limit_l_min                  ? 
_reflns.observed_criterion_F_max     ? 
_reflns.observed_criterion_F_min     ? 
_reflns.pdbx_diffrn_id               1 
_reflns.pdbx_ordinal                 1 
# 
_reflns_shell.d_res_high             1.90 
_reflns_shell.d_res_low              1.93 
_reflns_shell.percent_possible_all   98.3 
_reflns_shell.Rmerge_I_obs           0.2590000 
_reflns_shell.pdbx_Rsym_value        ? 
_reflns_shell.meanI_over_sigI_obs    ? 
_reflns_shell.pdbx_redundancy        ? 
_reflns_shell.percent_possible_obs   ? 
_reflns_shell.number_unique_all      ? 
_reflns_shell.pdbx_diffrn_id         ? 
_reflns_shell.pdbx_ordinal           1 
# 
_refine.entry_id                                 1C6K 
_refine.ls_number_reflns_obs                     17082 
_refine.ls_number_reflns_all                     17082 
_refine.pdbx_ls_sigma_I                          ? 
_refine.pdbx_ls_sigma_F                          0.000 
_refine.pdbx_data_cutoff_high_absF               ? 
_refine.pdbx_data_cutoff_low_absF                ? 
_refine.pdbx_data_cutoff_high_rms_absF           ? 
_refine.ls_d_res_low                             60.0 
_refine.ls_d_res_high                            1.90 
_refine.ls_percent_reflns_obs                    97.2 
_refine.ls_R_factor_obs                          ? 
_refine.ls_R_factor_all                          0.1720000 
_refine.ls_R_factor_R_work                       ? 
_refine.ls_R_factor_R_free                       ? 
_refine.ls_R_factor_R_free_error                 ? 
_refine.ls_R_factor_R_free_error_details         ? 
_refine.ls_percent_reflns_R_free                 ? 
_refine.ls_number_reflns_R_free                  ? 
_refine.ls_number_parameters                     ? 
_refine.ls_number_restraints                     ? 
_refine.occupancy_min                            ? 
_refine.occupancy_max                            ? 
_refine.B_iso_mean                               ? 
_refine.aniso_B[1][1]                            ? 
_refine.aniso_B[2][2]                            ? 
_refine.aniso_B[3][3]                            ? 
_refine.aniso_B[1][2]                            ? 
_refine.aniso_B[1][3]                            ? 
_refine.aniso_B[2][3]                            ? 
_refine.solvent_model_details                    'MOEWS AND KRETSINGER' 
_refine.solvent_model_param_ksol                 0.948 
_refine.solvent_model_param_bsol                 343.4 
_refine.pdbx_ls_cross_valid_method               ? 
_refine.details                                  ? 
_refine.pdbx_starting_model                      1L90 
_refine.pdbx_method_to_determine_struct          ? 
_refine.pdbx_isotropic_thermal_model             'TNT BCORREL' 
_refine.pdbx_stereochemistry_target_values       'TNT PROTGEO' 
_refine.pdbx_stereochem_target_val_spec_case     ? 
_refine.pdbx_R_Free_selection_details            ? 
_refine.pdbx_overall_ESU_R                       ? 
_refine.pdbx_overall_ESU_R_Free                  ? 
_refine.overall_SU_ML                            ? 
_refine.overall_SU_B                             ? 
_refine.ls_redundancy_reflns_obs                 ? 
_refine.B_iso_min                                ? 
_refine.B_iso_max                                ? 
_refine.pdbx_refine_id                           'X-RAY DIFFRACTION' 
_refine.pdbx_diffrn_id                           1 
_refine.pdbx_TLS_residual_ADP_flag               ? 
_refine.correlation_coeff_Fo_to_Fc               ? 
_refine.correlation_coeff_Fo_to_Fc_free          ? 
_refine.pdbx_solvent_vdw_probe_radii             ? 
_refine.pdbx_solvent_ion_probe_radii             ? 
_refine.pdbx_solvent_shrinkage_radii             ? 
_refine.pdbx_overall_phase_error                 ? 
_refine.overall_SU_R_Cruickshank_DPI             ? 
_refine.pdbx_overall_SU_R_free_Cruickshank_DPI   ? 
_refine.pdbx_overall_SU_R_Blow_DPI               ? 
_refine.pdbx_overall_SU_R_free_Blow_DPI          ? 
# 
_refine_hist.pdbx_refine_id                   'X-RAY DIFFRACTION' 
_refine_hist.cycle_id                         LAST 
_refine_hist.pdbx_number_atoms_protein        1289 
_refine_hist.pdbx_number_atoms_nucleic_acid   0 
_refine_hist.pdbx_number_atoms_ligand         13 
_refine_hist.number_atoms_solvent             125 
_refine_hist.number_atoms_total               1427 
_refine_hist.d_res_high                       1.90 
_refine_hist.d_res_low                        60.0 
# 
loop_
_refine_ls_restr.type 
_refine_ls_restr.dev_ideal 
_refine_ls_restr.dev_ideal_target 
_refine_ls_restr.weight 
_refine_ls_restr.number 
_refine_ls_restr.pdbx_refine_id 
_refine_ls_restr.pdbx_restraint_function 
t_bond_d           0.020 ? 0.800 1316 'X-RAY DIFFRACTION' ? 
t_angle_deg        2.697 ? 1.300 1766 'X-RAY DIFFRACTION' ? 
t_dihedral_angle_d 14.88 ? 0.000 802  'X-RAY DIFFRACTION' ? 
t_incorr_chiral_ct 0     ? ?     ?    'X-RAY DIFFRACTION' ? 
t_pseud_angle      ?     ? ?     ?    'X-RAY DIFFRACTION' ? 
t_trig_c_planes    0.014 ? 2.000 34   'X-RAY DIFFRACTION' ? 
t_gen_planes       0.016 ? 5.000 189  'X-RAY DIFFRACTION' ? 
t_it               3.041 ? 1.000 1316 'X-RAY DIFFRACTION' ? 
t_nbd              0.049 ? 10.00 12   'X-RAY DIFFRACTION' ? 
# 
_pdbx_refine.entry_id                                    1C6K 
_pdbx_refine.R_factor_all_no_cutoff                      0.1720000 
_pdbx_refine.R_factor_obs_no_cutoff                      ? 
_pdbx_refine.free_R_factor_no_cutoff                     ? 
_pdbx_refine.free_R_val_test_set_size_perc_no_cutoff     ? 
_pdbx_refine.free_R_val_test_set_ct_no_cutoff            ? 
_pdbx_refine.R_factor_all_4sig_cutoff                    ? 
_pdbx_refine.R_factor_obs_4sig_cutoff                    ? 
_pdbx_refine.free_R_factor_4sig_cutoff                   ? 
_pdbx_refine.free_R_val_test_set_size_perc_4sig_cutoff   ? 
_pdbx_refine.free_R_val_test_set_ct_4sig_cutoff          ? 
_pdbx_refine.number_reflns_obs_4sig_cutoff               ? 
_pdbx_refine.number_reflns_obs_no_cutoff                 ? 
_pdbx_refine.pdbx_refine_id                              'X-RAY DIFFRACTION' 
_pdbx_refine.free_R_error_no_cutoff                      ? 
# 
_struct.entry_id                  1C6K 
_struct.title                     'T4 LYSOZYME MUTANT C54T/C97A/L99A IN THE PRESENCE OF 8 ATM XENON' 
_struct.pdbx_model_details        ? 
_struct.pdbx_CASP_flag            ? 
_struct.pdbx_model_type_details   ? 
# 
_struct_keywords.entry_id        1C6K 
_struct_keywords.pdbx_keywords   HYDROLASE 
_struct_keywords.text            'HYDROLASE (O-GLYCOSYL), T4 LYSOZYME, NOBLE GAS BINDING, HYDROLASE' 
# 
loop_
_struct_asym.id 
_struct_asym.pdbx_blank_PDB_chainid_flag 
_struct_asym.pdbx_modified 
_struct_asym.entity_id 
_struct_asym.details 
A N N 1 ? 
B N N 2 ? 
C N N 2 ? 
D N N 3 ? 
E N N 3 ? 
F N N 3 ? 
G N N 4 ? 
H N N 4 ? 
I N N 5 ? 
# 
_struct_biol.id   1 
# 
loop_
_struct_conf.conf_type_id 
_struct_conf.id 
_struct_conf.pdbx_PDB_helix_id 
_struct_conf.beg_label_comp_id 
_struct_conf.beg_label_asym_id 
_struct_conf.beg_label_seq_id 
_struct_conf.pdbx_beg_PDB_ins_code 
_struct_conf.end_label_comp_id 
_struct_conf.end_label_asym_id 
_struct_conf.end_label_seq_id 
_struct_conf.pdbx_end_PDB_ins_code 
_struct_conf.beg_auth_comp_id 
_struct_conf.beg_auth_asym_id 
_struct_conf.beg_auth_seq_id 
_struct_conf.end_auth_comp_id 
_struct_conf.end_auth_asym_id 
_struct_conf.end_auth_seq_id 
_struct_conf.pdbx_PDB_helix_class 
_struct_conf.details 
_struct_conf.pdbx_PDB_helix_length 
HELX_P HELX_P1  1  ASN A 2   ? GLY A 12  ? ASN A 2   GLY A 12  1 ? 11 
HELX_P HELX_P2  2  SER A 38  ? GLY A 51  ? SER A 38  GLY A 51  1 ? 14 
HELX_P HELX_P3  3  THR A 59  ? ASN A 81  ? THR A 59  ASN A 81  1 ? 23 
HELX_P HELX_P4  4  LEU A 84  ? LEU A 91  ? LEU A 84  LEU A 91  1 ? 8  
HELX_P HELX_P5  5  ASP A 92  ? GLY A 107 ? ASP A 92  GLY A 107 1 ? 16 
HELX_P HELX_P6  6  MET A 106 ? GLY A 113 ? MET A 106 GLY A 113 1 ? 8  
HELX_P HELX_P7  7  PHE A 114 ? GLN A 123 ? PHE A 114 GLN A 123 1 ? 10 
HELX_P HELX_P8  8  ARG A 125 ? LYS A 135 ? ARG A 125 LYS A 135 1 ? 11 
HELX_P HELX_P9  9  SER A 136 ? THR A 142 ? SER A 136 THR A 142 1 ? 7  
HELX_P HELX_P10 10 THR A 142 ? GLY A 156 ? THR A 142 GLY A 156 1 ? 15 
HELX_P HELX_P11 11 TRP A 158 ? LYS A 162 ? TRP A 158 LYS A 162 5 ? 5  
# 
_struct_conf_type.id          HELX_P 
_struct_conf_type.criteria    ? 
_struct_conf_type.reference   ? 
# 
loop_
_struct_conn.id 
_struct_conn.conn_type_id 
_struct_conn.pdbx_leaving_atom_flag 
_struct_conn.pdbx_PDB_id 
_struct_conn.ptnr1_label_asym_id 
_struct_conn.ptnr1_label_comp_id 
_struct_conn.ptnr1_label_seq_id 
_struct_conn.ptnr1_label_atom_id 
_struct_conn.pdbx_ptnr1_label_alt_id 
_struct_conn.pdbx_ptnr1_PDB_ins_code 
_struct_conn.pdbx_ptnr1_standard_comp_id 
_struct_conn.ptnr1_symmetry 
_struct_conn.ptnr2_label_asym_id 
_struct_conn.ptnr2_label_comp_id 
_struct_conn.ptnr2_label_seq_id 
_struct_conn.ptnr2_label_atom_id 
_struct_conn.pdbx_ptnr2_label_alt_id 
_struct_conn.pdbx_ptnr2_PDB_ins_code 
_struct_conn.ptnr1_auth_asym_id 
_struct_conn.ptnr1_auth_comp_id 
_struct_conn.ptnr1_auth_seq_id 
_struct_conn.ptnr2_auth_asym_id 
_struct_conn.ptnr2_auth_comp_id 
_struct_conn.ptnr2_auth_seq_id 
_struct_conn.ptnr2_symmetry 
_struct_conn.pdbx_ptnr3_label_atom_id 
_struct_conn.pdbx_ptnr3_label_seq_id 
_struct_conn.pdbx_ptnr3_label_comp_id 
_struct_conn.pdbx_ptnr3_label_asym_id 
_struct_conn.pdbx_ptnr3_label_alt_id 
_struct_conn.pdbx_ptnr3_PDB_ins_code 
_struct_conn.details 
_struct_conn.pdbx_dist_value 
_struct_conn.pdbx_value_order 
_struct_conn.pdbx_role 
covale1 covale none ? G BME . S2 ? ? ? 1_555 H BME . S2 ? ? A BME 901 A BME 902 1_555 ? ? ? ? ? ? ? 2.088 ? ? 
covale2 covale none ? G BME . O1 ? ? ? 1_555 H BME . S2 ? ? A BME 901 A BME 902 5_555 ? ? ? ? ? ? ? 1.958 ? ? 
covale3 covale none ? G BME . O1 ? ? ? 5_555 H BME . S2 ? ? A BME 901 A BME 902 1_555 ? ? ? ? ? ? ? 1.958 ? ? 
# 
_struct_conn_type.id          covale 
_struct_conn_type.criteria    ? 
_struct_conn_type.reference   ? 
# 
_struct_sheet.id               A 
_struct_sheet.type             ? 
_struct_sheet.number_strands   3 
_struct_sheet.details          ? 
# 
loop_
_struct_sheet_order.sheet_id 
_struct_sheet_order.range_id_1 
_struct_sheet_order.range_id_2 
_struct_sheet_order.offset 
_struct_sheet_order.sense 
A 1 2 ? anti-parallel 
A 2 3 ? anti-parallel 
# 
loop_
_struct_sheet_range.sheet_id 
_struct_sheet_range.id 
_struct_sheet_range.beg_label_comp_id 
_struct_sheet_range.beg_label_asym_id 
_struct_sheet_range.beg_label_seq_id 
_struct_sheet_range.pdbx_beg_PDB_ins_code 
_struct_sheet_range.end_label_comp_id 
_struct_sheet_range.end_label_asym_id 
_struct_sheet_range.end_label_seq_id 
_struct_sheet_range.pdbx_end_PDB_ins_code 
_struct_sheet_range.beg_auth_comp_id 
_struct_sheet_range.beg_auth_asym_id 
_struct_sheet_range.beg_auth_seq_id 
_struct_sheet_range.end_auth_comp_id 
_struct_sheet_range.end_auth_asym_id 
_struct_sheet_range.end_auth_seq_id 
A 1 ARG A 14 ? LYS A 19 ? ARG A 14 LYS A 19 
A 2 TYR A 25 ? GLY A 28 ? TYR A 25 GLY A 28 
A 3 HIS A 31 ? THR A 34 ? HIS A 31 THR A 34 
# 
loop_
_pdbx_struct_sheet_hbond.sheet_id 
_pdbx_struct_sheet_hbond.range_id_1 
_pdbx_struct_sheet_hbond.range_id_2 
_pdbx_struct_sheet_hbond.range_1_label_atom_id 
_pdbx_struct_sheet_hbond.range_1_label_comp_id 
_pdbx_struct_sheet_hbond.range_1_label_asym_id 
_pdbx_struct_sheet_hbond.range_1_label_seq_id 
_pdbx_struct_sheet_hbond.range_1_PDB_ins_code 
_pdbx_struct_sheet_hbond.range_1_auth_atom_id 
_pdbx_struct_sheet_hbond.range_1_auth_comp_id 
_pdbx_struct_sheet_hbond.range_1_auth_asym_id 
_pdbx_struct_sheet_hbond.range_1_auth_seq_id 
_pdbx_struct_sheet_hbond.range_2_label_atom_id 
_pdbx_struct_sheet_hbond.range_2_label_comp_id 
_pdbx_struct_sheet_hbond.range_2_label_asym_id 
_pdbx_struct_sheet_hbond.range_2_label_seq_id 
_pdbx_struct_sheet_hbond.range_2_PDB_ins_code 
_pdbx_struct_sheet_hbond.range_2_auth_atom_id 
_pdbx_struct_sheet_hbond.range_2_auth_comp_id 
_pdbx_struct_sheet_hbond.range_2_auth_asym_id 
_pdbx_struct_sheet_hbond.range_2_auth_seq_id 
A 1 2 O TYR A 18 ? O TYR A 18 N THR A 26 ? N THR A 26 
A 2 3 O ILE A 27 ? O ILE A 27 N HIS A 31 ? N HIS A 31 
# 
loop_
_struct_site.id 
_struct_site.pdbx_evidence_code 
_struct_site.pdbx_auth_asym_id 
_struct_site.pdbx_auth_comp_id 
_struct_site.pdbx_auth_seq_id 
_struct_site.pdbx_auth_ins_code 
_struct_site.pdbx_num_residues 
_struct_site.details 
AC1 Software A CL  173 ? 5 'BINDING SITE FOR RESIDUE CL A 173'  
AC2 Software A CL  178 ? 2 'BINDING SITE FOR RESIDUE CL A 178'  
AC3 Software A XE  500 ? 2 'BINDING SITE FOR RESIDUE XE A 500'  
AC4 Software A XE  501 ? 2 'BINDING SITE FOR RESIDUE XE A 501'  
AC5 Software A XE  502 ? 4 'BINDING SITE FOR RESIDUE XE A 502'  
AC6 Software A BME 901 ? 2 'BINDING SITE FOR RESIDUE BME A 901' 
AC7 Software A BME 902 ? 4 'BINDING SITE FOR RESIDUE BME A 902' 
# 
loop_
_struct_site_gen.id 
_struct_site_gen.site_id 
_struct_site_gen.pdbx_num_res 
_struct_site_gen.label_comp_id 
_struct_site_gen.label_asym_id 
_struct_site_gen.label_seq_id 
_struct_site_gen.pdbx_auth_ins_code 
_struct_site_gen.auth_comp_id 
_struct_site_gen.auth_asym_id 
_struct_site_gen.auth_seq_id 
_struct_site_gen.label_atom_id 
_struct_site_gen.label_alt_id 
_struct_site_gen.symmetry 
_struct_site_gen.details 
1  AC1 5 THR A 142 ? THR A 142 . ? 1_555 ? 
2  AC1 5 ASN A 144 ? ASN A 144 . ? 1_555 ? 
3  AC1 5 ARG A 145 ? ARG A 145 . ? 1_555 ? 
4  AC1 5 HOH I .   ? HOH A 209 . ? 1_555 ? 
5  AC1 5 HOH I .   ? HOH A 331 . ? 4_655 ? 
6  AC2 2 LYS A 135 ? LYS A 135 . ? 3_665 ? 
7  AC2 2 HOH I .   ? HOH A 215 . ? 1_555 ? 
8  AC3 2 ALA A 99  ? ALA A 99  . ? 1_555 ? 
9  AC3 2 XE  F .   ? XE  A 502 . ? 1_555 ? 
10 AC4 2 LEU A 118 ? LEU A 118 . ? 1_555 ? 
11 AC4 2 XE  F .   ? XE  A 502 . ? 1_555 ? 
12 AC5 4 ALA A 99  ? ALA A 99  . ? 1_555 ? 
13 AC5 4 VAL A 111 ? VAL A 111 . ? 1_555 ? 
14 AC5 4 XE  D .   ? XE  A 500 . ? 1_555 ? 
15 AC5 4 XE  E .   ? XE  A 501 . ? 1_555 ? 
16 AC6 2 BME H .   ? BME A 902 . ? 5_555 ? 
17 AC6 2 BME H .   ? BME A 902 . ? 1_555 ? 
18 AC7 4 ALA A 93  ? ALA A 93  . ? 1_555 ? 
19 AC7 4 ILE A 100 ? ILE A 100 . ? 1_555 ? 
20 AC7 4 BME G .   ? BME A 901 . ? 5_555 ? 
21 AC7 4 BME G .   ? BME A 901 . ? 1_555 ? 
# 
_atom_sites.entry_id                    1C6K 
_atom_sites.fract_transf_matrix[1][1]   -0.00926863 
_atom_sites.fract_transf_matrix[1][2]   0.00136616 
_atom_sites.fract_transf_matrix[1][3]   0.01642391 
_atom_sites.fract_transf_matrix[2][1]   -0.00264834 
_atom_sites.fract_transf_matrix[2][2]   -0.01538411 
_atom_sites.fract_transf_matrix[2][3]   0.01066901 
_atom_sites.fract_transf_matrix[3][1]   0.00889203 
_atom_sites.fract_transf_matrix[3][2]   0.00184304 
_atom_sites.fract_transf_matrix[3][3]   0.00486480 
_atom_sites.fract_transf_vector[1]      0.679712 
_atom_sites.fract_transf_vector[2]      0.218933 
_atom_sites.fract_transf_vector[3]      0.100913 
# 
loop_
_atom_type.symbol 
C  
CL 
N  
O  
S  
XE 
# 
loop_
_atom_site.group_PDB 
_atom_site.id 
_atom_site.type_symbol 
_atom_site.label_atom_id 
_atom_site.label_alt_id 
_atom_site.label_comp_id 
_atom_site.label_asym_id 
_atom_site.label_entity_id 
_atom_site.label_seq_id 
_atom_site.pdbx_PDB_ins_code 
_atom_site.Cartn_x 
_atom_site.Cartn_y 
_atom_site.Cartn_z 
_atom_site.occupancy 
_atom_site.B_iso_or_equiv 
_atom_site.pdbx_formal_charge 
_atom_site.auth_seq_id 
_atom_site.auth_comp_id 
_atom_site.auth_asym_id 
_atom_site.auth_atom_id 
_atom_site.pdbx_PDB_model_num 
ATOM   1    N  N   . MET A 1 1   ? -3.002  16.973  -2.499  1.00 24.85  ? 1   MET A N   1 
ATOM   2    C  CA  . MET A 1 1   ? -2.884  15.585  -2.110  1.00 21.57  ? 1   MET A CA  1 
ATOM   3    C  C   . MET A 1 1   ? -1.761  14.931  -2.869  1.00 17.66  ? 1   MET A C   1 
ATOM   4    O  O   . MET A 1 1   ? -1.485  15.276  -4.006  1.00 18.80  ? 1   MET A O   1 
ATOM   5    C  CB  . MET A 1 1   ? -4.238  14.867  -2.361  1.00 23.88  ? 1   MET A CB  1 
ATOM   6    C  CG  . MET A 1 1   ? -4.289  13.371  -2.112  1.00 31.56  ? 1   MET A CG  1 
ATOM   7    S  SD  . MET A 1 1   ? -4.339  12.962  -0.361  1.00 31.87  ? 1   MET A SD  1 
ATOM   8    C  CE  . MET A 1 1   ? -5.717  14.066  -0.054  1.00 31.54  ? 1   MET A CE  1 
ATOM   9    N  N   . ASN A 1 2   ? -1.121  13.970  -2.213  1.00 15.76  ? 2   ASN A N   1 
ATOM   10   C  CA  . ASN A 1 2   ? -0.056  13.204  -2.851  1.00 15.13  ? 2   ASN A CA  1 
ATOM   11   C  C   . ASN A 1 2   ? -0.049  11.824  -2.231  1.00 12.93  ? 2   ASN A C   1 
ATOM   12   O  O   . ASN A 1 2   ? -0.733  11.565  -1.276  1.00 11.14  ? 2   ASN A O   1 
ATOM   13   C  CB  . ASN A 1 2   ? 1.293   13.957  -2.660  1.00 11.92  ? 2   ASN A CB  1 
ATOM   14   C  CG  . ASN A 1 2   ? 1.689   14.182  -1.227  1.00 17.46  ? 2   ASN A CG  1 
ATOM   15   O  OD1 . ASN A 1 2   ? 1.818   13.242  -0.410  1.00 15.89  ? 2   ASN A OD1 1 
ATOM   16   N  ND2 . ASN A 1 2   ? 1.863   15.467  -0.909  1.00 15.73  ? 2   ASN A ND2 1 
ATOM   17   N  N   . ILE A 1 3   ? 0.801   10.975  -2.761  1.00 11.15  ? 3   ILE A N   1 
ATOM   18   C  CA  . ILE A 1 3   ? 0.941   9.578   -2.299  1.00 11.86  ? 3   ILE A CA  1 
ATOM   19   C  C   . ILE A 1 3   ? 1.123   9.443   -0.768  1.00 14.62  ? 3   ILE A C   1 
ATOM   20   O  O   . ILE A 1 3   ? 0.623   8.529   -0.072  1.00 13.56  ? 3   ILE A O   1 
ATOM   21   C  CB  . ILE A 1 3   ? 1.965   8.721   -3.112  1.00 12.00  ? 3   ILE A CB  1 
ATOM   22   C  CG1 . ILE A 1 3   ? 1.896   7.211   -2.746  1.00 10.76  ? 3   ILE A CG1 1 
ATOM   23   C  CG2 . ILE A 1 3   ? 3.386   9.315   -2.990  1.00 10.05  ? 3   ILE A CG2 1 
ATOM   24   C  CD1 . ILE A 1 3   ? 0.491   6.491   -2.816  1.00 11.56  ? 3   ILE A CD1 1 
ATOM   25   N  N   . PHE A 1 4   ? 1.946   10.349  -0.252  1.00 14.78  ? 4   PHE A N   1 
ATOM   26   C  CA  . PHE A 1 4   ? 2.189   10.283  1.154   1.00 16.91  ? 4   PHE A CA  1 
ATOM   27   C  C   . PHE A 1 4   ? 0.964   10.582  1.943   1.00 14.24  ? 4   PHE A C   1 
ATOM   28   O  O   . PHE A 1 4   ? 0.655   9.889   2.858   1.00 12.41  ? 4   PHE A O   1 
ATOM   29   C  CB  . PHE A 1 4   ? 3.373   11.137  1.632   1.00 13.88  ? 4   PHE A CB  1 
ATOM   30   C  CG  . PHE A 1 4   ? 4.719   10.631  1.135   1.00 14.28  ? 4   PHE A CG  1 
ATOM   31   C  CD1 . PHE A 1 4   ? 5.234   11.090  -0.085  1.00 12.36  ? 4   PHE A CD1 1 
ATOM   32   C  CD2 . PHE A 1 4   ? 5.465   9.760   1.936   1.00 18.07  ? 4   PHE A CD2 1 
ATOM   33   C  CE1 . PHE A 1 4   ? 6.481   10.640  -0.509  1.00 17.41  ? 4   PHE A CE1 1 
ATOM   34   C  CE2 . PHE A 1 4   ? 6.753   9.369   1.560   1.00 19.83  ? 4   PHE A CE2 1 
ATOM   35   C  CZ  . PHE A 1 4   ? 7.243   9.817   0.330   1.00 19.98  ? 4   PHE A CZ  1 
ATOM   36   N  N   . GLU A 1 5   ? 0.299   11.672  1.646   1.00 12.90  ? 5   GLU A N   1 
ATOM   37   C  CA  . GLU A 1 5   ? -0.882  11.985  2.435   1.00 11.09  ? 5   GLU A CA  1 
ATOM   38   C  C   . GLU A 1 5   ? -1.934  10.947  2.226   1.00 14.55  ? 5   GLU A C   1 
ATOM   39   O  O   . GLU A 1 5   ? -2.743  10.735  3.089   1.00 12.98  ? 5   GLU A O   1 
ATOM   40   C  CB  . GLU A 1 5   ? -1.518  13.271  1.889   1.00 11.55  ? 5   GLU A CB  1 
ATOM   41   C  CG  . GLU A 1 5   ? -0.573  14.453  2.207   1.00 15.75  ? 5   GLU A CG  1 
ATOM   42   C  CD  . GLU A 1 5   ? -0.982  15.783  1.588   1.00 29.07  ? 5   GLU A CD  1 
ATOM   43   O  OE1 . GLU A 1 5   ? -2.039  15.991  1.037   1.00 32.08  ? 5   GLU A OE1 1 
ATOM   44   O  OE2 . GLU A 1 5   ? -0.072  16.703  1.715   1.00 39.91  ? 5   GLU A OE2 1 
ATOM   45   N  N   . MET A 1 6   ? -1.987  10.425  1.020   1.00 14.46  ? 6   MET A N   1 
ATOM   46   C  CA  . MET A 1 6   ? -3.006  9.428   0.675   1.00 10.44  ? 6   MET A CA  1 
ATOM   47   C  C   . MET A 1 6   ? -2.841  8.175   1.557   1.00 16.23  ? 6   MET A C   1 
ATOM   48   O  O   . MET A 1 6   ? -3.795  7.655   2.159   1.00 11.69  ? 6   MET A O   1 
ATOM   49   C  CB  . MET A 1 6   ? -2.830  9.022   -0.813  1.00 13.19  ? 6   MET A CB  1 
ATOM   50   C  CG  . MET A 1 6   ? -3.918  8.055   -1.286  1.00 11.84  ? 6   MET A CG  1 
ATOM   51   S  SD  . MET A 1 6   ? -3.309  7.230   -2.787  1.00 12.75  ? 6   MET A SD  1 
ATOM   52   C  CE  . MET A 1 6   ? -4.778  6.756   -3.715  1.00 9.77   ? 6   MET A CE  1 
ATOM   53   N  N   . LEU A 1 7   ? -1.610  7.682   1.601   1.00 10.31  ? 7   LEU A N   1 
ATOM   54   C  CA  . LEU A 1 7   ? -1.342  6.500   2.432   1.00 10.67  ? 7   LEU A CA  1 
ATOM   55   C  C   . LEU A 1 7   ? -1.421  6.762   3.909   1.00 12.45  ? 7   LEU A C   1 
ATOM   56   O  O   . LEU A 1 7   ? -1.773  5.832   4.629   1.00 13.13  ? 7   LEU A O   1 
ATOM   57   C  CB  . LEU A 1 7   ? 0.009   5.831   2.149   1.00 12.19  ? 7   LEU A CB  1 
ATOM   58   C  CG  . LEU A 1 7   ? 0.004   4.955   0.871   1.00 11.88  ? 7   LEU A CG  1 
ATOM   59   C  CD1 . LEU A 1 7   ? 1.411   4.780   0.309   1.00 14.73  ? 7   LEU A CD1 1 
ATOM   60   C  CD2 . LEU A 1 7   ? -0.722  3.634   1.187   1.00 10.41  ? 7   LEU A CD2 1 
ATOM   61   N  N   . ARG A 1 8   ? -1.080  8.012   4.336   1.00 9.00   ? 8   ARG A N   1 
ATOM   62   C  CA  . ARG A 1 8   ? -1.172  8.351   5.756   1.00 10.39  ? 8   ARG A CA  1 
ATOM   63   C  C   . ARG A 1 8   ? -2.638  8.262   6.166   1.00 14.52  ? 8   ARG A C   1 
ATOM   64   O  O   . ARG A 1 8   ? -3.000  7.779   7.221   1.00 14.40  ? 8   ARG A O   1 
ATOM   65   C  CB  . ARG A 1 8   ? -0.656  9.738   5.965   1.00 13.94  ? 8   ARG A CB  1 
ATOM   66   C  CG  . ARG A 1 8   ? -1.134  10.201  7.312   1.00 19.63  ? 8   ARG A CG  1 
ATOM   67   C  CD  . ARG A 1 8   ? -0.361  9.480   8.434   1.00 25.76  ? 8   ARG A CD  1 
ATOM   68   N  NE  . ARG A 1 8   ? -0.457  10.099  9.774   1.00 27.65  ? 8   ARG A NE  1 
ATOM   69   C  CZ  . ARG A 1 8   ? -1.577  9.986   10.499  1.00 39.14  ? 8   ARG A CZ  1 
ATOM   70   N  NH1 . ARG A 1 8   ? -2.663  9.339   10.026  1.00 31.33  ? 8   ARG A NH1 1 
ATOM   71   N  NH2 . ARG A 1 8   ? -1.626  10.542  11.709  1.00 100.00 ? 8   ARG A NH2 1 
ATOM   72   N  N   . ILE A 1 9   ? -3.546  8.625   5.299   1.00 10.08  ? 9   ILE A N   1 
ATOM   73   C  CA  . ILE A 1 9   ? -4.957  8.490   5.536   1.00 13.04  ? 9   ILE A CA  1 
ATOM   74   C  C   . ILE A 1 9   ? -5.449  7.033   5.554   1.00 18.77  ? 9   ILE A C   1 
ATOM   75   O  O   . ILE A 1 9   ? -6.209  6.614   6.458   1.00 16.42  ? 9   ILE A O   1 
ATOM   76   C  CB  . ILE A 1 9   ? -5.774  9.253   4.505   1.00 14.42  ? 9   ILE A CB  1 
ATOM   77   C  CG1 . ILE A 1 9   ? -5.723  10.752  4.800   1.00 13.52  ? 9   ILE A CG1 1 
ATOM   78   C  CG2 . ILE A 1 9   ? -7.208  8.772   4.480   1.00 18.33  ? 9   ILE A CG2 1 
ATOM   79   C  CD1 . ILE A 1 9   ? -6.199  11.524  3.584   1.00 13.38  ? 9   ILE A CD1 1 
ATOM   80   N  N   . ASP A 1 10  ? -5.025  6.224   4.606   1.00 12.82  ? 10  ASP A N   1 
ATOM   81   C  CA  . ASP A 1 10  ? -5.442  4.837   4.541   1.00 11.57  ? 10  ASP A CA  1 
ATOM   82   C  C   . ASP A 1 10  ? -4.843  3.904   5.614   1.00 17.72  ? 10  ASP A C   1 
ATOM   83   O  O   . ASP A 1 10  ? -5.440  2.924   5.992   1.00 15.70  ? 10  ASP A O   1 
ATOM   84   C  CB  . ASP A 1 10  ? -5.093  4.298   3.163   1.00 10.39  ? 10  ASP A CB  1 
ATOM   85   C  CG  . ASP A 1 10  ? -6.119  4.749   2.157   1.00 13.57  ? 10  ASP A CG  1 
ATOM   86   O  OD1 . ASP A 1 10  ? -7.285  5.008   2.424   1.00 14.70  ? 10  ASP A OD1 1 
ATOM   87   O  OD2 . ASP A 1 10  ? -5.629  4.800   0.962   1.00 15.15  ? 10  ASP A OD2 1 
ATOM   88   N  N   . GLU A 1 11  ? -3.669  4.233   6.108   1.00 16.00  ? 11  GLU A N   1 
ATOM   89   C  CA  . GLU A 1 11  ? -2.960  3.397   7.030   1.00 13.13  ? 11  GLU A CA  1 
ATOM   90   C  C   . GLU A 1 11  ? -2.996  3.867   8.447   1.00 14.58  ? 11  GLU A C   1 
ATOM   91   O  O   . GLU A 1 11  ? -2.735  3.048   9.326   1.00 18.23  ? 11  GLU A O   1 
ATOM   92   C  CB  . GLU A 1 11  ? -1.461  3.340   6.605   1.00 9.66   ? 11  GLU A CB  1 
ATOM   93   C  CG  . GLU A 1 11  ? -1.289  2.617   5.235   1.00 13.10  ? 11  GLU A CG  1 
ATOM   94   C  CD  . GLU A 1 11  ? -1.632  1.136   5.279   1.00 27.34  ? 11  GLU A CD  1 
ATOM   95   O  OE1 . GLU A 1 11  ? -1.856  0.505   6.297   1.00 18.64  ? 11  GLU A OE1 1 
ATOM   96   O  OE2 . GLU A 1 11  ? -1.613  0.544   4.124   1.00 18.59  ? 11  GLU A OE2 1 
ATOM   97   N  N   . GLY A 1 12  ? -3.177  5.163   8.642   1.00 14.00  ? 12  GLY A N   1 
ATOM   98   C  CA  . GLY A 1 12  ? -3.109  5.745   9.950   1.00 16.94  ? 12  GLY A CA  1 
ATOM   99   C  C   . GLY A 1 12  ? -1.671  5.806   10.474  1.00 22.29  ? 12  GLY A C   1 
ATOM   100  O  O   . GLY A 1 12  ? -0.699  5.577   9.773   1.00 17.54  ? 12  GLY A O   1 
ATOM   101  N  N   . LEU A 1 13  ? -1.529  6.175   11.748  1.00 16.29  ? 13  LEU A N   1 
ATOM   102  C  CA  . LEU A 1 13  ? -0.188  6.227   12.337  1.00 15.19  ? 13  LEU A CA  1 
ATOM   103  C  C   . LEU A 1 13  ? -0.292  5.653   13.743  1.00 24.22  ? 13  LEU A C   1 
ATOM   104  O  O   . LEU A 1 13  ? -1.124  6.089   14.520  1.00 19.34  ? 13  LEU A O   1 
ATOM   105  C  CB  . LEU A 1 13  ? 0.258   7.686   12.349  1.00 16.28  ? 13  LEU A CB  1 
ATOM   106  C  CG  . LEU A 1 13  ? 1.429   7.959   13.300  1.00 29.55  ? 13  LEU A CG  1 
ATOM   107  C  CD1 . LEU A 1 13  ? 2.652   7.203   12.831  1.00 24.88  ? 13  LEU A CD1 1 
ATOM   108  C  CD2 . LEU A 1 13  ? 1.825   9.412   13.199  1.00 34.00  ? 13  LEU A CD2 1 
ATOM   109  N  N   . ARG A 1 14  ? 0.466   4.638   14.070  1.00 14.06  ? 14  ARG A N   1 
ATOM   110  C  CA  . ARG A 1 14  ? 0.466   4.005   15.397  1.00 17.64  ? 14  ARG A CA  1 
ATOM   111  C  C   . ARG A 1 14  ? 1.905   3.823   15.823  1.00 19.20  ? 14  ARG A C   1 
ATOM   112  O  O   . ARG A 1 14  ? 2.666   3.255   15.053  1.00 17.45  ? 14  ARG A O   1 
ATOM   113  C  CB  . ARG A 1 14  ? -0.317  2.733   15.548  1.00 17.86  ? 14  ARG A CB  1 
ATOM   114  C  CG  . ARG A 1 14  ? -1.800  3.080   15.468  1.00 26.38  ? 14  ARG A CG  1 
ATOM   115  C  CD  . ARG A 1 14  ? -2.754  1.883   15.533  1.00 30.13  ? 14  ARG A CD  1 
ATOM   116  N  NE  . ARG A 1 14  ? -2.929  1.486   16.928  1.00 100.00 ? 14  ARG A NE  1 
ATOM   117  C  CZ  . ARG A 1 14  ? -3.606  0.406   17.337  1.00 100.00 ? 14  ARG A CZ  1 
ATOM   118  N  NH1 . ARG A 1 14  ? -4.197  -0.433  16.466  1.00 41.65  ? 14  ARG A NH1 1 
ATOM   119  N  NH2 . ARG A 1 14  ? -3.694  0.168   18.653  1.00 100.00 ? 14  ARG A NH2 1 
ATOM   120  N  N   . LEU A 1 15  ? 2.253   4.346   17.039  1.00 12.57  ? 15  LEU A N   1 
ATOM   121  C  CA  . LEU A 1 15  ? 3.579   4.374   17.591  1.00 11.65  ? 15  LEU A CA  1 
ATOM   122  C  C   . LEU A 1 15  ? 3.948   3.154   18.351  1.00 20.39  ? 15  LEU A C   1 
ATOM   123  O  O   . LEU A 1 15  ? 5.101   2.988   18.701  1.00 21.28  ? 15  LEU A O   1 
ATOM   124  C  CB  . LEU A 1 15  ? 3.835   5.648   18.385  1.00 13.45  ? 15  LEU A CB  1 
ATOM   125  C  CG  . LEU A 1 15  ? 3.797   6.912   17.469  1.00 21.44  ? 15  LEU A CG  1 
ATOM   126  C  CD1 . LEU A 1 15  ? 4.353   8.090   18.239  1.00 25.43  ? 15  LEU A CD1 1 
ATOM   127  C  CD2 . LEU A 1 15  ? 4.666   6.790   16.190  1.00 21.56  ? 15  LEU A CD2 1 
ATOM   128  N  N   . LYS A 1 16  ? 2.968   2.287   18.573  1.00 15.08  ? 16  LYS A N   1 
ATOM   129  C  CA  . LYS A 1 16  ? 3.234   1.054   19.316  1.00 17.32  ? 16  LYS A CA  1 
ATOM   130  C  C   . LYS A 1 16  ? 2.875   -0.096  18.416  1.00 15.80  ? 16  LYS A C   1 
ATOM   131  O  O   . LYS A 1 16  ? 2.012   0.098   17.535  1.00 17.44  ? 16  LYS A O   1 
ATOM   132  C  CB  . LYS A 1 16  ? 2.329   1.102   20.601  1.00 23.27  ? 16  LYS A CB  1 
ATOM   133  C  CG  . LYS A 1 16  ? 2.710   0.118   21.679  1.00 75.15  ? 16  LYS A CG  1 
ATOM   134  C  CD  . LYS A 1 16  ? 2.545   -1.339  21.261  1.00 100.00 ? 16  LYS A CD  1 
ATOM   135  C  CE  . LYS A 1 16  ? 1.696   -2.167  22.243  1.00 100.00 ? 16  LYS A CE  1 
ATOM   136  N  NZ  . LYS A 1 16  ? 1.543   -3.602  21.876  1.00 100.00 ? 16  LYS A NZ  1 
ATOM   137  N  N   . ILE A 1 17  ? 3.538   -1.270  18.614  1.00 15.30  ? 17  ILE A N   1 
ATOM   138  C  CA  . ILE A 1 17  ? 3.249   -2.429  17.746  1.00 9.44   ? 17  ILE A CA  1 
ATOM   139  C  C   . ILE A 1 17  ? 1.791   -2.793  17.759  1.00 22.68  ? 17  ILE A C   1 
ATOM   140  O  O   . ILE A 1 17  ? 1.160   -2.940  18.863  1.00 20.20  ? 17  ILE A O   1 
ATOM   141  C  CB  . ILE A 1 17  ? 4.058   -3.586  18.196  1.00 15.52  ? 17  ILE A CB  1 
ATOM   142  C  CG1 . ILE A 1 17  ? 5.503   -3.295  17.837  1.00 15.21  ? 17  ILE A CG1 1 
ATOM   143  C  CG2 . ILE A 1 17  ? 3.539   -4.910  17.587  1.00 14.85  ? 17  ILE A CG2 1 
ATOM   144  C  CD1 . ILE A 1 17  ? 6.389   -4.414  18.388  1.00 18.08  ? 17  ILE A CD1 1 
ATOM   145  N  N   . TYR A 1 18  ? 1.196   -2.978  16.585  1.00 18.36  ? 18  TYR A N   1 
ATOM   146  C  CA  . TYR A 1 18  ? -0.223  -3.342  16.564  1.00 18.25  ? 18  TYR A CA  1 
ATOM   147  C  C   . TYR A 1 18  ? -0.437  -4.432  15.544  1.00 16.63  ? 18  TYR A C   1 
ATOM   148  O  O   . TYR A 1 18  ? 0.475   -4.810  14.839  1.00 14.17  ? 18  TYR A O   1 
ATOM   149  C  CB  . TYR A 1 18  ? -1.155  -2.132  16.330  1.00 13.95  ? 18  TYR A CB  1 
ATOM   150  C  CG  . TYR A 1 18  ? -0.958  -1.524  14.947  1.00 18.85  ? 18  TYR A CG  1 
ATOM   151  C  CD1 . TYR A 1 18  ? 0.095   -0.624  14.719  1.00 21.80  ? 18  TYR A CD1 1 
ATOM   152  C  CD2 . TYR A 1 18  ? -1.804  -1.865  13.873  1.00 21.69  ? 18  TYR A CD2 1 
ATOM   153  C  CE1 . TYR A 1 18  ? 0.307   -0.076  13.447  1.00 25.81  ? 18  TYR A CE1 1 
ATOM   154  C  CE2 . TYR A 1 18  ? -1.606  -1.323  12.589  1.00 20.63  ? 18  TYR A CE2 1 
ATOM   155  C  CZ  . TYR A 1 18  ? -0.541  -0.430  12.382  1.00 27.85  ? 18  TYR A CZ  1 
ATOM   156  O  OH  . TYR A 1 18  ? -0.338  0.171   11.131  1.00 24.40  ? 18  TYR A OH  1 
ATOM   157  N  N   . LYS A 1 19  ? -1.654  -4.946  15.489  1.00 11.98  ? 19  LYS A N   1 
ATOM   158  C  CA  . LYS A 1 19  ? -1.963  -5.970  14.506  1.00 14.51  ? 19  LYS A CA  1 
ATOM   159  C  C   . LYS A 1 19  ? -2.785  -5.312  13.405  1.00 21.29  ? 19  LYS A C   1 
ATOM   160  O  O   . LYS A 1 19  ? -3.702  -4.526  13.713  1.00 19.95  ? 19  LYS A O   1 
ATOM   161  C  CB  . LYS A 1 19  ? -2.759  -7.114  15.065  1.00 14.23  ? 19  LYS A CB  1 
ATOM   162  C  CG  . LYS A 1 19  ? -1.929  -7.936  15.963  1.00 15.71  ? 19  LYS A CG  1 
ATOM   163  C  CD  . LYS A 1 19  ? -2.541  -9.331  16.078  1.00 33.52  ? 19  LYS A CD  1 
ATOM   164  C  CE  . LYS A 1 19  ? -2.035  -10.114 17.294  1.00 23.62  ? 19  LYS A CE  1 
ATOM   165  N  NZ  . LYS A 1 19  ? -2.815  -11.303 17.608  1.00 36.53  ? 19  LYS A NZ  1 
ATOM   166  N  N   . ASP A 1 20  ? -2.474  -5.632  12.150  1.00 16.10  ? 20  ASP A N   1 
ATOM   167  C  CA  . ASP A 1 20  ? -3.192  -5.051  11.036  1.00 16.46  ? 20  ASP A CA  1 
ATOM   168  C  C   . ASP A 1 20  ? -4.510  -5.800  10.785  1.00 16.52  ? 20  ASP A C   1 
ATOM   169  O  O   . ASP A 1 20  ? -4.869  -6.658  11.589  1.00 15.55  ? 20  ASP A O   1 
ATOM   170  C  CB  . ASP A 1 20  ? -2.247  -5.022  9.847   1.00 14.37  ? 20  ASP A CB  1 
ATOM   171  C  CG  . ASP A 1 20  ? -2.055  -6.396  9.233   1.00 28.34  ? 20  ASP A CG  1 
ATOM   172  O  OD1 . ASP A 1 20  ? -2.494  -7.449  9.611   1.00 16.74  ? 20  ASP A OD1 1 
ATOM   173  O  OD2 . ASP A 1 20  ? -1.322  -6.355  8.175   1.00 25.00  ? 20  ASP A OD2 1 
ATOM   174  N  N   . THR A 1 21  ? -5.239  -5.494  9.673   1.00 13.51  ? 21  THR A N   1 
ATOM   175  C  CA  . THR A 1 21  ? -6.552  -6.102  9.383   1.00 13.33  ? 21  THR A CA  1 
ATOM   176  C  C   . THR A 1 21  ? -6.424  -7.575  9.184   1.00 23.42  ? 21  THR A C   1 
ATOM   177  O  O   . THR A 1 21  ? -7.409  -8.249  9.312   1.00 21.43  ? 21  THR A O   1 
ATOM   178  C  CB  . THR A 1 21  ? -7.238  -5.443  8.181   1.00 29.34  ? 21  THR A CB  1 
ATOM   179  O  OG1 . THR A 1 21  ? -6.431  -5.713  7.059   1.00 27.17  ? 21  THR A OG1 1 
ATOM   180  C  CG2 . THR A 1 21  ? -7.061  -3.922  8.263   1.00 27.03  ? 21  THR A CG2 1 
ATOM   181  N  N   . GLU A 1 22  ? -5.217  -8.102  8.893   1.00 16.93  ? 22  GLU A N   1 
ATOM   182  C  CA  . GLU A 1 22  ? -5.069  -9.565  8.746   1.00 12.98  ? 22  GLU A CA  1 
ATOM   183  C  C   . GLU A 1 22  ? -4.561  -10.251 10.029  1.00 17.90  ? 22  GLU A C   1 
ATOM   184  O  O   . GLU A 1 22  ? -4.346  -11.444 10.038  1.00 18.89  ? 22  GLU A O   1 
ATOM   185  C  CB  . GLU A 1 22  ? -4.062  -9.942  7.650   1.00 9.89   ? 22  GLU A CB  1 
ATOM   186  C  CG  . GLU A 1 22  ? -4.390  -9.319  6.276   1.00 19.57  ? 22  GLU A CG  1 
ATOM   187  C  CD  . GLU A 1 22  ? -5.577  -9.909  5.597   1.00 40.56  ? 22  GLU A CD  1 
ATOM   188  O  OE1 . GLU A 1 22  ? -5.832  -11.072 5.815   1.00 37.54  ? 22  GLU A OE1 1 
ATOM   189  O  OE2 . GLU A 1 22  ? -6.272  -9.055  4.835   1.00 55.18  ? 22  GLU A OE2 1 
ATOM   190  N  N   . GLY A 1 23  ? -4.323  -9.456  11.060  1.00 14.05  ? 23  GLY A N   1 
ATOM   191  C  CA  . GLY A 1 23  ? -3.794  -9.912  12.333  1.00 11.17  ? 23  GLY A CA  1 
ATOM   192  C  C   . GLY A 1 23  ? -2.256  -9.956  12.368  1.00 16.86  ? 23  GLY A C   1 
ATOM   193  O  O   . GLY A 1 23  ? -1.696  -10.608 13.232  1.00 17.17  ? 23  GLY A O   1 
ATOM   194  N  N   . TYR A 1 24  ? -1.528  -9.299  11.446  1.00 15.31  ? 24  TYR A N   1 
ATOM   195  C  CA  . TYR A 1 24  ? -0.047  -9.358  11.519  1.00 15.38  ? 24  TYR A CA  1 
ATOM   196  C  C   . TYR A 1 24  ? 0.530   -8.131  12.194  1.00 16.91  ? 24  TYR A C   1 
ATOM   197  O  O   . TYR A 1 24  ? 0.014   -7.015  12.032  1.00 15.98  ? 24  TYR A O   1 
ATOM   198  C  CB  . TYR A 1 24  ? 0.519   -9.223  10.162  1.00 15.05  ? 24  TYR A CB  1 
ATOM   199  C  CG  . TYR A 1 24  ? 0.112   -10.357 9.321   1.00 20.53  ? 24  TYR A CG  1 
ATOM   200  C  CD1 . TYR A 1 24  ? 0.241   -11.614 9.878   1.00 23.79  ? 24  TYR A CD1 1 
ATOM   201  C  CD2 . TYR A 1 24  ? -0.381  -10.191 8.029   1.00 18.43  ? 24  TYR A CD2 1 
ATOM   202  C  CE1 . TYR A 1 24  ? -0.163  -12.709 9.133   1.00 31.15  ? 24  TYR A CE1 1 
ATOM   203  C  CE2 . TYR A 1 24  ? -0.767  -11.293 7.266   1.00 26.21  ? 24  TYR A CE2 1 
ATOM   204  C  CZ  . TYR A 1 24  ? -0.657  -12.553 7.845   1.00 31.57  ? 24  TYR A CZ  1 
ATOM   205  O  OH  . TYR A 1 24  ? -0.953  -13.680 7.122   1.00 47.39  ? 24  TYR A OH  1 
ATOM   206  N  N   . TYR A 1 25  ? 1.625   -8.369  12.899  1.00 14.02  ? 25  TYR A N   1 
ATOM   207  C  CA  . TYR A 1 25  ? 2.268   -7.297  13.624  1.00 16.78  ? 25  TYR A CA  1 
ATOM   208  C  C   . TYR A 1 25  ? 2.789   -6.219  12.721  1.00 14.15  ? 25  TYR A C   1 
ATOM   209  O  O   . TYR A 1 25  ? 3.514   -6.506  11.783  1.00 14.50  ? 25  TYR A O   1 
ATOM   210  C  CB  . TYR A 1 25  ? 3.389   -7.884  14.470  1.00 14.83  ? 25  TYR A CB  1 
ATOM   211  C  CG  . TYR A 1 25  ? 2.821   -8.647  15.637  1.00 22.34  ? 25  TYR A CG  1 
ATOM   212  C  CD1 . TYR A 1 25  ? 1.913   -8.034  16.507  1.00 21.82  ? 25  TYR A CD1 1 
ATOM   213  C  CD2 . TYR A 1 25  ? 3.194   -9.987  15.809  1.00 19.64  ? 25  TYR A CD2 1 
ATOM   214  C  CE1 . TYR A 1 25  ? 1.453   -8.786  17.596  1.00 38.36  ? 25  TYR A CE1 1 
ATOM   215  C  CE2 . TYR A 1 25  ? 2.751   -10.736 16.895  1.00 22.27  ? 25  TYR A CE2 1 
ATOM   216  C  CZ  . TYR A 1 25  ? 1.866   -10.111 17.784  1.00 33.13  ? 25  TYR A CZ  1 
ATOM   217  O  OH  . TYR A 1 25  ? 1.411   -10.830 18.871  1.00 33.96  ? 25  TYR A OH  1 
ATOM   218  N  N   . THR A 1 26  ? 2.436   -5.002  13.064  1.00 10.84  ? 26  THR A N   1 
ATOM   219  C  CA  . THR A 1 26  ? 2.792   -3.879  12.218  1.00 13.79  ? 26  THR A CA  1 
ATOM   220  C  C   . THR A 1 26  ? 3.114   -2.696  13.129  1.00 18.69  ? 26  THR A C   1 
ATOM   221  O  O   . THR A 1 26  ? 2.808   -2.738  14.309  1.00 16.05  ? 26  THR A O   1 
ATOM   222  C  CB  . THR A 1 26  ? 1.466   -3.550  11.389  1.00 14.90  ? 26  THR A CB  1 
ATOM   223  O  OG1 . THR A 1 26  ? 1.088   -4.693  10.669  1.00 17.00  ? 26  THR A OG1 1 
ATOM   224  C  CG2 . THR A 1 26  ? 1.480   -2.381  10.379  1.00 11.13  ? 26  THR A CG2 1 
ATOM   225  N  N   . ILE A 1 27  ? 3.662   -1.619  12.618  1.00 15.95  ? 27  ILE A N   1 
ATOM   226  C  CA  . ILE A 1 27  ? 3.900   -0.446  13.456  1.00 14.97  ? 27  ILE A CA  1 
ATOM   227  C  C   . ILE A 1 27  ? 3.908   0.769   12.493  1.00 14.69  ? 27  ILE A C   1 
ATOM   228  O  O   . ILE A 1 27  ? 4.119   0.611   11.273  1.00 14.62  ? 27  ILE A O   1 
ATOM   229  C  CB  . ILE A 1 27  ? 5.280   -0.502  14.240  1.00 21.94  ? 27  ILE A CB  1 
ATOM   230  C  CG1 . ILE A 1 27  ? 5.396   0.624   15.330  1.00 18.84  ? 27  ILE A CG1 1 
ATOM   231  C  CG2 . ILE A 1 27  ? 6.456   -0.379  13.203  1.00 20.77  ? 27  ILE A CG2 1 
ATOM   232  C  CD1 . ILE A 1 27  ? 6.178   0.229   16.550  1.00 21.79  ? 27  ILE A CD1 1 
ATOM   233  N  N   . GLY A 1 28  ? 3.790   1.968   13.073  1.00 13.40  ? 28  GLY A N   1 
ATOM   234  C  CA  . GLY A 1 28  ? 3.913   3.188   12.300  1.00 12.43  ? 28  GLY A CA  1 
ATOM   235  C  C   . GLY A 1 28  ? 2.779   3.393   11.323  1.00 13.52  ? 28  GLY A C   1 
ATOM   236  O  O   . GLY A 1 28  ? 1.607   3.320   11.697  1.00 12.19  ? 28  GLY A O   1 
ATOM   237  N  N   . ILE A 1 29  ? 3.203   3.750   10.083  1.00 12.54  ? 29  ILE A N   1 
ATOM   238  C  CA  . ILE A 1 29  ? 2.262   3.959   8.970   1.00 12.39  ? 29  ILE A CA  1 
ATOM   239  C  C   . ILE A 1 29  ? 2.158   2.703   8.102   1.00 10.39  ? 29  ILE A C   1 
ATOM   240  O  O   . ILE A 1 29  ? 2.702   2.634   7.018   1.00 14.71  ? 29  ILE A O   1 
ATOM   241  C  CB  . ILE A 1 29  ? 2.569   5.224   8.185   1.00 13.94  ? 29  ILE A CB  1 
ATOM   242  C  CG1 . ILE A 1 29  ? 2.620   6.383   9.174   1.00 17.17  ? 29  ILE A CG1 1 
ATOM   243  C  CG2 . ILE A 1 29  ? 1.481   5.450   7.151   1.00 12.33  ? 29  ILE A CG2 1 
ATOM   244  C  CD1 . ILE A 1 29  ? 3.432   7.591   8.719   1.00 20.10  ? 29  ILE A CD1 1 
ATOM   245  N  N   . GLY A 1 30  ? 1.568   1.645   8.690   1.00 12.15  ? 30  GLY A N   1 
ATOM   246  C  CA  . GLY A 1 30  ? 1.421   0.407   7.934   1.00 10.76  ? 30  GLY A CA  1 
ATOM   247  C  C   . GLY A 1 30  ? 2.709   -0.312  7.638   1.00 11.48  ? 30  GLY A C   1 
ATOM   248  O  O   . GLY A 1 30  ? 2.785   -1.006  6.637   1.00 16.56  ? 30  GLY A O   1 
ATOM   249  N  N   . HIS A 1 31  ? 3.689   -0.212  8.499   1.00 11.17  ? 31  HIS A N   1 
ATOM   250  C  CA  . HIS A 1 31  ? 4.938   -0.948  8.235   1.00 8.63   ? 31  HIS A CA  1 
ATOM   251  C  C   . HIS A 1 31  ? 4.847   -2.346  8.828   1.00 13.19  ? 31  HIS A C   1 
ATOM   252  O  O   . HIS A 1 31  ? 4.972   -2.533  10.052  1.00 12.87  ? 31  HIS A O   1 
ATOM   253  C  CB  . HIS A 1 31  ? 6.138   -0.195  8.856   1.00 9.20   ? 31  HIS A CB  1 
ATOM   254  C  CG  . HIS A 1 31  ? 7.369   -0.987  8.584   1.00 14.83  ? 31  HIS A CG  1 
ATOM   255  N  ND1 . HIS A 1 31  ? 8.103   -0.843  7.396   1.00 14.35  ? 31  HIS A ND1 1 
ATOM   256  C  CD2 . HIS A 1 31  ? 8.036   -1.939  9.346   1.00 15.49  ? 31  HIS A CD2 1 
ATOM   257  C  CE1 . HIS A 1 31  ? 9.145   -1.683  7.449   1.00 15.85  ? 31  HIS A CE1 1 
ATOM   258  N  NE2 . HIS A 1 31  ? 9.140   -2.348  8.620   1.00 15.51  ? 31  HIS A NE2 1 
ATOM   259  N  N   . LEU A 1 32  ? 4.563   -3.346  7.970   1.00 12.55  ? 32  LEU A N   1 
ATOM   260  C  CA  . LEU A 1 32  ? 4.443   -4.726  8.396   1.00 14.75  ? 32  LEU A CA  1 
ATOM   261  C  C   . LEU A 1 32  ? 5.758   -5.243  8.967   1.00 15.12  ? 32  LEU A C   1 
ATOM   262  O  O   . LEU A 1 32  ? 6.862   -5.063  8.411   1.00 14.21  ? 32  LEU A O   1 
ATOM   263  C  CB  . LEU A 1 32  ? 3.993   -5.579  7.213   1.00 20.56  ? 32  LEU A CB  1 
ATOM   264  C  CG  . LEU A 1 32  ? 4.068   -7.106  7.453   1.00 29.50  ? 32  LEU A CG  1 
ATOM   265  C  CD1 . LEU A 1 32  ? 3.002   -7.557  8.480   1.00 24.60  ? 32  LEU A CD1 1 
ATOM   266  C  CD2 . LEU A 1 32  ? 3.855   -7.804  6.084   1.00 29.87  ? 32  LEU A CD2 1 
ATOM   267  N  N   . LEU A 1 33  ? 5.711   -5.800  10.160  1.00 12.99  ? 33  LEU A N   1 
ATOM   268  C  CA  . LEU A 1 33  ? 6.950   -6.270  10.742  1.00 15.75  ? 33  LEU A CA  1 
ATOM   269  C  C   . LEU A 1 33  ? 7.206   -7.736  10.464  1.00 22.57  ? 33  LEU A C   1 
ATOM   270  O  O   . LEU A 1 33  ? 8.327   -8.122  10.190  1.00 18.92  ? 33  LEU A O   1 
ATOM   271  C  CB  . LEU A 1 33  ? 7.016   -6.058  12.254  1.00 13.59  ? 33  LEU A CB  1 
ATOM   272  C  CG  . LEU A 1 33  ? 7.055   -4.561  12.571  1.00 20.94  ? 33  LEU A CG  1 
ATOM   273  C  CD1 . LEU A 1 33  ? 6.628   -4.400  14.025  1.00 22.72  ? 33  LEU A CD1 1 
ATOM   274  C  CD2 . LEU A 1 33  ? 8.501   -4.098  12.486  1.00 13.39  ? 33  LEU A CD2 1 
ATOM   275  N  N   . THR A 1 34  ? 6.179   -8.563  10.580  1.00 20.33  ? 34  THR A N   1 
ATOM   276  C  CA  . THR A 1 34  ? 6.335   -10.015 10.423  1.00 23.74  ? 34  THR A CA  1 
ATOM   277  C  C   . THR A 1 34  ? 4.982   -10.672 10.318  1.00 24.43  ? 34  THR A C   1 
ATOM   278  O  O   . THR A 1 34  ? 4.008   -10.118 10.868  1.00 21.92  ? 34  THR A O   1 
ATOM   279  C  CB  . THR A 1 34  ? 7.071   -10.651 11.708  1.00 22.15  ? 34  THR A CB  1 
ATOM   280  O  OG1 . THR A 1 34  ? 7.306   -12.017 11.441  1.00 27.13  ? 34  THR A OG1 1 
ATOM   281  C  CG2 . THR A 1 34  ? 6.373   -10.458 13.083  1.00 16.85  ? 34  THR A CG2 1 
ATOM   282  N  N   . LYS A 1 35  ? 4.929   -11.843 9.654   1.00 25.69  ? 35  LYS A N   1 
ATOM   283  C  CA  . LYS A 1 35  ? 3.687   -12.610 9.506   1.00 29.65  ? 35  LYS A CA  1 
ATOM   284  C  C   . LYS A 1 35  ? 3.562   -13.610 10.633  1.00 35.75  ? 35  LYS A C   1 
ATOM   285  O  O   . LYS A 1 35  ? 2.534   -14.264 10.835  1.00 37.92  ? 35  LYS A O   1 
ATOM   286  C  CB  . LYS A 1 35  ? 3.480   -13.253 8.130   1.00 23.12  ? 35  LYS A CB  1 
ATOM   287  C  CG  . LYS A 1 35  ? 3.244   -12.143 7.107   1.00 23.29  ? 35  LYS A CG  1 
ATOM   288  C  CD  . LYS A 1 35  ? 2.483   -12.572 5.867   1.00 28.80  ? 35  LYS A CD  1 
ATOM   289  C  CE  . LYS A 1 35  ? 2.341   -11.431 4.841   1.00 59.05  ? 35  LYS A CE  1 
ATOM   290  N  NZ  . LYS A 1 35  ? 2.217   -11.850 3.422   1.00 100.00 ? 35  LYS A NZ  1 
ATOM   291  N  N   . SER A 1 36  ? 4.643   -13.695 11.392  1.00 27.81  ? 36  SER A N   1 
ATOM   292  C  CA  . SER A 1 36  ? 4.707   -14.569 12.550  1.00 28.14  ? 36  SER A CA  1 
ATOM   293  C  C   . SER A 1 36  ? 3.863   -14.084 13.719  1.00 27.26  ? 36  SER A C   1 
ATOM   294  O  O   . SER A 1 36  ? 3.765   -12.930 14.067  1.00 19.94  ? 36  SER A O   1 
ATOM   295  C  CB  . SER A 1 36  ? 6.141   -14.902 12.944  1.00 31.33  ? 36  SER A CB  1 
ATOM   296  O  OG  . SER A 1 36  ? 6.239   -15.140 14.319  1.00 43.25  ? 36  SER A OG  1 
ATOM   297  N  N   . PRO A 1 37  ? 3.261   -15.055 14.388  1.00 35.28  ? 37  PRO A N   1 
ATOM   298  C  CA  . PRO A 1 37  ? 2.382   -14.843 15.533  1.00 28.31  ? 37  PRO A CA  1 
ATOM   299  C  C   . PRO A 1 37  ? 3.104   -14.483 16.775  1.00 35.43  ? 37  PRO A C   1 
ATOM   300  O  O   . PRO A 1 37  ? 2.492   -14.101 17.789  1.00 50.32  ? 37  PRO A O   1 
ATOM   301  C  CB  . PRO A 1 37  ? 1.729   -16.193 15.749  1.00 33.67  ? 37  PRO A CB  1 
ATOM   302  C  CG  . PRO A 1 37  ? 2.538   -17.210 14.944  1.00 38.24  ? 37  PRO A CG  1 
ATOM   303  C  CD  . PRO A 1 37  ? 3.193   -16.432 13.831  1.00 30.40  ? 37  PRO A CD  1 
ATOM   304  N  N   . SER A 1 38  ? 4.420   -14.549 16.676  1.00 32.02  ? 38  SER A N   1 
ATOM   305  C  CA  . SER A 1 38  ? 5.246   -14.247 17.830  1.00 23.95  ? 38  SER A CA  1 
ATOM   306  C  C   . SER A 1 38  ? 5.523   -12.779 18.002  1.00 26.99  ? 38  SER A C   1 
ATOM   307  O  O   . SER A 1 38  ? 6.148   -12.128 17.155  1.00 24.38  ? 38  SER A O   1 
ATOM   308  C  CB  . SER A 1 38  ? 6.590   -15.045 17.848  1.00 25.83  ? 38  SER A CB  1 
ATOM   309  O  OG  . SER A 1 38  ? 7.406   -14.555 18.943  1.00 34.72  ? 38  SER A OG  1 
ATOM   310  N  N   . LEU A 1 39  ? 5.149   -12.283 19.146  1.00 26.30  ? 39  LEU A N   1 
ATOM   311  C  CA  . LEU A 1 39  ? 5.397   -10.868 19.399  1.00 31.65  ? 39  LEU A CA  1 
ATOM   312  C  C   . LEU A 1 39  ? 6.882   -10.580 19.582  1.00 30.27  ? 39  LEU A C   1 
ATOM   313  O  O   . LEU A 1 39  ? 7.417   -9.506  19.333  1.00 19.91  ? 39  LEU A O   1 
ATOM   314  C  CB  . LEU A 1 39  ? 4.536   -10.316 20.564  1.00 31.43  ? 39  LEU A CB  1 
ATOM   315  C  CG  . LEU A 1 39  ? 4.951   -8.908  20.971  1.00 30.51  ? 39  LEU A CG  1 
ATOM   316  C  CD1 . LEU A 1 39  ? 4.372   -7.911  19.970  1.00 21.25  ? 39  LEU A CD1 1 
ATOM   317  C  CD2 . LEU A 1 39  ? 4.353   -8.631  22.328  1.00 27.54  ? 39  LEU A CD2 1 
ATOM   318  N  N   . ASN A 1 40  ? 7.589   -11.578 20.042  1.00 20.00  ? 40  ASN A N   1 
ATOM   319  C  CA  . ASN A 1 40  ? 9.012   -11.316 20.194  1.00 24.83  ? 40  ASN A CA  1 
ATOM   320  C  C   . ASN A 1 40  ? 9.721   -11.253 18.851  1.00 15.02  ? 40  ASN A C   1 
ATOM   321  O  O   . ASN A 1 40  ? 10.751  -10.600 18.693  1.00 21.93  ? 40  ASN A O   1 
ATOM   322  C  CB  . ASN A 1 40  ? 9.663   -12.470 20.975  1.00 34.80  ? 40  ASN A CB  1 
ATOM   323  C  CG  . ASN A 1 40  ? 9.040   -12.522 22.332  1.00 100.00 ? 40  ASN A CG  1 
ATOM   324  O  OD1 . ASN A 1 40  ? 9.216   -11.544 23.108  1.00 50.91  ? 40  ASN A OD1 1 
ATOM   325  N  ND2 . ASN A 1 40  ? 8.261   -13.608 22.558  1.00 100.00 ? 40  ASN A ND2 1 
ATOM   326  N  N   . ALA A 1 41  ? 9.217   -12.043 17.929  1.00 19.33  ? 41  ALA A N   1 
ATOM   327  C  CA  . ALA A 1 41  ? 9.798   -12.034 16.648  1.00 23.21  ? 41  ALA A CA  1 
ATOM   328  C  C   . ALA A 1 41  ? 9.536   -10.634 16.099  1.00 21.59  ? 41  ALA A C   1 
ATOM   329  O  O   . ALA A 1 41  ? 10.367  -10.043 15.441  1.00 19.63  ? 41  ALA A O   1 
ATOM   330  C  CB  . ALA A 1 41  ? 9.151   -13.081 15.743  1.00 20.09  ? 41  ALA A CB  1 
ATOM   331  N  N   . ALA A 1 42  ? 8.368   -10.118 16.353  1.00 17.54  ? 42  ALA A N   1 
ATOM   332  C  CA  . ALA A 1 42  ? 8.012   -8.763  15.867  1.00 17.27  ? 42  ALA A CA  1 
ATOM   333  C  C   . ALA A 1 42  ? 8.855   -7.673  16.492  1.00 14.66  ? 42  ALA A C   1 
ATOM   334  O  O   . ALA A 1 42  ? 9.339   -6.741  15.788  1.00 15.83  ? 42  ALA A O   1 
ATOM   335  C  CB  . ALA A 1 42  ? 6.521   -8.454  15.988  1.00 20.56  ? 42  ALA A CB  1 
ATOM   336  N  N   . LYS A 1 43  ? 9.115   -7.803  17.777  1.00 14.00  ? 43  LYS A N   1 
ATOM   337  C  CA  . LYS A 1 43  ? 9.980   -6.872  18.517  1.00 12.08  ? 43  LYS A CA  1 
ATOM   338  C  C   . LYS A 1 43  ? 11.411  -6.967  17.981  1.00 20.51  ? 43  LYS A C   1 
ATOM   339  O  O   . LYS A 1 43  ? 12.098  -5.965  17.830  1.00 16.92  ? 43  LYS A O   1 
ATOM   340  C  CB  . LYS A 1 43  ? 10.070  -7.171  19.987  1.00 17.54  ? 43  LYS A CB  1 
ATOM   341  C  CG  . LYS A 1 43  ? 8.734   -6.777  20.616  1.00 32.47  ? 43  LYS A CG  1 
ATOM   342  C  CD  . LYS A 1 43  ? 8.599   -7.138  22.109  1.00 33.09  ? 43  LYS A CD  1 
ATOM   343  C  CE  . LYS A 1 43  ? 7.729   -6.180  22.924  1.00 78.67  ? 43  LYS A CE  1 
ATOM   344  N  NZ  . LYS A 1 43  ? 8.114   -6.056  24.344  1.00 100.00 ? 43  LYS A NZ  1 
ATOM   345  N  N   . SER A 1 44  ? 11.836  -8.163  17.622  1.00 16.11  ? 44  SER A N   1 
ATOM   346  C  CA  . SER A 1 44  ? 13.171  -8.300  17.069  1.00 13.90  ? 44  SER A CA  1 
ATOM   347  C  C   . SER A 1 44  ? 13.277  -7.642  15.679  1.00 13.79  ? 44  SER A C   1 
ATOM   348  O  O   . SER A 1 44  ? 14.281  -6.936  15.408  1.00 17.11  ? 44  SER A O   1 
ATOM   349  C  CB  . SER A 1 44  ? 13.437  -9.776  16.873  1.00 21.98  ? 44  SER A CB  1 
ATOM   350  O  OG  . SER A 1 44  ? 14.774  -9.924  16.463  1.00 32.47  ? 44  SER A OG  1 
ATOM   351  N  N   . GLU A 1 45  ? 12.283  -7.883  14.809  1.00 14.17  ? 45  GLU A N   1 
ATOM   352  C  CA  . GLU A 1 45  ? 12.274  -7.244  13.475  1.00 15.77  ? 45  GLU A CA  1 
ATOM   353  C  C   . GLU A 1 45  ? 12.164  -5.750  13.671  1.00 18.37  ? 45  GLU A C   1 
ATOM   354  O  O   . GLU A 1 45  ? 12.814  -5.001  12.974  1.00 15.63  ? 45  GLU A O   1 
ATOM   355  C  CB  . GLU A 1 45  ? 11.061  -7.600  12.669  1.00 18.61  ? 45  GLU A CB  1 
ATOM   356  C  CG  . GLU A 1 45  ? 11.126  -9.060  12.310  1.00 13.69  ? 45  GLU A CG  1 
ATOM   357  C  CD  . GLU A 1 45  ? 12.317  -9.228  11.301  1.00 27.98  ? 45  GLU A CD  1 
ATOM   358  O  OE1 . GLU A 1 45  ? 12.480  -8.636  10.248  1.00 19.46  ? 45  GLU A OE1 1 
ATOM   359  O  OE2 . GLU A 1 45  ? 13.171  -10.092 11.637  1.00 22.82  ? 45  GLU A OE2 1 
ATOM   360  N  N   . LEU A 1 46  ? 11.404  -5.280  14.638  1.00 8.94   ? 46  LEU A N   1 
ATOM   361  C  CA  . LEU A 1 46  ? 11.363  -3.824  14.811  1.00 12.74  ? 46  LEU A CA  1 
ATOM   362  C  C   . LEU A 1 46  ? 12.710  -3.178  15.192  1.00 14.57  ? 46  LEU A C   1 
ATOM   363  O  O   . LEU A 1 46  ? 13.139  -2.161  14.683  1.00 17.78  ? 46  LEU A O   1 
ATOM   364  C  CB  . LEU A 1 46  ? 10.341  -3.427  15.925  1.00 14.76  ? 46  LEU A CB  1 
ATOM   365  C  CG  . LEU A 1 46  ? 10.284  -1.919  16.199  1.00 16.61  ? 46  LEU A CG  1 
ATOM   366  C  CD1 . LEU A 1 46  ? 9.845   -1.195  14.882  1.00 10.82  ? 46  LEU A CD1 1 
ATOM   367  C  CD2 . LEU A 1 46  ? 9.185   -1.679  17.275  1.00 18.22  ? 46  LEU A CD2 1 
ATOM   368  N  N   . ASP A 1 47  ? 13.425  -3.788  16.119  1.00 11.20  ? 47  ASP A N   1 
ATOM   369  C  CA  . ASP A 1 47  ? 14.702  -3.288  16.573  1.00 16.04  ? 47  ASP A CA  1 
ATOM   370  C  C   . ASP A 1 47  ? 15.739  -3.257  15.486  1.00 14.46  ? 47  ASP A C   1 
ATOM   371  O  O   . ASP A 1 47  ? 16.510  -2.293  15.395  1.00 18.68  ? 47  ASP A O   1 
ATOM   372  C  CB  . ASP A 1 47  ? 15.189  -4.126  17.803  1.00 22.75  ? 47  ASP A CB  1 
ATOM   373  C  CG  . ASP A 1 47  ? 14.369  -3.842  19.083  1.00 18.13  ? 47  ASP A CG  1 
ATOM   374  O  OD1 . ASP A 1 47  ? 13.563  -2.930  19.236  1.00 18.74  ? 47  ASP A OD1 1 
ATOM   375  O  OD2 . ASP A 1 47  ? 14.715  -4.642  20.018  1.00 23.77  ? 47  ASP A OD2 1 
ATOM   376  N  N   . LYS A 1 48  ? 15.685  -4.313  14.663  1.00 15.96  ? 48  LYS A N   1 
ATOM   377  C  CA  . LYS A 1 48  ? 16.570  -4.400  13.487  1.00 11.27  ? 48  LYS A CA  1 
ATOM   378  C  C   . LYS A 1 48  ? 16.259  -3.279  12.453  1.00 10.70  ? 48  LYS A C   1 
ATOM   379  O  O   . LYS A 1 48  ? 17.199  -2.649  11.857  1.00 13.71  ? 48  LYS A O   1 
ATOM   380  C  CB  . LYS A 1 48  ? 16.443  -5.829  12.894  1.00 15.49  ? 48  LYS A CB  1 
ATOM   381  C  CG  . LYS A 1 48  ? 16.757  -6.057  11.461  1.00 20.19  ? 48  LYS A CG  1 
ATOM   382  C  CD  . LYS A 1 48  ? 17.076  -7.516  11.116  1.00 16.93  ? 48  LYS A CD  1 
ATOM   383  C  CE  . LYS A 1 48  ? 15.938  -8.378  10.738  1.00 19.95  ? 48  LYS A CE  1 
ATOM   384  N  NZ  . LYS A 1 48  ? 15.247  -7.932  9.549   1.00 16.43  ? 48  LYS A NZ  1 
ATOM   385  N  N   . ALA A 1 49  ? 14.988  -2.996  12.306  1.00 11.39  ? 49  ALA A N   1 
ATOM   386  C  CA  . ALA A 1 49  ? 14.532  -1.942  11.325  1.00 18.83  ? 49  ALA A CA  1 
ATOM   387  C  C   . ALA A 1 49  ? 14.919  -0.539  11.779  1.00 19.42  ? 49  ALA A C   1 
ATOM   388  O  O   . ALA A 1 49  ? 15.280  0.291   10.955  1.00 15.07  ? 49  ALA A O   1 
ATOM   389  C  CB  . ALA A 1 49  ? 12.980  -1.999  11.099  1.00 15.20  ? 49  ALA A CB  1 
ATOM   390  N  N   . ILE A 1 50  ? 14.883  -0.312  13.101  1.00 14.38  ? 50  ILE A N   1 
ATOM   391  C  CA  . ILE A 1 50  ? 15.177  0.978   13.698  1.00 17.35  ? 50  ILE A CA  1 
ATOM   392  C  C   . ILE A 1 50  ? 16.608  1.187   14.043  1.00 20.68  ? 50  ILE A C   1 
ATOM   393  O  O   . ILE A 1 50  ? 17.105  2.322   14.056  1.00 20.25  ? 50  ILE A O   1 
ATOM   394  C  CB  . ILE A 1 50  ? 14.229  1.263   14.918  1.00 15.91  ? 50  ILE A CB  1 
ATOM   395  C  CG1 . ILE A 1 50  ? 12.747  1.108   14.440  1.00 18.45  ? 50  ILE A CG1 1 
ATOM   396  C  CG2 . ILE A 1 50  ? 14.564  2.567   15.671  1.00 16.29  ? 50  ILE A CG2 1 
ATOM   397  C  CD1 . ILE A 1 50  ? 12.167  2.200   13.538  1.00 18.65  ? 50  ILE A CD1 1 
ATOM   398  N  N   . GLY A 1 51  ? 17.272  0.096   14.384  1.00 14.68  ? 51  GLY A N   1 
ATOM   399  C  CA  . GLY A 1 51  ? 18.681  0.244   14.763  1.00 17.33  ? 51  GLY A CA  1 
ATOM   400  C  C   . GLY A 1 51  ? 18.847  0.516   16.267  1.00 24.31  ? 51  GLY A C   1 
ATOM   401  O  O   . GLY A 1 51  ? 19.819  1.076   16.731  1.00 21.98  ? 51  GLY A O   1 
ATOM   402  N  N   . ARG A 1 52  ? 17.894  0.155   17.091  1.00 19.84  ? 52  ARG A N   1 
ATOM   403  C  CA  . ARG A 1 52  ? 18.036  0.393   18.534  1.00 23.61  ? 52  ARG A CA  1 
ATOM   404  C  C   . ARG A 1 52  ? 17.052  -0.517  19.262  1.00 26.29  ? 52  ARG A C   1 
ATOM   405  O  O   . ARG A 1 52  ? 16.205  -1.127  18.630  1.00 23.79  ? 52  ARG A O   1 
ATOM   406  C  CB  . ARG A 1 52  ? 17.847  1.844   18.962  1.00 20.38  ? 52  ARG A CB  1 
ATOM   407  C  CG  . ARG A 1 52  ? 16.376  2.280   18.889  1.00 20.49  ? 52  ARG A CG  1 
ATOM   408  C  CD  . ARG A 1 52  ? 16.285  3.780   19.028  1.00 28.37  ? 52  ARG A CD  1 
ATOM   409  N  NE  . ARG A 1 52  ? 14.949  4.312   18.915  1.00 18.79  ? 52  ARG A NE  1 
ATOM   410  C  CZ  . ARG A 1 52  ? 14.035  4.073   19.867  1.00 42.63  ? 52  ARG A CZ  1 
ATOM   411  N  NH1 . ARG A 1 52  ? 14.307  3.362   20.961  1.00 24.98  ? 52  ARG A NH1 1 
ATOM   412  N  NH2 . ARG A 1 52  ? 12.795  4.548   19.747  1.00 24.02  ? 52  ARG A NH2 1 
ATOM   413  N  N   . ASN A 1 53  ? 17.175  -0.646  20.571  1.00 17.94  ? 53  ASN A N   1 
ATOM   414  C  CA  . ASN A 1 53  ? 16.260  -1.500  21.340  1.00 20.71  ? 53  ASN A CA  1 
ATOM   415  C  C   . ASN A 1 53  ? 15.061  -0.666  21.602  1.00 18.90  ? 53  ASN A C   1 
ATOM   416  O  O   . ASN A 1 53  ? 15.096  0.276   22.405  1.00 26.95  ? 53  ASN A O   1 
ATOM   417  C  CB  . ASN A 1 53  ? 16.838  -1.703  22.743  1.00 35.06  ? 53  ASN A CB  1 
ATOM   418  C  CG  . ASN A 1 53  ? 16.883  -3.135  23.057  1.00 68.81  ? 53  ASN A CG  1 
ATOM   419  O  OD1 . ASN A 1 53  ? 17.884  -3.751  22.676  1.00 63.72  ? 53  ASN A OD1 1 
ATOM   420  N  ND2 . ASN A 1 53  ? 15.778  -3.632  23.648  1.00 49.23  ? 53  ASN A ND2 1 
ATOM   421  N  N   . THR A 1 54  ? 14.008  -0.908  20.877  1.00 19.09  ? 54  THR A N   1 
ATOM   422  C  CA  . THR A 1 54  ? 12.871  0.003   21.042  1.00 14.24  ? 54  THR A CA  1 
ATOM   423  C  C   . THR A 1 54  ? 11.873  -0.429  22.098  1.00 22.26  ? 54  THR A C   1 
ATOM   424  O  O   . THR A 1 54  ? 11.051  0.391   22.529  1.00 31.34  ? 54  THR A O   1 
ATOM   425  C  CB  . THR A 1 54  ? 12.059  0.047   19.717  1.00 20.63  ? 54  THR A CB  1 
ATOM   426  O  OG1 . THR A 1 54  ? 11.481  -1.266  19.501  1.00 16.56  ? 54  THR A OG1 1 
ATOM   427  C  CG2 . THR A 1 54  ? 13.031  0.484   18.575  1.00 21.91  ? 54  THR A CG2 1 
ATOM   428  N  N   . ASN A 1 55  ? 11.903  -1.722  22.449  1.00 24.68  ? 55  ASN A N   1 
ATOM   429  C  CA  . ASN A 1 55  ? 10.901  -2.152  23.381  1.00 36.92  ? 55  ASN A CA  1 
ATOM   430  C  C   . ASN A 1 55  ? 9.458   -1.940  22.821  1.00 36.09  ? 55  ASN A C   1 
ATOM   431  O  O   . ASN A 1 55  ? 8.545   -1.591  23.580  1.00 38.69  ? 55  ASN A O   1 
ATOM   432  C  CB  . ASN A 1 55  ? 11.097  -1.397  24.739  1.00 32.73  ? 55  ASN A CB  1 
ATOM   433  C  CG  . ASN A 1 55  ? 10.384  -2.044  25.902  1.00 83.60  ? 55  ASN A CG  1 
ATOM   434  O  OD1 . ASN A 1 55  ? 10.168  -3.292  25.851  1.00 36.13  ? 55  ASN A OD1 1 
ATOM   435  N  ND2 . ASN A 1 55  ? 10.000  -1.178  26.892  1.00 55.13  ? 55  ASN A ND2 1 
ATOM   436  N  N   . GLY A 1 56  ? 9.248   -2.115  21.498  1.00 22.64  ? 56  GLY A N   1 
ATOM   437  C  CA  . GLY A 1 56  ? 7.917   -2.037  20.804  1.00 22.79  ? 56  GLY A CA  1 
ATOM   438  C  C   . GLY A 1 56  ? 7.297   -0.678  20.610  1.00 17.69  ? 56  GLY A C   1 
ATOM   439  O  O   . GLY A 1 56  ? 6.158   -0.572  20.156  1.00 24.73  ? 56  GLY A O   1 
ATOM   440  N  N   . VAL A 1 57  ? 8.072   0.350   20.935  1.00 17.32  ? 57  VAL A N   1 
ATOM   441  C  CA  . VAL A 1 57  ? 7.622   1.717   20.756  1.00 16.47  ? 57  VAL A CA  1 
ATOM   442  C  C   . VAL A 1 57  ? 8.625   2.541   19.950  1.00 21.89  ? 57  VAL A C   1 
ATOM   443  O  O   . VAL A 1 57  ? 9.827   2.455   20.198  1.00 19.51  ? 57  VAL A O   1 
ATOM   444  C  CB  . VAL A 1 57  ? 7.514   2.417   22.120  1.00 26.48  ? 57  VAL A CB  1 
ATOM   445  C  CG1 . VAL A 1 57  ? 6.691   3.673   21.922  1.00 24.19  ? 57  VAL A CG1 1 
ATOM   446  C  CG2 . VAL A 1 57  ? 6.843   1.456   23.076  1.00 37.46  ? 57  VAL A CG2 1 
ATOM   447  N  N   . ILE A 1 58  ? 8.150   3.428   19.037  1.00 19.14  ? 58  ILE A N   1 
ATOM   448  C  CA  . ILE A 1 58  ? 9.050   4.278   18.222  1.00 17.43  ? 58  ILE A CA  1 
ATOM   449  C  C   . ILE A 1 58  ? 8.525   5.692   18.232  1.00 20.35  ? 58  ILE A C   1 
ATOM   450  O  O   . ILE A 1 58  ? 7.387   5.965   18.625  1.00 19.88  ? 58  ILE A O   1 
ATOM   451  C  CB  . ILE A 1 58  ? 9.123   3.739   16.773  1.00 17.76  ? 58  ILE A CB  1 
ATOM   452  C  CG1 . ILE A 1 58  ? 7.724   3.752   16.106  1.00 17.64  ? 58  ILE A CG1 1 
ATOM   453  C  CG2 . ILE A 1 58  ? 9.740   2.324   16.753  1.00 13.84  ? 58  ILE A CG2 1 
ATOM   454  C  CD1 . ILE A 1 58  ? 7.715   3.470   14.571  1.00 19.91  ? 58  ILE A CD1 1 
ATOM   455  N  N   . THR A 1 59  ? 9.301   6.604   17.774  1.00 14.41  ? 59  THR A N   1 
ATOM   456  C  CA  . THR A 1 59  ? 8.816   7.944   17.762  1.00 14.75  ? 59  THR A CA  1 
ATOM   457  C  C   . THR A 1 59  ? 8.201   8.223   16.431  1.00 20.68  ? 59  THR A C   1 
ATOM   458  O  O   . THR A 1 59  ? 8.343   7.433   15.519  1.00 14.23  ? 59  THR A O   1 
ATOM   459  C  CB  . THR A 1 59  ? 10.007  8.919   17.892  1.00 26.47  ? 59  THR A CB  1 
ATOM   460  O  OG1 . THR A 1 59  ? 10.842  8.815   16.733  1.00 21.23  ? 59  THR A OG1 1 
ATOM   461  C  CG2 . THR A 1 59  ? 10.832  8.523   19.125  1.00 17.40  ? 59  THR A CG2 1 
ATOM   462  N  N   . LYS A 1 60  ? 7.584   9.410   16.320  1.00 15.15  ? 60  LYS A N   1 
ATOM   463  C  CA  . LYS A 1 60  ? 6.946   9.864   15.086  1.00 16.63  ? 60  LYS A CA  1 
ATOM   464  C  C   . LYS A 1 60  ? 7.933   9.952   13.923  1.00 18.77  ? 60  LYS A C   1 
ATOM   465  O  O   . LYS A 1 60  ? 7.659   9.559   12.766  1.00 17.43  ? 60  LYS A O   1 
ATOM   466  C  CB  . LYS A 1 60  ? 6.184   11.195  15.278  1.00 15.65  ? 60  LYS A CB  1 
ATOM   467  C  CG  . LYS A 1 60  ? 5.426   11.655  14.027  1.00 27.65  ? 60  LYS A CG  1 
ATOM   468  C  CD  . LYS A 1 60  ? 4.510   12.871  14.205  1.00 44.58  ? 60  LYS A CD  1 
ATOM   469  C  CE  . LYS A 1 60  ? 4.108   13.559  12.889  1.00 100.00 ? 60  LYS A CE  1 
ATOM   470  N  NZ  . LYS A 1 60  ? 4.924   14.739  12.511  1.00 100.00 ? 60  LYS A NZ  1 
ATOM   471  N  N   . ASP A 1 61  ? 9.116   10.496  14.225  1.00 17.00  ? 61  ASP A N   1 
ATOM   472  C  CA  . ASP A 1 61  ? 10.142  10.607  13.195  1.00 18.66  ? 61  ASP A CA  1 
ATOM   473  C  C   . ASP A 1 61  ? 10.588  9.268   12.674  1.00 13.06  ? 61  ASP A C   1 
ATOM   474  O  O   . ASP A 1 61  ? 10.859  9.111   11.516  1.00 14.01  ? 61  ASP A O   1 
ATOM   475  C  CB  . ASP A 1 61  ? 11.346  11.380  13.705  1.00 17.79  ? 61  ASP A CB  1 
ATOM   476  C  CG  . ASP A 1 61  ? 10.720  12.535  14.409  1.00 80.56  ? 61  ASP A CG  1 
ATOM   477  O  OD1 . ASP A 1 61  ? 10.331  12.240  15.643  1.00 100.00 ? 61  ASP A OD1 1 
ATOM   478  O  OD2 . ASP A 1 61  ? 10.391  13.539  13.800  1.00 84.42  ? 61  ASP A OD2 1 
ATOM   479  N  N   . GLU A 1 62  ? 10.687  8.309   13.589  1.00 17.46  ? 62  GLU A N   1 
ATOM   480  C  CA  . GLU A 1 62  ? 11.131  6.955   13.167  1.00 12.60  ? 62  GLU A CA  1 
ATOM   481  C  C   . GLU A 1 62  ? 10.088  6.319   12.279  1.00 11.46  ? 62  GLU A C   1 
ATOM   482  O  O   . GLU A 1 62  ? 10.404  5.643   11.311  1.00 17.56  ? 62  GLU A O   1 
ATOM   483  C  CB  . GLU A 1 62  ? 11.356  6.085   14.432  1.00 11.83  ? 62  GLU A CB  1 
ATOM   484  C  CG  . GLU A 1 62  ? 12.565  6.588   15.243  1.00 22.09  ? 62  GLU A CG  1 
ATOM   485  C  CD  . GLU A 1 62  ? 12.713  5.848   16.569  1.00 18.99  ? 62  GLU A CD  1 
ATOM   486  O  OE1 . GLU A 1 62  ? 11.773  5.373   17.201  1.00 17.93  ? 62  GLU A OE1 1 
ATOM   487  O  OE2 . GLU A 1 62  ? 13.949  5.872   17.013  1.00 19.36  ? 62  GLU A OE2 1 
ATOM   488  N  N   . ALA A 1 63  ? 8.789   6.525   12.657  1.00 13.28  ? 63  ALA A N   1 
ATOM   489  C  CA  . ALA A 1 63  ? 7.721   6.031   11.866  1.00 13.47  ? 63  ALA A CA  1 
ATOM   490  C  C   . ALA A 1 63  ? 7.779   6.643   10.474  1.00 18.06  ? 63  ALA A C   1 
ATOM   491  O  O   . ALA A 1 63  ? 7.551   5.984   9.448   1.00 13.98  ? 63  ALA A O   1 
ATOM   492  C  CB  . ALA A 1 63  ? 6.362   6.370   12.535  1.00 11.14  ? 63  ALA A CB  1 
ATOM   493  N  N   . GLU A 1 64  ? 8.008   7.944   10.414  1.00 11.28  ? 64  GLU A N   1 
ATOM   494  C  CA  . GLU A 1 64  ? 7.988   8.620   9.103   1.00 12.26  ? 64  GLU A CA  1 
ATOM   495  C  C   . GLU A 1 64  ? 9.169   8.168   8.248   1.00 11.26  ? 64  GLU A C   1 
ATOM   496  O  O   . GLU A 1 64  ? 9.069   8.075   7.022   1.00 13.59  ? 64  GLU A O   1 
ATOM   497  C  CB  . GLU A 1 64  ? 7.962   10.153  9.331   1.00 15.46  ? 64  GLU A CB  1 
ATOM   498  C  CG  . GLU A 1 64  ? 6.490   10.541  9.627   1.00 17.29  ? 64  GLU A CG  1 
ATOM   499  C  CD  . GLU A 1 64  ? 6.392   11.956  10.088  1.00 36.06  ? 64  GLU A CD  1 
ATOM   500  O  OE1 . GLU A 1 64  ? 7.391   12.643  10.328  1.00 29.88  ? 64  GLU A OE1 1 
ATOM   501  O  OE2 . GLU A 1 64  ? 5.146   12.295  10.271  1.00 37.35  ? 64  GLU A OE2 1 
ATOM   502  N  N   . LYS A 1 65  ? 10.242  7.857   8.963   1.00 9.82   ? 65  LYS A N   1 
ATOM   503  C  CA  . LYS A 1 65  ? 11.397  7.330   8.252   1.00 15.32  ? 65  LYS A CA  1 
ATOM   504  C  C   . LYS A 1 65  ? 11.115  5.980   7.602   1.00 19.26  ? 65  LYS A C   1 
ATOM   505  O  O   . LYS A 1 65  ? 11.485  5.782   6.424   1.00 15.66  ? 65  LYS A O   1 
ATOM   506  C  CB  . LYS A 1 65  ? 12.707  7.256   9.045   1.00 11.70  ? 65  LYS A CB  1 
ATOM   507  C  CG  . LYS A 1 65  ? 13.892  7.034   8.088   1.00 24.75  ? 65  LYS A CG  1 
ATOM   508  C  CD  . LYS A 1 65  ? 15.218  6.922   8.802   1.00 33.03  ? 65  LYS A CD  1 
ATOM   509  C  CE  . LYS A 1 65  ? 16.437  7.190   7.924   1.00 51.35  ? 65  LYS A CE  1 
ATOM   510  N  NZ  . LYS A 1 65  ? 17.677  7.139   8.747   1.00 37.58  ? 65  LYS A NZ  1 
ATOM   511  N  N   . LEU A 1 66  ? 10.494  5.053   8.349   1.00 15.16  ? 66  LEU A N   1 
ATOM   512  C  CA  . LEU A 1 66  ? 10.148  3.750   7.801   1.00 11.73  ? 66  LEU A CA  1 
ATOM   513  C  C   . LEU A 1 66  ? 9.177   3.957   6.657   1.00 13.28  ? 66  LEU A C   1 
ATOM   514  O  O   . LEU A 1 66  ? 9.244   3.276   5.602   1.00 11.95  ? 66  LEU A O   1 
ATOM   515  C  CB  . LEU A 1 66  ? 9.375   2.870   8.814   1.00 15.84  ? 66  LEU A CB  1 
ATOM   516  C  CG  . LEU A 1 66  ? 10.283  2.362   9.968   1.00 18.85  ? 66  LEU A CG  1 
ATOM   517  C  CD1 . LEU A 1 66  ? 9.488   1.409   10.860  1.00 21.88  ? 66  LEU A CD1 1 
ATOM   518  C  CD2 . LEU A 1 66  ? 11.395  1.526   9.381   1.00 18.91  ? 66  LEU A CD2 1 
ATOM   519  N  N   . PHE A 1 67  ? 8.286   4.926   6.844   1.00 11.69  ? 67  PHE A N   1 
ATOM   520  C  CA  . PHE A 1 67  ? 7.281   5.248   5.768   1.00 11.39  ? 67  PHE A CA  1 
ATOM   521  C  C   . PHE A 1 67  ? 7.956   5.742   4.452   1.00 14.10  ? 67  PHE A C   1 
ATOM   522  O  O   . PHE A 1 67  ? 7.692   5.313   3.318   1.00 17.72  ? 67  PHE A O   1 
ATOM   523  C  CB  . PHE A 1 67  ? 6.338   6.331   6.300   1.00 13.40  ? 67  PHE A CB  1 
ATOM   524  C  CG  . PHE A 1 67  ? 5.147   6.638   5.370   1.00 13.04  ? 67  PHE A CG  1 
ATOM   525  C  CD1 . PHE A 1 67  ? 4.470   5.608   4.693   1.00 15.90  ? 67  PHE A CD1 1 
ATOM   526  C  CD2 . PHE A 1 67  ? 4.704   7.965   5.261   1.00 16.93  ? 67  PHE A CD2 1 
ATOM   527  C  CE1 . PHE A 1 67  ? 3.329   5.849   3.927   1.00 14.50  ? 67  PHE A CE1 1 
ATOM   528  C  CE2 . PHE A 1 67  ? 3.545   8.225   4.512   1.00 22.25  ? 67  PHE A CE2 1 
ATOM   529  C  CZ  . PHE A 1 67  ? 2.902   7.178   3.835   1.00 18.55  ? 67  PHE A CZ  1 
ATOM   530  N  N   . ASN A 1 68  ? 8.862   6.674   4.615   1.00 15.12  ? 68  ASN A N   1 
ATOM   531  C  CA  . ASN A 1 68  ? 9.556   7.073   3.434   1.00 11.39  ? 68  ASN A CA  1 
ATOM   532  C  C   . ASN A 1 68  ? 10.255  5.864   2.739   1.00 14.66  ? 68  ASN A C   1 
ATOM   533  O  O   . ASN A 1 68  ? 10.271  5.736   1.509   1.00 15.56  ? 68  ASN A O   1 
ATOM   534  C  CB  . ASN A 1 68  ? 10.657  8.109   3.824   1.00 15.81  ? 68  ASN A CB  1 
ATOM   535  C  CG  . ASN A 1 68  ? 10.144  9.548   3.919   1.00 45.37  ? 68  ASN A CG  1 
ATOM   536  O  OD1 . ASN A 1 68  ? 9.362   9.956   3.050   1.00 66.57  ? 68  ASN A OD1 1 
ATOM   537  N  ND2 . ASN A 1 68  ? 10.527  10.318  4.974   1.00 27.57  ? 68  ASN A ND2 1 
ATOM   538  N  N   . GLN A 1 69  ? 10.900  4.974   3.512   1.00 12.41  ? 69  GLN A N   1 
ATOM   539  C  CA  . GLN A 1 69  ? 11.582  3.866   2.931   1.00 10.29  ? 69  GLN A CA  1 
ATOM   540  C  C   . GLN A 1 69  ? 10.648  2.968   2.211   1.00 8.38   ? 69  GLN A C   1 
ATOM   541  O  O   . GLN A 1 69  ? 10.971  2.423   1.133   1.00 14.72  ? 69  GLN A O   1 
ATOM   542  C  CB  . GLN A 1 69  ? 12.299  3.008   3.976   1.00 8.07   ? 69  GLN A CB  1 
ATOM   543  C  CG  . GLN A 1 69  ? 13.517  3.817   4.452   1.00 6.71   ? 69  GLN A CG  1 
ATOM   544  C  CD  . GLN A 1 69  ? 14.155  3.192   5.662   1.00 18.53  ? 69  GLN A CD  1 
ATOM   545  O  OE1 . GLN A 1 69  ? 15.153  3.716   6.098   1.00 17.58  ? 69  GLN A OE1 1 
ATOM   546  N  NE2 . GLN A 1 69  ? 13.605  2.069   6.189   1.00 19.38  ? 69  GLN A NE2 1 
ATOM   547  N  N   . ASP A 1 70  ? 9.448   2.766   2.820   1.00 11.42  ? 70  ASP A N   1 
ATOM   548  C  CA  . ASP A 1 70  ? 8.441   1.874   2.255   1.00 9.71   ? 70  ASP A CA  1 
ATOM   549  C  C   . ASP A 1 70  ? 7.811   2.411   1.004   1.00 11.67  ? 70  ASP A C   1 
ATOM   550  O  O   . ASP A 1 70  ? 7.507   1.627   0.125   1.00 13.52  ? 70  ASP A O   1 
ATOM   551  C  CB  . ASP A 1 70  ? 7.301   1.561   3.267   1.00 14.56  ? 70  ASP A CB  1 
ATOM   552  C  CG  . ASP A 1 70  ? 7.858   0.672   4.383   1.00 22.02  ? 70  ASP A CG  1 
ATOM   553  O  OD1 . ASP A 1 70  ? 8.927   0.092   4.325   1.00 14.72  ? 70  ASP A OD1 1 
ATOM   554  O  OD2 . ASP A 1 70  ? 7.138   0.705   5.447   1.00 15.61  ? 70  ASP A OD2 1 
ATOM   555  N  N   . VAL A 1 71  ? 7.620   3.750   0.929   1.00 11.45  ? 71  VAL A N   1 
ATOM   556  C  CA  . VAL A 1 71  ? 7.038   4.287   -0.322  1.00 12.34  ? 71  VAL A CA  1 
ATOM   557  C  C   . VAL A 1 71  ? 8.058   4.139   -1.451  1.00 17.26  ? 71  VAL A C   1 
ATOM   558  O  O   . VAL A 1 71  ? 7.800   3.672   -2.565  1.00 17.30  ? 71  VAL A O   1 
ATOM   559  C  CB  . VAL A 1 71  ? 6.675   5.745   -0.124  1.00 14.12  ? 71  VAL A CB  1 
ATOM   560  C  CG1 . VAL A 1 71  ? 6.309   6.324   -1.516  1.00 13.64  ? 71  VAL A CG1 1 
ATOM   561  C  CG2 . VAL A 1 71  ? 5.411   5.767   0.802   1.00 12.60  ? 71  VAL A CG2 1 
ATOM   562  N  N   . ASP A 1 72  ? 9.275   4.483   -1.110  1.00 12.90  ? 72  ASP A N   1 
ATOM   563  C  CA  . ASP A 1 72  ? 10.346  4.376   -2.069  1.00 16.84  ? 72  ASP A CA  1 
ATOM   564  C  C   . ASP A 1 72  ? 10.478  2.931   -2.589  1.00 16.86  ? 72  ASP A C   1 
ATOM   565  O  O   . ASP A 1 72  ? 10.573  2.637   -3.799  1.00 17.67  ? 72  ASP A O   1 
ATOM   566  C  CB  . ASP A 1 72  ? 11.612  4.953   -1.331  1.00 15.12  ? 72  ASP A CB  1 
ATOM   567  C  CG  . ASP A 1 72  ? 12.827  5.220   -2.208  1.00 38.59  ? 72  ASP A CG  1 
ATOM   568  O  OD1 . ASP A 1 72  ? 12.878  5.072   -3.390  1.00 46.10  ? 72  ASP A OD1 1 
ATOM   569  O  OD2 . ASP A 1 72  ? 13.857  5.576   -1.496  1.00 48.15  ? 72  ASP A OD2 1 
ATOM   570  N  N   . ALA A 1 73  ? 10.430  1.981   -1.676  1.00 19.71  ? 73  ALA A N   1 
ATOM   571  C  CA  . ALA A 1 73  ? 10.547  0.606   -2.087  1.00 17.93  ? 73  ALA A CA  1 
ATOM   572  C  C   . ALA A 1 73  ? 9.399   0.175   -2.978  1.00 18.70  ? 73  ALA A C   1 
ATOM   573  O  O   . ALA A 1 73  ? 9.541   -0.630  -3.943  1.00 20.85  ? 73  ALA A O   1 
ATOM   574  C  CB  . ALA A 1 73  ? 10.534  -0.309  -0.829  1.00 20.66  ? 73  ALA A CB  1 
ATOM   575  N  N   . ALA A 1 74  ? 8.218   0.665   -2.628  1.00 13.44  ? 74  ALA A N   1 
ATOM   576  C  CA  . ALA A 1 74  ? 7.054   0.297   -3.435  1.00 15.90  ? 74  ALA A CA  1 
ATOM   577  C  C   . ALA A 1 74  ? 7.242   0.799   -4.924  1.00 21.24  ? 74  ALA A C   1 
ATOM   578  O  O   . ALA A 1 74  ? 6.988   0.028   -5.865  1.00 17.39  ? 74  ALA A O   1 
ATOM   579  C  CB  . ALA A 1 74  ? 5.729   0.785   -2.856  1.00 13.72  ? 74  ALA A CB  1 
ATOM   580  N  N   . VAL A 1 75  ? 7.670   2.063   -5.088  1.00 14.46  ? 75  VAL A N   1 
ATOM   581  C  CA  . VAL A 1 75  ? 7.852   2.621   -6.422  1.00 18.47  ? 75  VAL A CA  1 
ATOM   582  C  C   . VAL A 1 75  ? 8.894   1.771   -7.171  1.00 19.34  ? 75  VAL A C   1 
ATOM   583  O  O   . VAL A 1 75  ? 8.689   1.368   -8.350  1.00 16.69  ? 75  VAL A O   1 
ATOM   584  C  CB  . VAL A 1 75  ? 8.279   4.079   -6.266  1.00 21.36  ? 75  VAL A CB  1 
ATOM   585  C  CG1 . VAL A 1 75  ? 8.603   4.714   -7.637  1.00 20.83  ? 75  VAL A CG1 1 
ATOM   586  C  CG2 . VAL A 1 75  ? 7.069   4.805   -5.695  1.00 17.00  ? 75  VAL A CG2 1 
ATOM   587  N  N   . ARG A 1 76  ? 9.975   1.507   -6.447  1.00 14.49  ? 76  ARG A N   1 
ATOM   588  C  CA  . ARG A 1 76  ? 11.043  0.762   -7.049  1.00 18.71  ? 76  ARG A CA  1 
ATOM   589  C  C   . ARG A 1 76  ? 10.589  -0.642  -7.437  1.00 18.72  ? 76  ARG A C   1 
ATOM   590  O  O   . ARG A 1 76  ? 10.955  -1.174  -8.476  1.00 24.87  ? 76  ARG A O   1 
ATOM   591  C  CB  . ARG A 1 76  ? 12.338  0.798   -6.210  1.00 22.41  ? 76  ARG A CB  1 
ATOM   592  C  CG  . ARG A 1 76  ? 12.834  2.169   -5.762  1.00 59.92  ? 76  ARG A CG  1 
ATOM   593  C  CD  . ARG A 1 76  ? 13.195  3.119   -6.898  1.00 68.14  ? 76  ARG A CD  1 
ATOM   594  N  NE  . ARG A 1 76  ? 14.344  2.642   -7.670  1.00 87.69  ? 76  ARG A NE  1 
ATOM   595  C  CZ  . ARG A 1 76  ? 15.634  2.794   -7.308  1.00 100.00 ? 76  ARG A CZ  1 
ATOM   596  N  NH1 . ARG A 1 76  ? 15.915  3.414   -6.118  1.00 32.80  ? 76  ARG A NH1 1 
ATOM   597  N  NH2 . ARG A 1 76  ? 16.637  2.335   -8.124  1.00 32.44  ? 76  ARG A NH2 1 
ATOM   598  N  N   . GLY A 1 77  ? 9.707   -1.241  -6.663  1.00 21.71  ? 77  GLY A N   1 
ATOM   599  C  CA  . GLY A 1 77  ? 9.191   -2.557  -6.981  1.00 18.76  ? 77  GLY A CA  1 
ATOM   600  C  C   . GLY A 1 77  ? 8.376   -2.576  -8.278  1.00 24.46  ? 77  GLY A C   1 
ATOM   601  O  O   . GLY A 1 77  ? 8.417   -3.477  -9.107  1.00 26.33  ? 77  GLY A O   1 
ATOM   602  N  N   . ILE A 1 78  ? 7.585   -1.543  -8.473  1.00 17.47  ? 78  ILE A N   1 
ATOM   603  C  CA  . ILE A 1 78  ? 6.790   -1.428  -9.682  1.00 11.97  ? 78  ILE A CA  1 
ATOM   604  C  C   . ILE A 1 78  ? 7.719   -1.299  -10.928 1.00 18.83  ? 78  ILE A C   1 
ATOM   605  O  O   . ILE A 1 78  ? 7.551   -1.966  -11.942 1.00 20.10  ? 78  ILE A O   1 
ATOM   606  C  CB  . ILE A 1 78  ? 5.969   -0.116  -9.554  1.00 11.34  ? 78  ILE A CB  1 
ATOM   607  C  CG1 . ILE A 1 78  ? 4.770   -0.398  -8.620  1.00 9.27   ? 78  ILE A CG1 1 
ATOM   608  C  CG2 . ILE A 1 78  ? 5.340   0.334   -10.901 1.00 14.22  ? 78  ILE A CG2 1 
ATOM   609  C  CD1 . ILE A 1 78  ? 3.992   0.871   -8.193  1.00 12.20  ? 78  ILE A CD1 1 
ATOM   610  N  N   . LEU A 1 79  ? 8.705   -0.384  -10.827 1.00 16.92  ? 79  LEU A N   1 
ATOM   611  C  CA  . LEU A 1 79  ? 9.630   -0.102  -11.927 1.00 16.03  ? 79  LEU A CA  1 
ATOM   612  C  C   . LEU A 1 79  ? 10.426  -1.285  -12.336 1.00 26.25  ? 79  LEU A C   1 
ATOM   613  O  O   . LEU A 1 79  ? 10.804  -1.400  -13.474 1.00 25.87  ? 79  LEU A O   1 
ATOM   614  C  CB  . LEU A 1 79  ? 10.530  1.084   -11.555 1.00 17.01  ? 79  LEU A CB  1 
ATOM   615  C  CG  . LEU A 1 79  ? 9.670   2.364   -11.365 1.00 26.98  ? 79  LEU A CG  1 
ATOM   616  C  CD1 . LEU A 1 79  ? 10.585  3.541   -11.062 1.00 25.45  ? 79  LEU A CD1 1 
ATOM   617  C  CD2 . LEU A 1 79  ? 8.770   2.742   -12.575 1.00 26.40  ? 79  LEU A CD2 1 
ATOM   618  N  N   . ARG A 1 80  ? 10.663  -2.137  -11.367 1.00 22.86  ? 80  ARG A N   1 
ATOM   619  C  CA  . ARG A 1 80  ? 11.436  -3.356  -11.536 1.00 25.85  ? 80  ARG A CA  1 
ATOM   620  C  C   . ARG A 1 80  ? 10.571  -4.536  -12.068 1.00 35.17  ? 80  ARG A C   1 
ATOM   621  O  O   . ARG A 1 80  ? 11.068  -5.567  -12.507 1.00 30.86  ? 80  ARG A O   1 
ATOM   622  C  CB  . ARG A 1 80  ? 12.140  -3.734  -10.186 1.00 23.65  ? 80  ARG A CB  1 
ATOM   623  C  CG  . ARG A 1 80  ? 13.581  -3.200  -10.056 1.00 67.39  ? 80  ARG A CG  1 
ATOM   624  C  CD  . ARG A 1 80  ? 13.895  -2.139  -8.989  1.00 100.00 ? 80  ARG A CD  1 
ATOM   625  N  NE  . ARG A 1 80  ? 14.797  -2.603  -7.915  1.00 100.00 ? 80  ARG A NE  1 
ATOM   626  C  CZ  . ARG A 1 80  ? 14.459  -3.498  -6.946  1.00 100.00 ? 80  ARG A CZ  1 
ATOM   627  N  NH1 . ARG A 1 80  ? 13.230  -4.092  -6.853  1.00 100.00 ? 80  ARG A NH1 1 
ATOM   628  N  NH2 . ARG A 1 80  ? 15.404  -3.812  -6.035  1.00 100.00 ? 80  ARG A NH2 1 
ATOM   629  N  N   . ASN A 1 81  ? 9.262   -4.442  -11.964 1.00 19.63  ? 81  ASN A N   1 
ATOM   630  C  CA  . ASN A 1 81  ? 8.447   -5.503  -12.405 1.00 16.34  ? 81  ASN A CA  1 
ATOM   631  C  C   . ASN A 1 81  ? 7.983   -5.284  -13.832 1.00 26.07  ? 81  ASN A C   1 
ATOM   632  O  O   . ASN A 1 81  ? 7.407   -4.281  -14.257 1.00 22.63  ? 81  ASN A O   1 
ATOM   633  C  CB  . ASN A 1 81  ? 7.300   -5.602  -11.423 1.00 17.75  ? 81  ASN A CB  1 
ATOM   634  C  CG  . ASN A 1 81  ? 6.413   -6.793  -11.685 1.00 23.68  ? 81  ASN A CG  1 
ATOM   635  O  OD1 . ASN A 1 81  ? 5.592   -6.875  -12.636 1.00 24.18  ? 81  ASN A OD1 1 
ATOM   636  N  ND2 . ASN A 1 81  ? 6.414   -7.652  -10.700 1.00 24.41  ? 81  ASN A ND2 1 
ATOM   637  N  N   . ALA A 1 82  ? 8.256   -6.308  -14.633 1.00 24.14  ? 82  ALA A N   1 
ATOM   638  C  CA  . ALA A 1 82  ? 7.928   -6.272  -16.044 1.00 20.32  ? 82  ALA A CA  1 
ATOM   639  C  C   . ALA A 1 82  ? 6.442   -6.289  -16.361 1.00 19.61  ? 82  ALA A C   1 
ATOM   640  O  O   . ALA A 1 82  ? 6.010   -5.894  -17.461 1.00 24.88  ? 82  ALA A O   1 
ATOM   641  C  CB  . ALA A 1 82  ? 8.569   -7.452  -16.769 1.00 25.75  ? 82  ALA A CB  1 
ATOM   642  N  N   . LYS A 1 83  ? 5.633   -6.777  -15.431 1.00 20.18  ? 83  LYS A N   1 
ATOM   643  C  CA  . LYS A 1 83  ? 4.210   -6.741  -15.658 1.00 24.62  ? 83  LYS A CA  1 
ATOM   644  C  C   . LYS A 1 83  ? 3.656   -5.373  -15.169 1.00 23.42  ? 83  LYS A C   1 
ATOM   645  O  O   . LYS A 1 83  ? 2.767   -4.785  -15.711 1.00 22.22  ? 83  LYS A O   1 
ATOM   646  C  CB  . LYS A 1 83  ? 3.529   -7.932  -15.043 1.00 31.40  ? 83  LYS A CB  1 
ATOM   647  C  CG  . LYS A 1 83  ? 3.350   -9.050  -16.076 1.00 56.67  ? 83  LYS A CG  1 
ATOM   648  C  CD  . LYS A 1 83  ? 3.742   -10.437 -15.563 1.00 100.00 ? 83  LYS A CD  1 
ATOM   649  C  CE  . LYS A 1 83  ? 2.592   -11.244 -14.934 1.00 100.00 ? 83  LYS A CE  1 
ATOM   650  N  NZ  . LYS A 1 83  ? 2.958   -12.141 -13.808 1.00 100.00 ? 83  LYS A NZ  1 
ATOM   651  N  N   . LEU A 1 84  ? 4.257   -4.792  -14.192 1.00 18.45  ? 84  LEU A N   1 
ATOM   652  C  CA  . LEU A 1 84  ? 3.774   -3.509  -13.689 1.00 16.86  ? 84  LEU A CA  1 
ATOM   653  C  C   . LEU A 1 84  ? 4.249   -2.248  -14.386 1.00 15.54  ? 84  LEU A C   1 
ATOM   654  O  O   . LEU A 1 84  ? 3.509   -1.279  -14.560 1.00 13.01  ? 84  LEU A O   1 
ATOM   655  C  CB  . LEU A 1 84  ? 4.206   -3.409  -12.187 1.00 11.70  ? 84  LEU A CB  1 
ATOM   656  C  CG  . LEU A 1 84  ? 3.585   -4.490  -11.280 1.00 18.84  ? 84  LEU A CG  1 
ATOM   657  C  CD1 . LEU A 1 84  ? 3.869   -4.310  -9.784  1.00 18.65  ? 84  LEU A CD1 1 
ATOM   658  C  CD2 . LEU A 1 84  ? 2.094   -4.628  -11.498 1.00 17.67  ? 84  LEU A CD2 1 
ATOM   659  N  N   . LYS A 1 85  ? 5.532   -2.189  -14.646 1.00 15.55  ? 85  LYS A N   1 
ATOM   660  C  CA  . LYS A 1 85  ? 6.078   -0.971  -15.170 1.00 12.65  ? 85  LYS A CA  1 
ATOM   661  C  C   . LYS A 1 85  ? 5.396   -0.377  -16.384 1.00 14.81  ? 85  LYS A C   1 
ATOM   662  O  O   . LYS A 1 85  ? 5.144   0.789   -16.484 1.00 15.70  ? 85  LYS A O   1 
ATOM   663  C  CB  . LYS A 1 85  ? 7.556   -1.173  -15.377 1.00 13.80  ? 85  LYS A CB  1 
ATOM   664  C  CG  . LYS A 1 85  ? 8.152   0.054   -16.070 1.00 19.25  ? 85  LYS A CG  1 
ATOM   665  C  CD  . LYS A 1 85  ? 9.669   0.141   -16.158 1.00 29.39  ? 85  LYS A CD  1 
ATOM   666  C  CE  . LYS A 1 85  ? 10.133  1.160   -17.198 1.00 27.90  ? 85  LYS A CE  1 
ATOM   667  N  NZ  . LYS A 1 85  ? 10.436  2.501   -16.670 1.00 100.00 ? 85  LYS A NZ  1 
ATOM   668  N  N   . PRO A 1 86  ? 5.053   -1.169  -17.361 1.00 15.27  ? 86  PRO A N   1 
ATOM   669  C  CA  . PRO A 1 86  ? 4.432   -0.615  -18.537 1.00 22.50  ? 86  PRO A CA  1 
ATOM   670  C  C   . PRO A 1 86  ? 3.070   -0.024  -18.259 1.00 21.16  ? 86  PRO A C   1 
ATOM   671  O  O   . PRO A 1 86  ? 2.665   0.972   -18.874 1.00 14.11  ? 86  PRO A O   1 
ATOM   672  C  CB  . PRO A 1 86  ? 4.345   -1.714  -19.590 1.00 20.74  ? 86  PRO A CB  1 
ATOM   673  C  CG  . PRO A 1 86  ? 4.791   -2.978  -18.872 1.00 30.23  ? 86  PRO A CG  1 
ATOM   674  C  CD  . PRO A 1 86  ? 5.362   -2.603  -17.509 1.00 21.47  ? 86  PRO A CD  1 
ATOM   675  N  N   . VAL A 1 87  ? 2.372   -0.616  -17.339 1.00 13.18  ? 87  VAL A N   1 
ATOM   676  C  CA  . VAL A 1 87  ? 1.068   -0.064  -16.973 1.00 12.75  ? 87  VAL A CA  1 
ATOM   677  C  C   . VAL A 1 87  ? 1.254   1.253   -16.251 1.00 11.39  ? 87  VAL A C   1 
ATOM   678  O  O   . VAL A 1 87  ? 0.631   2.286   -16.529 1.00 14.61  ? 87  VAL A O   1 
ATOM   679  C  CB  . VAL A 1 87  ? 0.186   -1.059  -16.156 1.00 18.89  ? 87  VAL A CB  1 
ATOM   680  C  CG1 . VAL A 1 87  ? -1.177  -0.404  -15.809 1.00 17.37  ? 87  VAL A CG1 1 
ATOM   681  C  CG2 . VAL A 1 87  ? -0.010  -2.388  -16.956 1.00 18.07  ? 87  VAL A CG2 1 
ATOM   682  N  N   . TYR A 1 88  ? 2.158   1.199   -15.304 1.00 13.15  ? 88  TYR A N   1 
ATOM   683  C  CA  . TYR A 1 88  ? 2.438   2.350   -14.515 1.00 11.75  ? 88  TYR A CA  1 
ATOM   684  C  C   . TYR A 1 88  ? 2.890   3.495   -15.391 1.00 18.58  ? 88  TYR A C   1 
ATOM   685  O  O   . TYR A 1 88  ? 2.487   4.659   -15.250 1.00 16.90  ? 88  TYR A O   1 
ATOM   686  C  CB  . TYR A 1 88  ? 3.534   1.897   -13.546 1.00 11.10  ? 88  TYR A CB  1 
ATOM   687  C  CG  . TYR A 1 88  ? 3.875   2.964   -12.576 1.00 18.43  ? 88  TYR A CG  1 
ATOM   688  C  CD1 . TYR A 1 88  ? 3.115   3.220   -11.429 1.00 17.39  ? 88  TYR A CD1 1 
ATOM   689  C  CD2 . TYR A 1 88  ? 4.997   3.742   -12.854 1.00 21.74  ? 88  TYR A CD2 1 
ATOM   690  C  CE1 . TYR A 1 88  ? 3.489   4.274   -10.593 1.00 15.30  ? 88  TYR A CE1 1 
ATOM   691  C  CE2 . TYR A 1 88  ? 5.373   4.778   -11.998 1.00 23.69  ? 88  TYR A CE2 1 
ATOM   692  C  CZ  . TYR A 1 88  ? 4.642   5.027   -10.829 1.00 26.13  ? 88  TYR A CZ  1 
ATOM   693  O  OH  . TYR A 1 88  ? 5.039   6.072   -9.963  1.00 20.28  ? 88  TYR A OH  1 
ATOM   694  N  N   . ASP A 1 89  ? 3.832   3.223   -16.296 1.00 14.21  ? 89  ASP A N   1 
ATOM   695  C  CA  . ASP A 1 89  ? 4.284   4.351   -17.153 1.00 15.15  ? 89  ASP A CA  1 
ATOM   696  C  C   . ASP A 1 89  ? 3.202   4.894   -18.032 1.00 19.10  ? 89  ASP A C   1 
ATOM   697  O  O   . ASP A 1 89  ? 3.239   6.055   -18.405 1.00 19.91  ? 89  ASP A O   1 
ATOM   698  C  CB  . ASP A 1 89  ? 5.356   3.812   -18.096 1.00 17.58  ? 89  ASP A CB  1 
ATOM   699  C  CG  . ASP A 1 89  ? 6.621   3.771   -17.292 1.00 31.90  ? 89  ASP A CG  1 
ATOM   700  O  OD1 . ASP A 1 89  ? 6.745   4.229   -16.171 1.00 25.97  ? 89  ASP A OD1 1 
ATOM   701  O  OD2 . ASP A 1 89  ? 7.541   3.161   -17.937 1.00 26.40  ? 89  ASP A OD2 1 
ATOM   702  N  N   . SER A 1 90  ? 2.185   4.093   -18.362 1.00 13.10  ? 90  SER A N   1 
ATOM   703  C  CA  . SER A 1 90  ? 1.102   4.618   -19.183 1.00 11.85  ? 90  SER A CA  1 
ATOM   704  C  C   . SER A 1 90  ? 0.111   5.538   -18.490 1.00 13.27  ? 90  SER A C   1 
ATOM   705  O  O   . SER A 1 90  ? -0.731  6.232   -19.115 1.00 14.45  ? 90  SER A O   1 
ATOM   706  C  CB  . SER A 1 90  ? 0.313   3.456   -19.777 1.00 13.93  ? 90  SER A CB  1 
ATOM   707  O  OG  . SER A 1 90  ? -0.555  2.939   -18.811 1.00 12.69  ? 90  SER A OG  1 
ATOM   708  N  N   . LEU A 1 91  ? 0.144   5.523   -17.153 1.00 12.92  ? 91  LEU A N   1 
ATOM   709  C  CA  . LEU A 1 91  ? -0.827  6.299   -16.349 1.00 9.99   ? 91  LEU A CA  1 
ATOM   710  C  C   . LEU A 1 91  ? -0.446  7.725   -16.070 1.00 11.72  ? 91  LEU A C   1 
ATOM   711  O  O   . LEU A 1 91  ? 0.746   8.097   -16.066 1.00 11.46  ? 91  LEU A O   1 
ATOM   712  C  CB  . LEU A 1 91  ? -0.984  5.623   -14.959 1.00 8.78   ? 91  LEU A CB  1 
ATOM   713  C  CG  . LEU A 1 91  ? -1.523  4.132   -15.006 1.00 13.10  ? 91  LEU A CG  1 
ATOM   714  C  CD1 . LEU A 1 91  ? -1.437  3.550   -13.578 1.00 16.92  ? 91  LEU A CD1 1 
ATOM   715  C  CD2 . LEU A 1 91  ? -2.999  4.159   -15.441 1.00 9.55   ? 91  LEU A CD2 1 
ATOM   716  N  N   . ASP A 1 92  ? -1.446  8.517   -15.745 1.00 9.16   ? 92  ASP A N   1 
ATOM   717  C  CA  . ASP A 1 92  ? -1.220  9.888   -15.295 1.00 8.35   ? 92  ASP A CA  1 
ATOM   718  C  C   . ASP A 1 92  ? -0.820  9.850   -13.798 1.00 13.49  ? 92  ASP A C   1 
ATOM   719  O  O   . ASP A 1 92  ? -0.843  8.829   -13.090 1.00 13.37  ? 92  ASP A O   1 
ATOM   720  C  CB  . ASP A 1 92  ? -2.465  10.720  -15.380 1.00 14.80  ? 92  ASP A CB  1 
ATOM   721  C  CG  . ASP A 1 92  ? -3.612  9.971   -14.664 1.00 22.09  ? 92  ASP A CG  1 
ATOM   722  O  OD1 . ASP A 1 92  ? -4.247  9.088   -15.235 1.00 20.25  ? 92  ASP A OD1 1 
ATOM   723  O  OD2 . ASP A 1 92  ? -3.892  10.362  -13.417 1.00 14.32  ? 92  ASP A OD2 1 
ATOM   724  N  N   . ALA A 1 93  ? -0.418  10.992  -13.272 1.00 13.48  ? 93  ALA A N   1 
ATOM   725  C  CA  . ALA A 1 93  ? 0.129   11.096  -11.928 1.00 14.91  ? 93  ALA A CA  1 
ATOM   726  C  C   . ALA A 1 93  ? -0.765  10.606  -10.784 1.00 13.53  ? 93  ALA A C   1 
ATOM   727  O  O   . ALA A 1 93  ? -0.305  9.963   -9.794  1.00 15.44  ? 93  ALA A O   1 
ATOM   728  C  CB  . ALA A 1 93  ? 0.652   12.542  -11.720 1.00 15.67  ? 93  ALA A CB  1 
ATOM   729  N  N   . VAL A 1 94  ? -2.036  10.985  -10.901 1.00 15.19  ? 94  VAL A N   1 
ATOM   730  C  CA  . VAL A 1 94  ? -3.040  10.608  -9.897  1.00 15.12  ? 94  VAL A CA  1 
ATOM   731  C  C   . VAL A 1 94  ? -3.179  9.083   -9.850  1.00 15.39  ? 94  VAL A C   1 
ATOM   732  O  O   . VAL A 1 94  ? -3.126  8.421   -8.777  1.00 13.26  ? 94  VAL A O   1 
ATOM   733  C  CB  . VAL A 1 94  ? -4.364  11.364  -10.098 1.00 17.40  ? 94  VAL A CB  1 
ATOM   734  C  CG1 . VAL A 1 94  ? -5.375  10.922  -8.988  1.00 16.39  ? 94  VAL A CG1 1 
ATOM   735  C  CG2 . VAL A 1 94  ? -4.037  12.871  -9.882  1.00 16.05  ? 94  VAL A CG2 1 
ATOM   736  N  N   . ARG A 1 95  ? -3.415  8.554   -11.049 1.00 12.76  ? 95  ARG A N   1 
ATOM   737  C  CA  . ARG A 1 95  ? -3.613  7.107   -11.150 1.00 11.44  ? 95  ARG A CA  1 
ATOM   738  C  C   . ARG A 1 95  ? -2.379  6.422   -10.709 1.00 15.44  ? 95  ARG A C   1 
ATOM   739  O  O   . ARG A 1 95  ? -2.428  5.400   -10.088 1.00 18.64  ? 95  ARG A O   1 
ATOM   740  C  CB  . ARG A 1 95  ? -4.196  6.670   -12.494 1.00 8.81   ? 95  ARG A CB  1 
ATOM   741  C  CG  . ARG A 1 95  ? -5.632  7.165   -12.690 1.00 11.06  ? 95  ARG A CG  1 
ATOM   742  C  CD  . ARG A 1 95  ? -6.190  6.669   -14.008 1.00 11.09  ? 95  ARG A CD  1 
ATOM   743  N  NE  . ARG A 1 95  ? -7.566  7.003   -14.188 1.00 12.67  ? 95  ARG A NE  1 
ATOM   744  C  CZ  . ARG A 1 95  ? -7.935  8.136   -14.843 1.00 18.54  ? 95  ARG A CZ  1 
ATOM   745  N  NH1 . ARG A 1 95  ? -7.042  8.988   -15.346 1.00 13.38  ? 95  ARG A NH1 1 
ATOM   746  N  NH2 . ARG A 1 95  ? -9.245  8.370   -15.019 1.00 13.67  ? 95  ARG A NH2 1 
ATOM   747  N  N   . ARG A 1 96  ? -1.206  6.941   -10.992 1.00 13.35  ? 96  ARG A N   1 
ATOM   748  C  CA  . ARG A 1 96  ? 0.012   6.264   -10.480 1.00 16.19  ? 96  ARG A CA  1 
ATOM   749  C  C   . ARG A 1 96  ? 0.040   6.107   -8.951  1.00 11.71  ? 96  ARG A C   1 
ATOM   750  O  O   . ARG A 1 96  ? 0.446   5.074   -8.452  1.00 12.04  ? 96  ARG A O   1 
ATOM   751  C  CB  . ARG A 1 96  ? 1.295   7.009   -10.905 1.00 12.46  ? 96  ARG A CB  1 
ATOM   752  C  CG  . ARG A 1 96  ? 1.538   6.905   -12.382 1.00 11.62  ? 96  ARG A CG  1 
ATOM   753  C  CD  . ARG A 1 96  ? 2.847   7.661   -12.698 1.00 15.53  ? 96  ARG A CD  1 
ATOM   754  N  NE  . ARG A 1 96  ? 3.033   7.473   -14.142 1.00 20.84  ? 96  ARG A NE  1 
ATOM   755  C  CZ  . ARG A 1 96  ? 3.960   8.067   -14.900 1.00 26.07  ? 96  ARG A CZ  1 
ATOM   756  N  NH1 . ARG A 1 96  ? 4.848   8.885   -14.391 1.00 26.49  ? 96  ARG A NH1 1 
ATOM   757  N  NH2 . ARG A 1 96  ? 4.007   7.837   -16.208 1.00 17.56  ? 96  ARG A NH2 1 
ATOM   758  N  N   . ALA A 1 97  ? -0.461  7.132   -8.255  1.00 11.84  ? 97  ALA A N   1 
ATOM   759  C  CA  . ALA A 1 97  ? -0.563  7.146   -6.808  1.00 13.42  ? 97  ALA A CA  1 
ATOM   760  C  C   . ALA A 1 97  ? -1.436  5.978   -6.354  1.00 12.28  ? 97  ALA A C   1 
ATOM   761  O  O   . ALA A 1 97  ? -1.101  5.309   -5.365  1.00 12.45  ? 97  ALA A O   1 
ATOM   762  C  CB  . ALA A 1 97  ? -1.060  8.501   -6.229  1.00 11.55  ? 97  ALA A CB  1 
ATOM   763  N  N   . ALA A 1 98  ? -2.515  5.748   -7.066  1.00 10.46  ? 98  ALA A N   1 
ATOM   764  C  CA  . ALA A 1 98  ? -3.393  4.612   -6.771  1.00 13.60  ? 98  ALA A CA  1 
ATOM   765  C  C   . ALA A 1 98  ? -2.642  3.277   -6.919  1.00 16.90  ? 98  ALA A C   1 
ATOM   766  O  O   . ALA A 1 98  ? -2.841  2.322   -6.147  1.00 11.33  ? 98  ALA A O   1 
ATOM   767  C  CB  . ALA A 1 98  ? -4.643  4.569   -7.708  1.00 8.71   ? 98  ALA A CB  1 
ATOM   768  N  N   . ALA A 1 99  ? -1.773  3.186   -7.927  1.00 11.63  ? 99  ALA A N   1 
ATOM   769  C  CA  . ALA A 1 99  ? -1.038  1.930   -8.167  1.00 11.75  ? 99  ALA A CA  1 
ATOM   770  C  C   . ALA A 1 99  ? -0.064  1.771   -7.040  1.00 10.34  ? 99  ALA A C   1 
ATOM   771  O  O   . ALA A 1 99  ? 0.160   0.653   -6.556  1.00 12.74  ? 99  ALA A O   1 
ATOM   772  C  CB  . ALA A 1 99  ? -0.260  1.798   -9.526  1.00 11.67  ? 99  ALA A CB  1 
ATOM   773  N  N   . ILE A 1 100 ? 0.507   2.885   -6.590  1.00 9.30   ? 100 ILE A N   1 
ATOM   774  C  CA  . ILE A 1 100 ? 1.473   2.741   -5.470  1.00 11.48  ? 100 ILE A CA  1 
ATOM   775  C  C   . ILE A 1 100 ? 0.799   2.264   -4.159  1.00 13.38  ? 100 ILE A C   1 
ATOM   776  O  O   . ILE A 1 100 ? 1.274   1.397   -3.368  1.00 12.42  ? 100 ILE A O   1 
ATOM   777  C  CB  . ILE A 1 100 ? 2.294   4.023   -5.292  1.00 13.60  ? 100 ILE A CB  1 
ATOM   778  C  CG1 . ILE A 1 100 ? 3.077   4.357   -6.605  1.00 13.15  ? 100 ILE A CG1 1 
ATOM   779  C  CG2 . ILE A 1 100 ? 3.247   4.071   -4.016  1.00 13.10  ? 100 ILE A CG2 1 
ATOM   780  C  CD1 . ILE A 1 100 ? 3.546   5.805   -6.535  1.00 15.90  ? 100 ILE A CD1 1 
ATOM   781  N  N   . ASN A 1 101 ? -0.368  2.796   -3.935  1.00 13.25  ? 101 ASN A N   1 
ATOM   782  C  CA  . ASN A 1 101 ? -1.090  2.438   -2.709  1.00 9.31   ? 101 ASN A CA  1 
ATOM   783  C  C   . ASN A 1 101 ? -1.344  0.953   -2.702  1.00 9.37   ? 101 ASN A C   1 
ATOM   784  O  O   . ASN A 1 101 ? -1.122  0.274   -1.684  1.00 13.36  ? 101 ASN A O   1 
ATOM   785  C  CB  . ASN A 1 101 ? -2.370  3.304   -2.727  1.00 12.87  ? 101 ASN A CB  1 
ATOM   786  C  CG  . ASN A 1 101 ? -3.224  3.247   -1.455  1.00 15.84  ? 101 ASN A CG  1 
ATOM   787  O  OD1 . ASN A 1 101 ? -3.503  2.151   -0.954  1.00 12.99  ? 101 ASN A OD1 1 
ATOM   788  N  ND2 . ASN A 1 101 ? -3.585  4.385   -0.869  1.00 8.61   ? 101 ASN A ND2 1 
ATOM   789  N  N   . MET A 1 102 ? -1.829  0.426   -3.845  1.00 8.64   ? 102 MET A N   1 
ATOM   790  C  CA  . MET A 1 102 ? -2.090  -0.995  -3.902  1.00 15.32  ? 102 MET A CA  1 
ATOM   791  C  C   . MET A 1 102 ? -0.840  -1.826  -3.626  1.00 15.00  ? 102 MET A C   1 
ATOM   792  O  O   . MET A 1 102 ? -0.911  -2.806  -2.856  1.00 12.69  ? 102 MET A O   1 
ATOM   793  C  CB  . MET A 1 102 ? -2.680  -1.507  -5.231  1.00 15.41  ? 102 MET A CB  1 
ATOM   794  C  CG  . MET A 1 102 ? -4.158  -1.236  -5.448  1.00 18.24  ? 102 MET A CG  1 
ATOM   795  S  SD  . MET A 1 102 ? -4.703  -1.875  -7.061  1.00 20.73  ? 102 MET A SD  1 
ATOM   796  C  CE  . MET A 1 102 ? -5.030  -3.605  -6.633  1.00 19.79  ? 102 MET A CE  1 
ATOM   797  N  N   . VAL A 1 103 ? 0.261   -1.459  -4.293  1.00 12.12  ? 103 VAL A N   1 
ATOM   798  C  CA  . VAL A 1 103 ? 1.474   -2.214  -4.065  1.00 11.75  ? 103 VAL A CA  1 
ATOM   799  C  C   . VAL A 1 103 ? 1.945   -2.152  -2.661  1.00 16.45  ? 103 VAL A C   1 
ATOM   800  O  O   . VAL A 1 103 ? 2.406   -3.146  -2.130  1.00 20.93  ? 103 VAL A O   1 
ATOM   801  C  CB  . VAL A 1 103 ? 2.589   -1.798  -5.003  1.00 14.00  ? 103 VAL A CB  1 
ATOM   802  C  CG1 . VAL A 1 103 ? 3.936   -2.404  -4.584  1.00 12.37  ? 103 VAL A CG1 1 
ATOM   803  C  CG2 . VAL A 1 103 ? 2.251   -2.110  -6.473  1.00 13.06  ? 103 VAL A CG2 1 
ATOM   804  N  N   . PHE A 1 104 ? 1.826   -0.984  -2.029  1.00 14.19  ? 104 PHE A N   1 
ATOM   805  C  CA  . PHE A 1 104 ? 2.259   -0.806  -0.646  1.00 10.73  ? 104 PHE A CA  1 
ATOM   806  C  C   . PHE A 1 104 ? 1.456   -1.729  0.233   1.00 18.44  ? 104 PHE A C   1 
ATOM   807  O  O   . PHE A 1 104 ? 1.940   -2.345  1.152   1.00 15.17  ? 104 PHE A O   1 
ATOM   808  C  CB  . PHE A 1 104 ? 1.826   0.633   -0.254  1.00 12.06  ? 104 PHE A CB  1 
ATOM   809  C  CG  . PHE A 1 104 ? 2.273   1.027   1.123   1.00 13.95  ? 104 PHE A CG  1 
ATOM   810  C  CD1 . PHE A 1 104 ? 1.478   0.739   2.227   1.00 13.46  ? 104 PHE A CD1 1 
ATOM   811  C  CD2 . PHE A 1 104 ? 3.437   1.763   1.342   1.00 15.55  ? 104 PHE A CD2 1 
ATOM   812  C  CE1 . PHE A 1 104 ? 1.880   1.143   3.513   1.00 17.07  ? 104 PHE A CE1 1 
ATOM   813  C  CE2 . PHE A 1 104 ? 3.855   2.204   2.599   1.00 16.85  ? 104 PHE A CE2 1 
ATOM   814  C  CZ  . PHE A 1 104 ? 3.058   1.869   3.700   1.00 19.94  ? 104 PHE A CZ  1 
ATOM   815  N  N   . GLN A 1 105 ? 0.170   -1.893  -0.112  1.00 14.81  ? 105 GLN A N   1 
ATOM   816  C  CA  . GLN A 1 105 ? -0.731  -2.703  0.655   1.00 14.00  ? 105 GLN A CA  1 
ATOM   817  C  C   . GLN A 1 105 ? -0.507  -4.197  0.488   1.00 23.98  ? 105 GLN A C   1 
ATOM   818  O  O   . GLN A 1 105 ? -0.468  -4.963  1.435   1.00 17.31  ? 105 GLN A O   1 
ATOM   819  C  CB  . GLN A 1 105 ? -2.250  -2.303  0.436   1.00 17.06  ? 105 GLN A CB  1 
ATOM   820  C  CG  . GLN A 1 105 ? -3.204  -3.015  1.430   1.00 16.17  ? 105 GLN A CG  1 
ATOM   821  C  CD  . GLN A 1 105 ? -4.669  -2.851  1.151   1.00 18.53  ? 105 GLN A CD  1 
ATOM   822  O  OE1 . GLN A 1 105 ? -5.071  -2.148  0.251   1.00 17.51  ? 105 GLN A OE1 1 
ATOM   823  N  NE2 . GLN A 1 105 ? -5.488  -3.470  1.984   1.00 17.22  ? 105 GLN A NE2 1 
ATOM   824  N  N   . MET A 1 106 ? -0.452  -4.658  -0.720  1.00 16.37  ? 106 MET A N   1 
ATOM   825  C  CA  . MET A 1 106 ? -0.390  -6.102  -0.986  1.00 13.32  ? 106 MET A CA  1 
ATOM   826  C  C   . MET A 1 106 ? 0.817   -6.635  -1.676  1.00 17.91  ? 106 MET A C   1 
ATOM   827  O  O   . MET A 1 106 ? 0.868   -7.783  -1.965  1.00 20.93  ? 106 MET A O   1 
ATOM   828  C  CB  . MET A 1 106 ? -1.681  -6.411  -1.786  1.00 18.74  ? 106 MET A CB  1 
ATOM   829  C  CG  . MET A 1 106 ? -1.764  -5.821  -3.165  1.00 29.18  ? 106 MET A CG  1 
ATOM   830  S  SD  . MET A 1 106 ? -3.237  -6.520  -3.966  1.00 39.82  ? 106 MET A SD  1 
ATOM   831  C  CE  . MET A 1 106 ? -4.618  -5.655  -3.278  1.00 27.49  ? 106 MET A CE  1 
ATOM   832  N  N   . GLY A 1 107 ? 1.771   -5.803  -1.946  1.00 18.54  ? 107 GLY A N   1 
ATOM   833  C  CA  . GLY A 1 107 ? 2.929   -6.277  -2.582  1.00 15.11  ? 107 GLY A CA  1 
ATOM   834  C  C   . GLY A 1 107 ? 2.774   -6.372  -4.083  1.00 12.70  ? 107 GLY A C   1 
ATOM   835  O  O   . GLY A 1 107 ? 1.733   -6.527  -4.690  1.00 19.12  ? 107 GLY A O   1 
ATOM   836  N  N   . GLU A 1 108 ? 3.952   -6.327  -4.649  1.00 15.49  ? 108 GLU A N   1 
ATOM   837  C  CA  . GLU A 1 108 ? 4.116   -6.320  -6.069  1.00 22.60  ? 108 GLU A CA  1 
ATOM   838  C  C   . GLU A 1 108 ? 3.593   -7.574  -6.753  1.00 22.57  ? 108 GLU A C   1 
ATOM   839  O  O   . GLU A 1 108 ? 2.903   -7.565  -7.748  1.00 20.94  ? 108 GLU A O   1 
ATOM   840  C  CB  . GLU A 1 108 ? 5.579   -5.930  -6.327  1.00 30.46  ? 108 GLU A CB  1 
ATOM   841  C  CG  . GLU A 1 108 ? 6.230   -6.770  -7.399  1.00 39.28  ? 108 GLU A CG  1 
ATOM   842  C  CD  . GLU A 1 108 ? 7.701   -6.613  -7.292  1.00 74.86  ? 108 GLU A CD  1 
ATOM   843  O  OE1 . GLU A 1 108 ? 8.252   -6.252  -6.257  1.00 100.00 ? 108 GLU A OE1 1 
ATOM   844  O  OE2 . GLU A 1 108 ? 8.289   -6.878  -8.438  1.00 52.47  ? 108 GLU A OE2 1 
ATOM   845  N  N   . THR A 1 109 ? 3.876   -8.711  -6.153  1.00 24.91  ? 109 THR A N   1 
ATOM   846  C  CA  . THR A 1 109 ? 3.333   -9.925  -6.730  1.00 25.02  ? 109 THR A CA  1 
ATOM   847  C  C   . THR A 1 109 ? 1.844   -9.920  -6.689  1.00 24.69  ? 109 THR A C   1 
ATOM   848  O  O   . THR A 1 109 ? 1.188   -10.363 -7.644  1.00 23.16  ? 109 THR A O   1 
ATOM   849  C  CB  . THR A 1 109 ? 3.727   -11.099 -5.840  1.00 39.90  ? 109 THR A CB  1 
ATOM   850  O  OG1 . THR A 1 109 ? 3.860   -10.555 -4.540  1.00 83.18  ? 109 THR A OG1 1 
ATOM   851  C  CG2 . THR A 1 109 ? 5.077   -11.456 -6.300  1.00 20.88  ? 109 THR A CG2 1 
ATOM   852  N  N   . GLY A 1 110 ? 1.349   -9.434  -5.521  1.00 18.81  ? 110 GLY A N   1 
ATOM   853  C  CA  . GLY A 1 110 ? -0.057  -9.376  -5.315  1.00 20.17  ? 110 GLY A CA  1 
ATOM   854  C  C   . GLY A 1 110 ? -0.676  -8.576  -6.465  1.00 24.48  ? 110 GLY A C   1 
ATOM   855  O  O   . GLY A 1 110 ? -1.535  -9.051  -7.210  1.00 26.74  ? 110 GLY A O   1 
ATOM   856  N  N   . VAL A 1 111 ? -0.241  -7.337  -6.636  1.00 20.20  ? 111 VAL A N   1 
ATOM   857  C  CA  . VAL A 1 111 ? -0.812  -6.539  -7.723  1.00 16.89  ? 111 VAL A CA  1 
ATOM   858  C  C   . VAL A 1 111 ? -0.561  -7.111  -9.153  1.00 15.79  ? 111 VAL A C   1 
ATOM   859  O  O   . VAL A 1 111 ? -1.454  -7.049  -10.018 1.00 16.68  ? 111 VAL A O   1 
ATOM   860  C  CB  . VAL A 1 111 ? -0.319  -5.110  -7.534  1.00 17.84  ? 111 VAL A CB  1 
ATOM   861  C  CG1 . VAL A 1 111 ? -0.846  -4.148  -8.619  1.00 17.50  ? 111 VAL A CG1 1 
ATOM   862  C  CG2 . VAL A 1 111 ? -0.637  -4.694  -6.092  1.00 14.60  ? 111 VAL A CG2 1 
ATOM   863  N  N   . ALA A 1 112 ? 0.674   -7.706  -9.353  1.00 16.13  ? 112 ALA A N   1 
ATOM   864  C  CA  . ALA A 1 112 ? 1.017   -8.278  -10.633 1.00 21.61  ? 112 ALA A CA  1 
ATOM   865  C  C   . ALA A 1 112 ? 0.014   -9.355  -10.992 1.00 26.54  ? 112 ALA A C   1 
ATOM   866  O  O   . ALA A 1 112 ? -0.214  -9.724  -12.148 1.00 29.25  ? 112 ALA A O   1 
ATOM   867  C  CB  . ALA A 1 112 ? 2.502   -8.661  -10.824 1.00 18.83  ? 112 ALA A CB  1 
ATOM   868  N  N   . GLY A 1 113 ? -0.702  -9.831  -10.018 1.00 19.97  ? 113 GLY A N   1 
ATOM   869  C  CA  . GLY A 1 113 ? -1.713  -10.819 -10.367 1.00 19.88  ? 113 GLY A CA  1 
ATOM   870  C  C   . GLY A 1 113 ? -3.046  -10.293 -10.876 1.00 29.16  ? 113 GLY A C   1 
ATOM   871  O  O   . GLY A 1 113 ? -3.916  -11.075 -11.265 1.00 27.67  ? 113 GLY A O   1 
ATOM   872  N  N   . PHE A 1 114 ? -3.264  -8.981  -10.888 1.00 24.90  ? 114 PHE A N   1 
ATOM   873  C  CA  . PHE A 1 114 ? -4.553  -8.512  -11.366 1.00 20.07  ? 114 PHE A CA  1 
ATOM   874  C  C   . PHE A 1 114 ? -4.401  -8.298  -12.861 1.00 25.23  ? 114 PHE A C   1 
ATOM   875  O  O   . PHE A 1 114 ? -4.518  -7.197  -13.397 1.00 21.30  ? 114 PHE A O   1 
ATOM   876  C  CB  . PHE A 1 114 ? -4.830  -7.178  -10.653 1.00 19.59  ? 114 PHE A CB  1 
ATOM   877  C  CG  . PHE A 1 114 ? -5.349  -7.267  -9.225  1.00 17.23  ? 114 PHE A CG  1 
ATOM   878  C  CD1 . PHE A 1 114 ? -4.645  -7.951  -8.244  1.00 24.84  ? 114 PHE A CD1 1 
ATOM   879  C  CD2 . PHE A 1 114 ? -6.583  -6.716  -8.877  1.00 22.29  ? 114 PHE A CD2 1 
ATOM   880  C  CE1 . PHE A 1 114 ? -5.144  -8.002  -6.942  1.00 25.81  ? 114 PHE A CE1 1 
ATOM   881  C  CE2 . PHE A 1 114 ? -7.115  -6.756  -7.585  1.00 23.49  ? 114 PHE A CE2 1 
ATOM   882  C  CZ  . PHE A 1 114 ? -6.364  -7.419  -6.615  1.00 22.87  ? 114 PHE A CZ  1 
ATOM   883  N  N   . THR A 1 115 ? -4.166  -9.361  -13.545 1.00 16.33  ? 115 THR A N   1 
ATOM   884  C  CA  . THR A 1 115 ? -3.922  -9.320  -14.960 1.00 18.65  ? 115 THR A CA  1 
ATOM   885  C  C   . THR A 1 115 ? -4.901  -8.570  -15.800 1.00 22.36  ? 115 THR A C   1 
ATOM   886  O  O   . THR A 1 115 ? -4.586  -7.713  -16.619 1.00 18.79  ? 115 THR A O   1 
ATOM   887  C  CB  . THR A 1 115 ? -3.939  -10.776 -15.474 1.00 27.93  ? 115 THR A CB  1 
ATOM   888  O  OG1 . THR A 1 115 ? -2.887  -11.421 -14.824 1.00 27.54  ? 115 THR A OG1 1 
ATOM   889  C  CG2 . THR A 1 115 ? -3.632  -10.734 -16.944 1.00 34.65  ? 115 THR A CG2 1 
ATOM   890  N  N   . ASN A 1 116 ? -6.110  -9.010  -15.630 1.00 15.46  ? 116 ASN A N   1 
ATOM   891  C  CA  . ASN A 1 116 ? -7.174  -8.385  -16.372 1.00 16.67  ? 116 ASN A CA  1 
ATOM   892  C  C   . ASN A 1 116 ? -7.350  -6.892  -16.074 1.00 17.91  ? 116 ASN A C   1 
ATOM   893  O  O   . ASN A 1 116 ? -7.643  -6.075  -16.969 1.00 12.47  ? 116 ASN A O   1 
ATOM   894  C  CB  . ASN A 1 116 ? -8.522  -9.214  -16.321 1.00 24.48  ? 116 ASN A CB  1 
ATOM   895  C  CG  . ASN A 1 116 ? -8.279  -10.655 -16.804 1.00 45.76  ? 116 ASN A CG  1 
ATOM   896  O  OD1 . ASN A 1 116 ? -7.425  -10.861 -17.674 1.00 46.82  ? 116 ASN A OD1 1 
ATOM   897  N  ND2 . ASN A 1 116 ? -8.892  -11.682 -16.205 1.00 27.35  ? 116 ASN A ND2 1 
ATOM   898  N  N   . SER A 1 117 ? -7.245  -6.509  -14.821 1.00 12.71  ? 117 SER A N   1 
ATOM   899  C  CA  . SER A 1 117 ? -7.411  -5.078  -14.448 1.00 13.38  ? 117 SER A CA  1 
ATOM   900  C  C   . SER A 1 117 ? -6.253  -4.282  -14.989 1.00 13.17  ? 117 SER A C   1 
ATOM   901  O  O   . SER A 1 117 ? -6.433  -3.132  -15.461 1.00 13.97  ? 117 SER A O   1 
ATOM   902  C  CB  . SER A 1 117 ? -7.343  -4.887  -12.958 1.00 12.80  ? 117 SER A CB  1 
ATOM   903  O  OG  . SER A 1 117 ? -8.621  -5.234  -12.464 1.00 22.94  ? 117 SER A OG  1 
ATOM   904  N  N   . LEU A 1 118 ? -5.088  -4.913  -14.886 1.00 11.85  ? 118 LEU A N   1 
ATOM   905  C  CA  . LEU A 1 118 ? -3.882  -4.277  -15.455 1.00 15.21  ? 118 LEU A CA  1 
ATOM   906  C  C   . LEU A 1 118 ? -4.087  -3.881  -16.922 1.00 13.84  ? 118 LEU A C   1 
ATOM   907  O  O   . LEU A 1 118 ? -3.745  -2.780  -17.410 1.00 16.11  ? 118 LEU A O   1 
ATOM   908  C  CB  . LEU A 1 118 ? -2.593  -5.102  -15.273 1.00 15.26  ? 118 LEU A CB  1 
ATOM   909  C  CG  . LEU A 1 118 ? -2.086  -5.262  -13.816 1.00 21.59  ? 118 LEU A CG  1 
ATOM   910  C  CD1 . LEU A 1 118 ? -1.007  -6.333  -13.708 1.00 21.31  ? 118 LEU A CD1 1 
ATOM   911  C  CD2 . LEU A 1 118 ? -1.535  -3.937  -13.225 1.00 19.26  ? 118 LEU A CD2 1 
ATOM   912  N  N   . ARG A 1 119 ? -4.613  -4.813  -17.707 1.00 12.62  ? 119 ARG A N   1 
ATOM   913  C  CA  . ARG A 1 119 ? -4.816  -4.534  -19.098 1.00 17.17  ? 119 ARG A CA  1 
ATOM   914  C  C   . ARG A 1 119 ? -5.820  -3.448  -19.384 1.00 18.36  ? 119 ARG A C   1 
ATOM   915  O  O   . ARG A 1 119 ? -5.633  -2.631  -20.314 1.00 14.96  ? 119 ARG A O   1 
ATOM   916  C  CB  . ARG A 1 119 ? -5.272  -5.816  -19.744 1.00 14.39  ? 119 ARG A CB  1 
ATOM   917  C  CG  . ARG A 1 119 ? -5.433  -5.686  -21.248 1.00 27.22  ? 119 ARG A CG  1 
ATOM   918  C  CD  . ARG A 1 119 ? -5.982  -7.010  -21.833 1.00 100.00 ? 119 ARG A CD  1 
ATOM   919  N  NE  . ARG A 1 119 ? -6.328  -8.045  -20.825 1.00 100.00 ? 119 ARG A NE  1 
ATOM   920  C  CZ  . ARG A 1 119 ? -7.564  -8.255  -20.327 1.00 100.00 ? 119 ARG A CZ  1 
ATOM   921  N  NH1 . ARG A 1 119 ? -8.639  -7.539  -20.704 1.00 100.00 ? 119 ARG A NH1 1 
ATOM   922  N  NH2 . ARG A 1 119 ? -7.723  -9.223  -19.421 1.00 100.00 ? 119 ARG A NH2 1 
ATOM   923  N  N   . MET A 1 120 ? -6.936  -3.443  -18.576 1.00 15.04  ? 120 MET A N   1 
ATOM   924  C  CA  . MET A 1 120 ? -7.971  -2.452  -18.755 1.00 12.21  ? 120 MET A CA  1 
ATOM   925  C  C   . MET A 1 120 ? -7.381  -1.123  -18.365 1.00 12.95  ? 120 MET A C   1 
ATOM   926  O  O   . MET A 1 120 ? -7.664  -0.109  -18.979 1.00 16.75  ? 120 MET A O   1 
ATOM   927  C  CB  . MET A 1 120 ? -9.206  -2.772  -17.844 1.00 10.59  ? 120 MET A CB  1 
ATOM   928  C  CG  . MET A 1 120 ? -10.162 -3.723  -18.601 1.00 25.14  ? 120 MET A CG  1 
ATOM   929  S  SD  . MET A 1 120 ? -11.198 -4.456  -17.296 1.00 33.82  ? 120 MET A SD  1 
ATOM   930  C  CE  . MET A 1 120 ? -11.691 -6.162  -17.700 1.00 43.74  ? 120 MET A CE  1 
ATOM   931  N  N   . LEU A 1 121 ? -6.570  -1.103  -17.329 1.00 12.17  ? 121 LEU A N   1 
ATOM   932  C  CA  . LEU A 1 121 ? -6.011  0.222   -16.990 1.00 16.48  ? 121 LEU A CA  1 
ATOM   933  C  C   . LEU A 1 121 ? -5.097  0.715   -18.159 1.00 13.25  ? 121 LEU A C   1 
ATOM   934  O  O   . LEU A 1 121 ? -5.083  1.874   -18.502 1.00 12.56  ? 121 LEU A O   1 
ATOM   935  C  CB  . LEU A 1 121 ? -5.190  0.201   -15.699 1.00 11.04  ? 121 LEU A CB  1 
ATOM   936  C  CG  . LEU A 1 121 ? -6.023  -0.146  -14.488 1.00 16.22  ? 121 LEU A CG  1 
ATOM   937  C  CD1 . LEU A 1 121 ? -5.042  -0.351  -13.324 1.00 19.91  ? 121 LEU A CD1 1 
ATOM   938  C  CD2 . LEU A 1 121 ? -6.892  1.059   -14.125 1.00 13.05  ? 121 LEU A CD2 1 
ATOM   939  N  N   . GLN A 1 122 ? -4.304  -0.212  -18.691 1.00 10.84  ? 122 GLN A N   1 
ATOM   940  C  CA  . GLN A 1 122 ? -3.393  0.178   -19.745 1.00 15.91  ? 122 GLN A CA  1 
ATOM   941  C  C   . GLN A 1 122 ? -4.212  0.722   -20.924 1.00 23.42  ? 122 GLN A C   1 
ATOM   942  O  O   . GLN A 1 122 ? -3.802  1.679   -21.618 1.00 17.48  ? 122 GLN A O   1 
ATOM   943  C  CB  . GLN A 1 122 ? -2.570  -1.005  -20.247 1.00 14.27  ? 122 GLN A CB  1 
ATOM   944  C  CG  . GLN A 1 122 ? -1.361  -0.520  -21.077 1.00 26.05  ? 122 GLN A CG  1 
ATOM   945  C  CD  . GLN A 1 122 ? -0.326  -1.613  -21.169 1.00 77.74  ? 122 GLN A CD  1 
ATOM   946  O  OE1 . GLN A 1 122 ? -0.493  -2.687  -20.548 1.00 97.25  ? 122 GLN A OE1 1 
ATOM   947  N  NE2 . GLN A 1 122 ? 0.724   -1.337  -21.961 1.00 100.00 ? 122 GLN A NE2 1 
ATOM   948  N  N   . GLN A 1 123 ? -5.371  0.072   -21.182 1.00 17.59  ? 123 GLN A N   1 
ATOM   949  C  CA  . GLN A 1 123 ? -6.174  0.559   -22.269 1.00 18.10  ? 123 GLN A CA  1 
ATOM   950  C  C   . GLN A 1 123 ? -6.993  1.774   -21.891 1.00 23.98  ? 123 GLN A C   1 
ATOM   951  O  O   . GLN A 1 123 ? -7.721  2.188   -22.796 1.00 22.83  ? 123 GLN A O   1 
ATOM   952  C  CB  . GLN A 1 123 ? -7.147  -0.502  -22.696 1.00 15.13  ? 123 GLN A CB  1 
ATOM   953  C  CG  . GLN A 1 123 ? -6.323  -1.696  -23.106 1.00 22.60  ? 123 GLN A CG  1 
ATOM   954  C  CD  . GLN A 1 123 ? -7.280  -2.795  -23.524 1.00 36.99  ? 123 GLN A CD  1 
ATOM   955  O  OE1 . GLN A 1 123 ? -7.604  -2.870  -24.692 1.00 51.37  ? 123 GLN A OE1 1 
ATOM   956  N  NE2 . GLN A 1 123 ? -7.841  -3.547  -22.584 1.00 37.09  ? 123 GLN A NE2 1 
ATOM   957  N  N   . LYS A 1 124 ? -6.966  2.281   -20.621 1.00 13.62  ? 124 LYS A N   1 
ATOM   958  C  CA  . LYS A 1 124 ? -7.728  3.465   -20.219 1.00 15.68  ? 124 LYS A CA  1 
ATOM   959  C  C   . LYS A 1 124 ? -9.220  3.214   -20.241 1.00 18.38  ? 124 LYS A C   1 
ATOM   960  O  O   . LYS A 1 124 ? -10.043 4.127   -20.495 1.00 15.91  ? 124 LYS A O   1 
ATOM   961  C  CB  . LYS A 1 124 ? -7.408  4.767   -21.047 1.00 15.46  ? 124 LYS A CB  1 
ATOM   962  C  CG  . LYS A 1 124 ? -5.883  5.040   -20.963 1.00 17.79  ? 124 LYS A CG  1 
ATOM   963  C  CD  . LYS A 1 124 ? -5.379  6.491   -21.119 1.00 19.40  ? 124 LYS A CD  1 
ATOM   964  C  CE  . LYS A 1 124 ? -3.849  6.661   -20.985 1.00 12.74  ? 124 LYS A CE  1 
ATOM   965  N  NZ  . LYS A 1 124 ? -3.367  6.511   -19.608 1.00 17.53  ? 124 LYS A NZ  1 
ATOM   966  N  N   . ARG A 1 125 ? -9.570  1.970   -19.965 1.00 14.46  ? 125 ARG A N   1 
ATOM   967  C  CA  . ARG A 1 125 ? -11.005 1.610   -19.877 1.00 14.39  ? 125 ARG A CA  1 
ATOM   968  C  C   . ARG A 1 125 ? -11.357 1.653   -18.370 1.00 14.44  ? 125 ARG A C   1 
ATOM   969  O  O   . ARG A 1 125 ? -11.411 0.620   -17.688 1.00 14.00  ? 125 ARG A O   1 
ATOM   970  C  CB  . ARG A 1 125 ? -11.227 0.188   -20.469 1.00 12.46  ? 125 ARG A CB  1 
ATOM   971  C  CG  . ARG A 1 125 ? -10.928 0.152   -21.928 1.00 17.25  ? 125 ARG A CG  1 
ATOM   972  C  CD  . ARG A 1 125 ? -10.837 -1.326  -22.302 1.00 29.05  ? 125 ARG A CD  1 
ATOM   973  N  NE  . ARG A 1 125 ? -10.744 -1.415  -23.728 1.00 98.20  ? 125 ARG A NE  1 
ATOM   974  C  CZ  . ARG A 1 125 ? -11.455 -2.285  -24.386 1.00 100.00 ? 125 ARG A CZ  1 
ATOM   975  N  NH1 . ARG A 1 125 ? -12.276 -3.128  -23.722 1.00 97.67  ? 125 ARG A NH1 1 
ATOM   976  N  NH2 . ARG A 1 125 ? -11.308 -2.285  -25.724 1.00 43.11  ? 125 ARG A NH2 1 
ATOM   977  N  N   . TRP A 1 126 ? -11.524 2.892   -17.861 1.00 16.30  ? 126 TRP A N   1 
ATOM   978  C  CA  . TRP A 1 126 ? -11.678 3.158   -16.448 1.00 14.97  ? 126 TRP A CA  1 
ATOM   979  C  C   . TRP A 1 126 ? -12.816 2.482   -15.750 1.00 21.75  ? 126 TRP A C   1 
ATOM   980  O  O   . TRP A 1 126 ? -12.633 1.881   -14.698 1.00 15.27  ? 126 TRP A O   1 
ATOM   981  C  CB  . TRP A 1 126 ? -11.588 4.643   -16.112 1.00 6.71   ? 126 TRP A CB  1 
ATOM   982  C  CG  . TRP A 1 126 ? -10.489 5.389   -16.886 1.00 11.35  ? 126 TRP A CG  1 
ATOM   983  C  CD1 . TRP A 1 126 ? -10.717 6.480   -17.749 1.00 13.01  ? 126 TRP A CD1 1 
ATOM   984  C  CD2 . TRP A 1 126 ? -9.070  5.169   -16.882 1.00 11.87  ? 126 TRP A CD2 1 
ATOM   985  N  NE1 . TRP A 1 126 ? -9.503  6.947   -18.188 1.00 9.99   ? 126 TRP A NE1 1 
ATOM   986  C  CE2 . TRP A 1 126 ? -8.486  6.180   -17.679 1.00 9.33   ? 126 TRP A CE2 1 
ATOM   987  C  CE3 . TRP A 1 126 ? -8.212  4.251   -16.238 1.00 11.81  ? 126 TRP A CE3 1 
ATOM   988  C  CZ2 . TRP A 1 126 ? -7.080  6.277   -17.840 1.00 10.21  ? 126 TRP A CZ2 1 
ATOM   989  C  CZ3 . TRP A 1 126 ? -6.837  4.324   -16.386 1.00 11.16  ? 126 TRP A CZ3 1 
ATOM   990  C  CH2 . TRP A 1 126 ? -6.271  5.341   -17.197 1.00 13.01  ? 126 TRP A CH2 1 
ATOM   991  N  N   . ASP A 1 127 ? -13.999 2.586   -16.295 1.00 14.18  ? 127 ASP A N   1 
ATOM   992  C  CA  . ASP A 1 127 ? -15.151 1.958   -15.613 1.00 16.08  ? 127 ASP A CA  1 
ATOM   993  C  C   . ASP A 1 127 ? -15.095 0.440   -15.607 1.00 16.80  ? 127 ASP A C   1 
ATOM   994  O  O   . ASP A 1 127 ? -15.447 -0.245  -14.633 1.00 18.36  ? 127 ASP A O   1 
ATOM   995  C  CB  . ASP A 1 127 ? -16.393 2.473   -16.307 1.00 19.94  ? 127 ASP A CB  1 
ATOM   996  C  CG  . ASP A 1 127 ? -16.648 3.918   -15.917 1.00 28.54  ? 127 ASP A CG  1 
ATOM   997  O  OD1 . ASP A 1 127 ? -15.863 4.687   -15.444 1.00 42.96  ? 127 ASP A OD1 1 
ATOM   998  O  OD2 . ASP A 1 127 ? -17.831 4.272   -16.180 1.00 31.26  ? 127 ASP A OD2 1 
ATOM   999  N  N   . GLU A 1 128 ? -14.559 -0.101  -16.691 1.00 13.17  ? 128 GLU A N   1 
ATOM   1000 C  CA  . GLU A 1 128 ? -14.425 -1.533  -16.741 1.00 13.67  ? 128 GLU A CA  1 
ATOM   1001 C  C   . GLU A 1 128 ? -13.400 -2.017  -15.750 1.00 17.95  ? 128 GLU A C   1 
ATOM   1002 O  O   . GLU A 1 128 ? -13.562 -3.074  -15.100 1.00 16.67  ? 128 GLU A O   1 
ATOM   1003 C  CB  . GLU A 1 128 ? -13.953 -1.933  -18.126 1.00 12.78  ? 128 GLU A CB  1 
ATOM   1004 C  CG  . GLU A 1 128 ? -15.102 -1.827  -19.145 1.00 18.89  ? 128 GLU A CG  1 
ATOM   1005 C  CD  . GLU A 1 128 ? -14.575 -1.530  -20.560 1.00 55.01  ? 128 GLU A CD  1 
ATOM   1006 O  OE1 . GLU A 1 128 ? -13.592 -2.085  -21.055 1.00 100.00 ? 128 GLU A OE1 1 
ATOM   1007 O  OE2 . GLU A 1 128 ? -15.321 -0.678  -21.232 1.00 72.11  ? 128 GLU A OE2 1 
ATOM   1008 N  N   . ALA A 1 129 ? -12.269 -1.276  -15.680 1.00 15.81  ? 129 ALA A N   1 
ATOM   1009 C  CA  . ALA A 1 129 ? -11.253 -1.675  -14.720 1.00 10.85  ? 129 ALA A CA  1 
ATOM   1010 C  C   . ALA A 1 129 ? -11.805 -1.666  -13.278 1.00 13.69  ? 129 ALA A C   1 
ATOM   1011 O  O   . ALA A 1 129 ? -11.549 -2.540  -12.435 1.00 13.54  ? 129 ALA A O   1 
ATOM   1012 C  CB  . ALA A 1 129 ? -10.049 -0.746  -14.781 1.00 12.69  ? 129 ALA A CB  1 
ATOM   1013 N  N   . ALA A 1 130 ? -12.605 -0.661  -13.001 1.00 14.49  ? 130 ALA A N   1 
ATOM   1014 C  CA  . ALA A 1 130 ? -13.205 -0.432  -11.702 1.00 13.86  ? 130 ALA A CA  1 
ATOM   1015 C  C   . ALA A 1 130 ? -14.076 -1.616  -11.301 1.00 17.25  ? 130 ALA A C   1 
ATOM   1016 O  O   . ALA A 1 130 ? -14.102 -2.109  -10.165 1.00 17.57  ? 130 ALA A O   1 
ATOM   1017 C  CB  . ALA A 1 130 ? -13.899 0.970   -11.609 1.00 13.71  ? 130 ALA A CB  1 
ATOM   1018 N  N   . VAL A 1 131 ? -14.846 -2.062  -12.239 1.00 11.08  ? 131 VAL A N   1 
ATOM   1019 C  CA  . VAL A 1 131 ? -15.657 -3.192  -11.925 1.00 16.96  ? 131 VAL A CA  1 
ATOM   1020 C  C   . VAL A 1 131 ? -14.826 -4.443  -11.749 1.00 16.96  ? 131 VAL A C   1 
ATOM   1021 O  O   . VAL A 1 131 ? -15.068 -5.258  -10.900 1.00 14.37  ? 131 VAL A O   1 
ATOM   1022 C  CB  . VAL A 1 131 ? -16.582 -3.434  -13.108 1.00 26.77  ? 131 VAL A CB  1 
ATOM   1023 C  CG1 . VAL A 1 131 ? -17.188 -4.808  -13.014 1.00 31.71  ? 131 VAL A CG1 1 
ATOM   1024 C  CG2 . VAL A 1 131 ? -17.687 -2.417  -13.059 1.00 24.01  ? 131 VAL A CG2 1 
ATOM   1025 N  N   . ASN A 1 132 ? -13.815 -4.615  -12.580 1.00 14.70  ? 132 ASN A N   1 
ATOM   1026 C  CA  . ASN A 1 132 ? -13.033 -5.806  -12.387 1.00 11.24  ? 132 ASN A CA  1 
ATOM   1027 C  C   . ASN A 1 132 ? -12.242 -5.731  -11.096 1.00 14.58  ? 132 ASN A C   1 
ATOM   1028 O  O   . ASN A 1 132 ? -11.990 -6.712  -10.402 1.00 10.69  ? 132 ASN A O   1 
ATOM   1029 C  CB  . ASN A 1 132 ? -12.038 -5.935  -13.577 1.00 15.97  ? 132 ASN A CB  1 
ATOM   1030 C  CG  . ASN A 1 132 ? -11.226 -7.231  -13.550 1.00 16.73  ? 132 ASN A CG  1 
ATOM   1031 O  OD1 . ASN A 1 132 ? -10.102 -7.359  -12.987 1.00 14.22  ? 132 ASN A OD1 1 
ATOM   1032 N  ND2 . ASN A 1 132 ? -11.877 -8.310  -14.008 1.00 14.40  ? 132 ASN A ND2 1 
ATOM   1033 N  N   . LEU A 1 133 ? -11.738 -4.543  -10.762 1.00 10.83  ? 133 LEU A N   1 
ATOM   1034 C  CA  . LEU A 1 133 ? -10.947 -4.509  -9.557  1.00 12.63  ? 133 LEU A CA  1 
ATOM   1035 C  C   . LEU A 1 133 ? -11.726 -4.898  -8.268  1.00 21.61  ? 133 LEU A C   1 
ATOM   1036 O  O   . LEU A 1 133 ? -11.128 -5.360  -7.233  1.00 16.98  ? 133 LEU A O   1 
ATOM   1037 C  CB  . LEU A 1 133 ? -10.412 -3.058  -9.284  1.00 9.72   ? 133 LEU A CB  1 
ATOM   1038 C  CG  . LEU A 1 133 ? -9.160  -2.652  -10.078 1.00 14.48  ? 133 LEU A CG  1 
ATOM   1039 C  CD1 . LEU A 1 133 ? -8.958  -1.137  -9.927  1.00 14.75  ? 133 LEU A CD1 1 
ATOM   1040 C  CD2 . LEU A 1 133 ? -7.963  -3.386  -9.509  1.00 15.32  ? 133 LEU A CD2 1 
ATOM   1041 N  N   . ALA A 1 134 ? -13.029 -4.658  -8.281  1.00 13.88  ? 134 ALA A N   1 
ATOM   1042 C  CA  . ALA A 1 134 ? -13.893 -4.927  -7.089  1.00 13.79  ? 134 ALA A CA  1 
ATOM   1043 C  C   . ALA A 1 134 ? -14.174 -6.386  -6.877  1.00 16.53  ? 134 ALA A C   1 
ATOM   1044 O  O   . ALA A 1 134 ? -14.652 -6.781  -5.813  1.00 18.25  ? 134 ALA A O   1 
ATOM   1045 C  CB  . ALA A 1 134 ? -15.224 -4.231  -7.299  1.00 15.80  ? 134 ALA A CB  1 
ATOM   1046 N  N   . LYS A 1 135 ? -13.956 -7.183  -7.945  1.00 12.67  ? 135 LYS A N   1 
ATOM   1047 C  CA  . LYS A 1 135 ? -14.176 -8.638  -7.908  1.00 13.28  ? 135 LYS A CA  1 
ATOM   1048 C  C   . LYS A 1 135 ? -12.894 -9.318  -7.342  1.00 14.32  ? 135 LYS A C   1 
ATOM   1049 O  O   . LYS A 1 135 ? -12.099 -9.977  -8.014  1.00 19.53  ? 135 LYS A O   1 
ATOM   1050 C  CB  . LYS A 1 135 ? -14.598 -9.229  -9.274  1.00 12.21  ? 135 LYS A CB  1 
ATOM   1051 C  CG  . LYS A 1 135 ? -15.840 -8.666  -9.987  1.00 21.63  ? 135 LYS A CG  1 
ATOM   1052 C  CD  . LYS A 1 135 ? -15.822 -9.399  -11.329 1.00 30.51  ? 135 LYS A CD  1 
ATOM   1053 C  CE  . LYS A 1 135 ? -16.742 -9.081  -12.528 1.00 59.30  ? 135 LYS A CE  1 
ATOM   1054 N  NZ  . LYS A 1 135 ? -16.463 -9.986  -13.700 1.00 87.80  ? 135 LYS A NZ  1 
ATOM   1055 N  N   . SER A 1 136 ? -12.626 -9.053  -6.080  1.00 10.18  ? 136 SER A N   1 
ATOM   1056 C  CA  . SER A 1 136 ? -11.399 -9.512  -5.485  1.00 12.23  ? 136 SER A CA  1 
ATOM   1057 C  C   . SER A 1 136 ? -11.534 -9.689  -4.005  1.00 15.65  ? 136 SER A C   1 
ATOM   1058 O  O   . SER A 1 136 ? -12.374 -9.095  -3.308  1.00 15.30  ? 136 SER A O   1 
ATOM   1059 C  CB  . SER A 1 136 ? -10.317 -8.450  -5.730  1.00 12.46  ? 136 SER A CB  1 
ATOM   1060 O  OG  . SER A 1 136 ? -10.725 -7.174  -5.110  1.00 11.45  ? 136 SER A OG  1 
ATOM   1061 N  N   . ARG A 1 137 ? -10.650 -10.490 -3.465  1.00 11.86  ? 137 ARG A N   1 
ATOM   1062 C  CA  . ARG A 1 137 ? -10.720 -10.631 -2.035  1.00 13.74  ? 137 ARG A CA  1 
ATOM   1063 C  C   . ARG A 1 137 ? -10.382 -9.307  -1.389  1.00 18.13  ? 137 ARG A C   1 
ATOM   1064 O  O   . ARG A 1 137 ? -10.939 -8.932  -0.347  1.00 13.36  ? 137 ARG A O   1 
ATOM   1065 C  CB  . ARG A 1 137 ? -9.615  -11.599 -1.582  1.00 13.93  ? 137 ARG A CB  1 
ATOM   1066 C  CG  . ARG A 1 137 ? -9.484  -11.565 -0.060  1.00 15.25  ? 137 ARG A CG  1 
ATOM   1067 C  CD  . ARG A 1 137 ? -8.416  -12.586 0.340   1.00 21.83  ? 137 ARG A CD  1 
ATOM   1068 N  NE  . ARG A 1 137 ? -8.470  -12.926 1.759   1.00 27.39  ? 137 ARG A NE  1 
ATOM   1069 C  CZ  . ARG A 1 137 ? -7.885  -12.262 2.762   1.00 70.39  ? 137 ARG A CZ  1 
ATOM   1070 N  NH1 . ARG A 1 137 ? -7.181  -11.184 2.537   1.00 21.96  ? 137 ARG A NH1 1 
ATOM   1071 N  NH2 . ARG A 1 137 ? -7.993  -12.684 4.040   1.00 43.45  ? 137 ARG A NH2 1 
ATOM   1072 N  N   . TRP A 1 138 ? -9.396  -8.601  -1.960  1.00 12.33  ? 138 TRP A N   1 
ATOM   1073 C  CA  . TRP A 1 138 ? -8.961  -7.271  -1.443  1.00 9.45   ? 138 TRP A CA  1 
ATOM   1074 C  C   . TRP A 1 138 ? -10.164 -6.366  -1.190  1.00 13.45  ? 138 TRP A C   1 
ATOM   1075 O  O   . TRP A 1 138 ? -10.323 -5.778  -0.132  1.00 15.90  ? 138 TRP A O   1 
ATOM   1076 C  CB  . TRP A 1 138 ? -8.211  -6.624  -2.636  1.00 14.74  ? 138 TRP A CB  1 
ATOM   1077 C  CG  . TRP A 1 138 ? -7.910  -5.115  -2.452  1.00 14.65  ? 138 TRP A CG  1 
ATOM   1078 C  CD1 . TRP A 1 138 ? -7.210  -4.537  -1.418  1.00 17.11  ? 138 TRP A CD1 1 
ATOM   1079 C  CD2 . TRP A 1 138 ? -8.065  -4.064  -3.456  1.00 8.90   ? 138 TRP A CD2 1 
ATOM   1080 N  NE1 . TRP A 1 138 ? -6.991  -3.177  -1.662  1.00 12.65  ? 138 TRP A NE1 1 
ATOM   1081 C  CE2 . TRP A 1 138 ? -7.488  -2.876  -2.903  1.00 11.33  ? 138 TRP A CE2 1 
ATOM   1082 C  CE3 . TRP A 1 138 ? -8.641  -4.037  -4.702  1.00 12.67  ? 138 TRP A CE3 1 
ATOM   1083 C  CZ2 . TRP A 1 138 ? -7.512  -1.625  -3.560  1.00 11.96  ? 138 TRP A CZ2 1 
ATOM   1084 C  CZ3 . TRP A 1 138 ? -8.642  -2.814  -5.377  1.00 16.96  ? 138 TRP A CZ3 1 
ATOM   1085 C  CH2 . TRP A 1 138 ? -8.112  -1.613  -4.816  1.00 17.36  ? 138 TRP A CH2 1 
ATOM   1086 N  N   . TYR A 1 139 ? -11.081 -6.301  -2.160  1.00 10.01  ? 139 TYR A N   1 
ATOM   1087 C  CA  . TYR A 1 139 ? -12.209 -5.440  -2.006  1.00 11.72  ? 139 TYR A CA  1 
ATOM   1088 C  C   . TYR A 1 139 ? -13.171 -5.924  -0.939  1.00 25.37  ? 139 TYR A C   1 
ATOM   1089 O  O   . TYR A 1 139 ? -13.765 -5.134  -0.210  1.00 16.39  ? 139 TYR A O   1 
ATOM   1090 C  CB  . TYR A 1 139 ? -12.954 -5.459  -3.334  1.00 13.95  ? 139 TYR A CB  1 
ATOM   1091 C  CG  . TYR A 1 139 ? -14.222 -4.662  -3.303  1.00 19.84  ? 139 TYR A CG  1 
ATOM   1092 C  CD1 . TYR A 1 139 ? -14.142 -3.300  -3.591  1.00 22.71  ? 139 TYR A CD1 1 
ATOM   1093 C  CD2 . TYR A 1 139 ? -15.463 -5.246  -3.064  1.00 21.94  ? 139 TYR A CD2 1 
ATOM   1094 C  CE1 . TYR A 1 139 ? -15.272 -2.493  -3.606  1.00 28.03  ? 139 TYR A CE1 1 
ATOM   1095 C  CE2 . TYR A 1 139 ? -16.613 -4.450  -3.091  1.00 28.14  ? 139 TYR A CE2 1 
ATOM   1096 C  CZ  . TYR A 1 139 ? -16.516 -3.076  -3.365  1.00 56.31  ? 139 TYR A CZ  1 
ATOM   1097 O  OH  . TYR A 1 139 ? -17.626 -2.237  -3.410  1.00 63.82  ? 139 TYR A OH  1 
ATOM   1098 N  N   . ASN A 1 140 ? -13.390 -7.245  -0.897  1.00 13.41  ? 140 ASN A N   1 
ATOM   1099 C  CA  . ASN A 1 140 ? -14.333 -7.775  0.122   1.00 12.45  ? 140 ASN A CA  1 
ATOM   1100 C  C   . ASN A 1 140 ? -13.774 -7.685  1.542   1.00 14.74  ? 140 ASN A C   1 
ATOM   1101 O  O   . ASN A 1 140 ? -14.538 -7.471  2.464   1.00 20.80  ? 140 ASN A O   1 
ATOM   1102 C  CB  . ASN A 1 140 ? -14.641 -9.235  -0.225  1.00 15.73  ? 140 ASN A CB  1 
ATOM   1103 C  CG  . ASN A 1 140 ? -15.529 -9.335  -1.402  1.00 23.38  ? 140 ASN A CG  1 
ATOM   1104 O  OD1 . ASN A 1 140 ? -15.126 -9.601  -2.557  1.00 21.94  ? 140 ASN A OD1 1 
ATOM   1105 N  ND2 . ASN A 1 140 ? -16.772 -9.101  -1.075  1.00 23.69  ? 140 ASN A ND2 1 
ATOM   1106 N  N   . GLN A 1 141 ? -12.454 -7.769  1.728   1.00 11.86  ? 141 GLN A N   1 
ATOM   1107 C  CA  . GLN A 1 141 ? -11.881 -7.655  3.045   1.00 12.59  ? 141 GLN A CA  1 
ATOM   1108 C  C   . GLN A 1 141 ? -11.703 -6.204  3.519   1.00 24.17  ? 141 GLN A C   1 
ATOM   1109 O  O   . GLN A 1 141 ? -11.833 -5.977  4.734   1.00 18.63  ? 141 GLN A O   1 
ATOM   1110 C  CB  . GLN A 1 141 ? -10.464 -8.325  3.166   1.00 16.88  ? 141 GLN A CB  1 
ATOM   1111 C  CG  . GLN A 1 141 ? -10.515 -9.854  2.911   1.00 29.51  ? 141 GLN A CG  1 
ATOM   1112 C  CD  . GLN A 1 141 ? -11.550 -10.617 3.757   1.00 47.32  ? 141 GLN A CD  1 
ATOM   1113 O  OE1 . GLN A 1 141 ? -12.469 -11.326 3.266   1.00 24.98  ? 141 GLN A OE1 1 
ATOM   1114 N  NE2 . GLN A 1 141 ? -11.442 -10.414 5.069   1.00 20.41  ? 141 GLN A NE2 1 
ATOM   1115 N  N   . THR A 1 142 ? -11.354 -5.212  2.639   1.00 14.49  ? 142 THR A N   1 
ATOM   1116 C  CA  . THR A 1 142 ? -11.173 -3.797  3.094   1.00 5.78   ? 142 THR A CA  1 
ATOM   1117 C  C   . THR A 1 142 ? -11.913 -3.010  2.102   1.00 11.16  ? 142 THR A C   1 
ATOM   1118 O  O   . THR A 1 142 ? -11.359 -2.347  1.291   1.00 10.92  ? 142 THR A O   1 
ATOM   1119 C  CB  . THR A 1 142 ? -9.671  -3.438  3.153   1.00 12.78  ? 142 THR A CB  1 
ATOM   1120 O  OG1 . THR A 1 142 ? -8.978  -3.756  1.927   1.00 16.15  ? 142 THR A OG1 1 
ATOM   1121 C  CG2 . THR A 1 142 ? -8.965  -4.312  4.208   1.00 13.77  ? 142 THR A CG2 1 
ATOM   1122 N  N   . PRO A 1 143 ? -13.186 -3.130  2.112   1.00 11.10  ? 143 PRO A N   1 
ATOM   1123 C  CA  . PRO A 1 143 ? -14.011 -2.478  1.094   1.00 12.50  ? 143 PRO A CA  1 
ATOM   1124 C  C   . PRO A 1 143 ? -13.908 -0.906  1.126   1.00 18.37  ? 143 PRO A C   1 
ATOM   1125 O  O   . PRO A 1 143 ? -13.932 -0.269  0.053   1.00 14.38  ? 143 PRO A O   1 
ATOM   1126 C  CB  . PRO A 1 143 ? -15.485 -2.878  1.426   1.00 11.30  ? 143 PRO A CB  1 
ATOM   1127 C  CG  . PRO A 1 143 ? -15.431 -3.448  2.860   1.00 8.77   ? 143 PRO A CG  1 
ATOM   1128 C  CD  . PRO A 1 143 ? -14.005 -3.909  3.087   1.00 12.12  ? 143 PRO A CD  1 
ATOM   1129 N  N   . ASN A 1 144 ? -13.843 -0.272  2.332   1.00 10.62  ? 144 ASN A N   1 
ATOM   1130 C  CA  . ASN A 1 144 ? -13.774 1.197   2.323   1.00 12.89  ? 144 ASN A CA  1 
ATOM   1131 C  C   . ASN A 1 144 ? -12.499 1.724   1.664   1.00 17.29  ? 144 ASN A C   1 
ATOM   1132 O  O   . ASN A 1 144 ? -12.527 2.653   0.890   1.00 14.43  ? 144 ASN A O   1 
ATOM   1133 C  CB  . ASN A 1 144 ? -13.967 1.828   3.691   1.00 13.83  ? 144 ASN A CB  1 
ATOM   1134 C  CG  . ASN A 1 144 ? -15.397 1.558   4.289   1.00 27.43  ? 144 ASN A CG  1 
ATOM   1135 O  OD1 . ASN A 1 144 ? -16.353 1.134   3.646   1.00 27.18  ? 144 ASN A OD1 1 
ATOM   1136 N  ND2 . ASN A 1 144 ? -15.624 1.944   5.518   1.00 31.50  ? 144 ASN A ND2 1 
ATOM   1137 N  N   . ARG A 1 145 ? -11.388 1.143   2.011   1.00 9.55   ? 145 ARG A N   1 
ATOM   1138 C  CA  . ARG A 1 145 ? -10.115 1.497   1.437   1.00 13.48  ? 145 ARG A CA  1 
ATOM   1139 C  C   . ARG A 1 145 ? -10.116 1.190   -0.073  1.00 13.21  ? 145 ARG A C   1 
ATOM   1140 O  O   . ARG A 1 145 ? -9.728  2.023   -0.928  1.00 15.24  ? 145 ARG A O   1 
ATOM   1141 C  CB  . ARG A 1 145 ? -8.971  0.714   2.064   1.00 12.38  ? 145 ARG A CB  1 
ATOM   1142 C  CG  . ARG A 1 145 ? -7.621  1.382   1.695   1.00 17.19  ? 145 ARG A CG  1 
ATOM   1143 C  CD  . ARG A 1 145 ? -6.537  0.425   1.793   1.00 25.37  ? 145 ARG A CD  1 
ATOM   1144 N  NE  . ARG A 1 145 ? -5.283  1.010   1.382   1.00 19.76  ? 145 ARG A NE  1 
ATOM   1145 C  CZ  . ARG A 1 145 ? -4.235  0.837   2.149   1.00 19.18  ? 145 ARG A CZ  1 
ATOM   1146 N  NH1 . ARG A 1 145 ? -4.356  0.170   3.273   1.00 13.63  ? 145 ARG A NH1 1 
ATOM   1147 N  NH2 . ARG A 1 145 ? -3.058  1.270   1.785   1.00 10.54  ? 145 ARG A NH2 1 
ATOM   1148 N  N   . ALA A 1 146 ? -10.548 -0.046  -0.453  1.00 13.86  ? 146 ALA A N   1 
ATOM   1149 C  CA  . ALA A 1 146 ? -10.567 -0.457  -1.847  1.00 9.88   ? 146 ALA A CA  1 
ATOM   1150 C  C   . ALA A 1 146 ? -11.435 0.481   -2.605  1.00 20.61  ? 146 ALA A C   1 
ATOM   1151 O  O   . ALA A 1 146 ? -11.062 0.811   -3.712  1.00 12.08  ? 146 ALA A O   1 
ATOM   1152 C  CB  . ALA A 1 146 ? -10.942 -1.924  -2.103  1.00 10.12  ? 146 ALA A CB  1 
ATOM   1153 N  N   . LYS A 1 147 ? -12.615 0.916   -2.085  1.00 16.63  ? 147 LYS A N   1 
ATOM   1154 C  CA  . LYS A 1 147 ? -13.461 1.878   -2.848  1.00 16.05  ? 147 LYS A CA  1 
ATOM   1155 C  C   . LYS A 1 147 ? -12.735 3.182   -3.149  1.00 12.90  ? 147 LYS A C   1 
ATOM   1156 O  O   . LYS A 1 147 ? -12.973 3.743   -4.235  1.00 14.05  ? 147 LYS A O   1 
ATOM   1157 C  CB  . LYS A 1 147 ? -14.726 2.311   -2.139  1.00 16.21  ? 147 LYS A CB  1 
ATOM   1158 C  CG  . LYS A 1 147 ? -15.584 1.097   -1.901  1.00 27.40  ? 147 LYS A CG  1 
ATOM   1159 C  CD  . LYS A 1 147 ? -16.988 1.464   -1.432  1.00 40.18  ? 147 LYS A CD  1 
ATOM   1160 C  CE  . LYS A 1 147 ? -17.644 0.339   -0.646  1.00 35.90  ? 147 LYS A CE  1 
ATOM   1161 N  NZ  . LYS A 1 147 ? -18.606 -0.437  -1.454  1.00 73.91  ? 147 LYS A NZ  1 
ATOM   1162 N  N   . ARG A 1 148 ? -11.971 3.683   -2.168  1.00 10.65  ? 148 ARG A N   1 
ATOM   1163 C  CA  . ARG A 1 148 ? -11.261 4.953   -2.356  1.00 12.27  ? 148 ARG A CA  1 
ATOM   1164 C  C   . ARG A 1 148 ? -10.230 4.802   -3.449  1.00 16.32  ? 148 ARG A C   1 
ATOM   1165 O  O   . ARG A 1 148 ? -10.116 5.679   -4.308  1.00 11.37  ? 148 ARG A O   1 
ATOM   1166 C  CB  . ARG A 1 148 ? -10.542 5.481   -1.122  1.00 11.97  ? 148 ARG A CB  1 
ATOM   1167 C  CG  . ARG A 1 148 ? -11.484 5.944   -0.023  1.00 11.79  ? 148 ARG A CG  1 
ATOM   1168 C  CD  . ARG A 1 148 ? -10.704 6.667   1.012   1.00 8.48   ? 148 ARG A CD  1 
ATOM   1169 N  NE  . ARG A 1 148 ? -9.910  5.772   1.902   1.00 13.87  ? 148 ARG A NE  1 
ATOM   1170 C  CZ  . ARG A 1 148 ? -10.376 5.141   3.003   1.00 23.76  ? 148 ARG A CZ  1 
ATOM   1171 N  NH1 . ARG A 1 148 ? -11.656 5.210   3.383   1.00 14.18  ? 148 ARG A NH1 1 
ATOM   1172 N  NH2 . ARG A 1 148 ? -9.551  4.400   3.723   1.00 13.59  ? 148 ARG A NH2 1 
ATOM   1173 N  N   . VAL A 1 149 ? -9.501  3.685   -3.445  1.00 10.68  ? 149 VAL A N   1 
ATOM   1174 C  CA  . VAL A 1 149 ? -8.412  3.488   -4.470  1.00 9.80   ? 149 VAL A CA  1 
ATOM   1175 C  C   . VAL A 1 149 ? -9.005  3.307   -5.860  1.00 14.79  ? 149 VAL A C   1 
ATOM   1176 O  O   . VAL A 1 149 ? -8.541  3.860   -6.861  1.00 13.37  ? 149 VAL A O   1 
ATOM   1177 C  CB  . VAL A 1 149 ? -7.567  2.296   -4.084  1.00 14.41  ? 149 VAL A CB  1 
ATOM   1178 C  CG1 . VAL A 1 149 ? -6.648  1.835   -5.242  1.00 12.95  ? 149 VAL A CG1 1 
ATOM   1179 C  CG2 . VAL A 1 149 ? -6.757  2.710   -2.863  1.00 14.75  ? 149 VAL A CG2 1 
ATOM   1180 N  N   . ILE A 1 150 ? -10.089 2.512   -5.895  1.00 11.54  ? 150 ILE A N   1 
ATOM   1181 C  CA  . ILE A 1 150 ? -10.846 2.235   -7.109  1.00 9.69   ? 150 ILE A CA  1 
ATOM   1182 C  C   . ILE A 1 150 ? -11.395 3.515   -7.739  1.00 19.73  ? 150 ILE A C   1 
ATOM   1183 O  O   . ILE A 1 150 ? -11.329 3.732   -8.935  1.00 14.94  ? 150 ILE A O   1 
ATOM   1184 C  CB  . ILE A 1 150 ? -11.961 1.169   -7.005  1.00 14.31  ? 150 ILE A CB  1 
ATOM   1185 C  CG1 . ILE A 1 150 ? -11.291 -0.187  -6.800  1.00 15.23  ? 150 ILE A CG1 1 
ATOM   1186 C  CG2 . ILE A 1 150 ? -12.750 1.080   -8.335  1.00 12.25  ? 150 ILE A CG2 1 
ATOM   1187 C  CD1 . ILE A 1 150 ? -12.306 -1.262  -6.457  1.00 15.13  ? 150 ILE A CD1 1 
ATOM   1188 N  N   . THR A 1 151 ? -11.991 4.379   -6.925  1.00 11.02  ? 151 THR A N   1 
ATOM   1189 C  CA  . THR A 1 151 ? -12.518 5.623   -7.439  1.00 14.38  ? 151 THR A CA  1 
ATOM   1190 C  C   . THR A 1 151 ? -11.413 6.482   -8.024  1.00 9.85   ? 151 THR A C   1 
ATOM   1191 O  O   . THR A 1 151 ? -11.653 7.260   -8.943  1.00 15.17  ? 151 THR A O   1 
ATOM   1192 C  CB  . THR A 1 151 ? -13.135 6.370   -6.261  1.00 16.44  ? 151 THR A CB  1 
ATOM   1193 O  OG1 . THR A 1 151 ? -14.305 5.655   -6.017  1.00 22.12  ? 151 THR A OG1 1 
ATOM   1194 C  CG2 . THR A 1 151 ? -13.553 7.814   -6.597  1.00 20.78  ? 151 THR A CG2 1 
ATOM   1195 N  N   . THR A 1 152 ? -10.261 6.422   -7.408  1.00 13.34  ? 152 THR A N   1 
ATOM   1196 C  CA  . THR A 1 152 ? -9.108  7.198   -7.821  1.00 18.30  ? 152 THR A CA  1 
ATOM   1197 C  C   . THR A 1 152 ? -8.682  6.696   -9.231  1.00 20.95  ? 152 THR A C   1 
ATOM   1198 O  O   . THR A 1 152 ? -8.460  7.491   -10.162 1.00 13.32  ? 152 THR A O   1 
ATOM   1199 C  CB  . THR A 1 152 ? -7.976  7.055   -6.803  1.00 11.81  ? 152 THR A CB  1 
ATOM   1200 O  OG1 . THR A 1 152 ? -8.392  7.504   -5.529  1.00 12.68  ? 152 THR A OG1 1 
ATOM   1201 C  CG2 . THR A 1 152 ? -6.710  7.861   -7.216  1.00 15.88  ? 152 THR A CG2 1 
ATOM   1202 N  N   . PHE A 1 153 ? -8.627  5.357   -9.420  1.00 13.23  ? 153 PHE A N   1 
ATOM   1203 C  CA  . PHE A 1 153 ? -8.298  4.855   -10.754 1.00 12.72  ? 153 PHE A CA  1 
ATOM   1204 C  C   . PHE A 1 153 ? -9.406  5.179   -11.730 1.00 13.73  ? 153 PHE A C   1 
ATOM   1205 O  O   . PHE A 1 153 ? -9.177  5.464   -12.912 1.00 16.95  ? 153 PHE A O   1 
ATOM   1206 C  CB  . PHE A 1 153 ? -8.230  3.323   -10.763 1.00 12.36  ? 153 PHE A CB  1 
ATOM   1207 C  CG  . PHE A 1 153 ? -6.924  2.728   -10.301 1.00 16.52  ? 153 PHE A CG  1 
ATOM   1208 C  CD1 . PHE A 1 153 ? -5.722  2.999   -10.982 1.00 16.47  ? 153 PHE A CD1 1 
ATOM   1209 C  CD2 . PHE A 1 153 ? -6.892  1.783   -9.269  1.00 16.11  ? 153 PHE A CD2 1 
ATOM   1210 C  CE1 . PHE A 1 153 ? -4.494  2.419   -10.623 1.00 13.16  ? 153 PHE A CE1 1 
ATOM   1211 C  CE2 . PHE A 1 153 ? -5.678  1.175   -8.920  1.00 19.20  ? 153 PHE A CE2 1 
ATOM   1212 C  CZ  . PHE A 1 153 ? -4.486  1.481   -9.588  1.00 15.36  ? 153 PHE A CZ  1 
ATOM   1213 N  N   . ARG A 1 154 ? -10.638 5.135   -11.246 1.00 12.31  ? 154 ARG A N   1 
ATOM   1214 C  CA  . ARG A 1 154 ? -11.800 5.434   -12.059 1.00 13.56  ? 154 ARG A CA  1 
ATOM   1215 C  C   . ARG A 1 154 ? -11.846 6.841   -12.629 1.00 17.71  ? 154 ARG A C   1 
ATOM   1216 O  O   . ARG A 1 154 ? -12.094 7.042   -13.824 1.00 18.96  ? 154 ARG A O   1 
ATOM   1217 C  CB  . ARG A 1 154 ? -13.171 5.155   -11.444 1.00 17.27  ? 154 ARG A CB  1 
ATOM   1218 C  CG  . ARG A 1 154 ? -14.175 4.909   -12.583 1.00 17.98  ? 154 ARG A CG  1 
ATOM   1219 C  CD  . ARG A 1 154 ? -15.590 4.628   -12.118 1.00 24.88  ? 154 ARG A CD  1 
ATOM   1220 N  NE  . ARG A 1 154 ? -15.819 5.314   -10.874 1.00 37.18  ? 154 ARG A NE  1 
ATOM   1221 C  CZ  . ARG A 1 154 ? -16.400 6.517   -10.633 1.00 100.00 ? 154 ARG A CZ  1 
ATOM   1222 N  NH1 . ARG A 1 154 ? -16.923 7.320   -11.569 1.00 42.55  ? 154 ARG A NH1 1 
ATOM   1223 N  NH2 . ARG A 1 154 ? -16.491 6.941   -9.360  1.00 54.92  ? 154 ARG A NH2 1 
ATOM   1224 N  N   . THR A 1 155 ? -11.649 7.786   -11.727 1.00 16.56  ? 155 THR A N   1 
ATOM   1225 C  CA  . THR A 1 155 ? -11.741 9.186   -12.021 1.00 23.88  ? 155 THR A CA  1 
ATOM   1226 C  C   . THR A 1 155 ? -10.454 9.908   -12.329 1.00 22.28  ? 155 THR A C   1 
ATOM   1227 O  O   . THR A 1 155 ? -10.501 10.968  -12.922 1.00 20.81  ? 155 THR A O   1 
ATOM   1228 C  CB  . THR A 1 155 ? -12.423 9.978   -10.881 1.00 18.17  ? 155 THR A CB  1 
ATOM   1229 O  OG1 . THR A 1 155 ? -11.530 10.002  -9.760  1.00 19.36  ? 155 THR A OG1 1 
ATOM   1230 C  CG2 . THR A 1 155 ? -13.758 9.328   -10.567 1.00 16.45  ? 155 THR A CG2 1 
ATOM   1231 N  N   . GLY A 1 156 ? -9.319  9.457   -11.852 1.00 14.37  ? 156 GLY A N   1 
ATOM   1232 C  CA  . GLY A 1 156 ? -8.140  10.233  -12.085 1.00 12.01  ? 156 GLY A CA  1 
ATOM   1233 C  C   . GLY A 1 156 ? -8.135  11.514  -11.203 1.00 20.42  ? 156 GLY A C   1 
ATOM   1234 O  O   . GLY A 1 156 ? -7.373  12.413  -11.461 1.00 15.68  ? 156 GLY A O   1 
ATOM   1235 N  N   . THR A 1 157 ? -8.983  11.599  -10.133 1.00 12.80  ? 157 THR A N   1 
ATOM   1236 C  CA  . THR A 1 157 ? -8.998  12.778  -9.276  1.00 12.96  ? 157 THR A CA  1 
ATOM   1237 C  C   . THR A 1 157 ? -8.852  12.253  -7.869  1.00 15.74  ? 157 THR A C   1 
ATOM   1238 O  O   . THR A 1 157 ? -8.897  11.054  -7.619  1.00 13.97  ? 157 THR A O   1 
ATOM   1239 C  CB  . THR A 1 157 ? -10.372 13.459  -9.274  1.00 19.14  ? 157 THR A CB  1 
ATOM   1240 O  OG1 . THR A 1 157 ? -11.313 12.616  -8.607  1.00 17.65  ? 157 THR A OG1 1 
ATOM   1241 C  CG2 . THR A 1 157 ? -10.811 13.744  -10.696 1.00 17.07  ? 157 THR A CG2 1 
ATOM   1242 N  N   . TRP A 1 158 ? -8.621  13.172  -6.953  1.00 10.64  ? 158 TRP A N   1 
ATOM   1243 C  CA  . TRP A 1 158 ? -8.460  12.812  -5.550  1.00 9.79   ? 158 TRP A CA  1 
ATOM   1244 C  C   . TRP A 1 158 ? -9.798  12.946  -4.835  1.00 16.65  ? 158 TRP A C   1 
ATOM   1245 O  O   . TRP A 1 158 ? -9.861  13.033  -3.650  1.00 19.27  ? 158 TRP A O   1 
ATOM   1246 C  CB  . TRP A 1 158 ? -7.490  13.821  -4.911  1.00 10.17  ? 158 TRP A CB  1 
ATOM   1247 C  CG  . TRP A 1 158 ? -6.075  13.702  -5.369  1.00 14.93  ? 158 TRP A CG  1 
ATOM   1248 C  CD1 . TRP A 1 158 ? -5.389  14.595  -6.126  1.00 15.62  ? 158 TRP A CD1 1 
ATOM   1249 C  CD2 . TRP A 1 158 ? -5.179  12.597  -5.131  1.00 16.70  ? 158 TRP A CD2 1 
ATOM   1250 N  NE1 . TRP A 1 158 ? -4.132  14.166  -6.311  1.00 17.81  ? 158 TRP A NE1 1 
ATOM   1251 C  CE2 . TRP A 1 158 ? -3.933  12.953  -5.701  1.00 23.86  ? 158 TRP A CE2 1 
ATOM   1252 C  CE3 . TRP A 1 158 ? -5.249  11.400  -4.389  1.00 15.09  ? 158 TRP A CE3 1 
ATOM   1253 C  CZ2 . TRP A 1 158 ? -2.777  12.114  -5.654  1.00 19.32  ? 158 TRP A CZ2 1 
ATOM   1254 C  CZ3 . TRP A 1 158 ? -4.069  10.621  -4.305  1.00 20.53  ? 158 TRP A CZ3 1 
ATOM   1255 C  CH2 . TRP A 1 158 ? -2.851  10.975  -4.928  1.00 21.04  ? 158 TRP A CH2 1 
ATOM   1256 N  N   . ASP A 1 159 ? -10.903 12.913  -5.509  1.00 13.48  ? 159 ASP A N   1 
ATOM   1257 C  CA  . ASP A 1 159 ? -12.127 13.125  -4.799  1.00 19.09  ? 159 ASP A CA  1 
ATOM   1258 C  C   . ASP A 1 159 ? -12.465 12.245  -3.636  1.00 23.61  ? 159 ASP A C   1 
ATOM   1259 O  O   . ASP A 1 159 ? -13.135 12.670  -2.701  1.00 19.83  ? 159 ASP A O   1 
ATOM   1260 C  CB  . ASP A 1 159 ? -13.296 13.048  -5.779  1.00 23.50  ? 159 ASP A CB  1 
ATOM   1261 C  CG  . ASP A 1 159 ? -13.250 14.134  -6.839  1.00 40.47  ? 159 ASP A CG  1 
ATOM   1262 O  OD1 . ASP A 1 159 ? -12.622 15.144  -6.664  1.00 32.14  ? 159 ASP A OD1 1 
ATOM   1263 O  OD2 . ASP A 1 159 ? -13.924 13.885  -7.954  1.00 49.15  ? 159 ASP A OD2 1 
ATOM   1264 N  N   . ALA A 1 160 ? -12.080 10.999  -3.711  1.00 16.39  ? 160 ALA A N   1 
ATOM   1265 C  CA  . ALA A 1 160 ? -12.424 10.049  -2.666  1.00 13.33  ? 160 ALA A CA  1 
ATOM   1266 C  C   . ALA A 1 160 ? -11.654 10.363  -1.441  1.00 18.70  ? 160 ALA A C   1 
ATOM   1267 O  O   . ALA A 1 160 ? -11.905 9.822   -0.399  1.00 21.38  ? 160 ALA A O   1 
ATOM   1268 C  CB  . ALA A 1 160 ? -12.178 8.590   -3.148  1.00 15.13  ? 160 ALA A CB  1 
ATOM   1269 N  N   . TYR A 1 161 ? -10.630 11.189  -1.538  1.00 14.68  ? 161 TYR A N   1 
ATOM   1270 C  CA  . TYR A 1 161 ? -9.818  11.481  -0.383  1.00 12.43  ? 161 TYR A CA  1 
ATOM   1271 C  C   . TYR A 1 161 ? -10.112 12.833  0.245   1.00 29.66  ? 161 TYR A C   1 
ATOM   1272 O  O   . TYR A 1 161 ? -9.493  13.150  1.248   1.00 24.65  ? 161 TYR A O   1 
ATOM   1273 C  CB  . TYR A 1 161 ? -8.302  11.348  -0.677  1.00 14.56  ? 161 TYR A CB  1 
ATOM   1274 C  CG  . TYR A 1 161 ? -7.892  9.894   -0.795  1.00 12.94  ? 161 TYR A CG  1 
ATOM   1275 C  CD1 . TYR A 1 161 ? -8.133  9.193   -1.975  1.00 16.21  ? 161 TYR A CD1 1 
ATOM   1276 C  CD2 . TYR A 1 161 ? -7.413  9.198   0.327   1.00 15.41  ? 161 TYR A CD2 1 
ATOM   1277 C  CE1 . TYR A 1 161 ? -7.851  7.825   -2.071  1.00 12.12  ? 161 TYR A CE1 1 
ATOM   1278 C  CE2 . TYR A 1 161 ? -7.083  7.843   0.236   1.00 11.91  ? 161 TYR A CE2 1 
ATOM   1279 C  CZ  . TYR A 1 161 ? -7.342  7.157   -0.952  1.00 15.35  ? 161 TYR A CZ  1 
ATOM   1280 O  OH  . TYR A 1 161 ? -7.004  5.801   -1.075  1.00 10.94  ? 161 TYR A OH  1 
ATOM   1281 N  N   . LYS A 1 162 ? -11.033 13.613  -0.312  1.00 36.30  ? 162 LYS A N   1 
ATOM   1282 C  CA  . LYS A 1 162 ? -11.377 14.938  0.236   1.00 52.58  ? 162 LYS A CA  1 
ATOM   1283 C  C   . LYS A 1 162 ? -12.653 14.903  1.082   1.00 35.66  ? 162 LYS A C   1 
ATOM   1284 O  O   . LYS A 1 162 ? -12.620 15.264  2.286   1.00 53.55  ? 162 LYS A O   1 
ATOM   1285 C  CB  . LYS A 1 162 ? -11.407 15.940  -0.889  1.00 58.18  ? 162 LYS A CB  1 
ATOM   1286 C  CG  . LYS A 1 162 ? -10.220 15.649  -1.820  1.00 80.83  ? 162 LYS A CG  1 
ATOM   1287 C  CD  . LYS A 1 162 ? -9.763  16.778  -2.771  1.00 100.00 ? 162 LYS A CD  1 
ATOM   1288 C  CE  . LYS A 1 162 ? -8.275  17.201  -2.584  1.00 100.00 ? 162 LYS A CE  1 
ATOM   1289 N  NZ  . LYS A 1 162 ? -7.529  17.703  -3.772  1.00 100.00 ? 162 LYS A NZ  1 
HETATM 1290 CL CL  . CL  B 2 .   ? -11.164 -0.544  4.409   1.00 51.33  ? 173 CL  A CL  1 
HETATM 1291 CL CL  . CL  C 2 .   ? 13.230  -2.165  7.100   0.50 37.22  ? 178 CL  A CL  1 
HETATM 1292 XE XE  . XE  D 3 .   ? 0.479   -0.652  -12.095 0.74 25.75  ? 500 XE  A XE  1 
HETATM 1293 XE XE  . XE  E 3 .   ? -4.053  -3.161  -10.738 0.59 21.67  ? 501 XE  A XE  1 
HETATM 1294 XE XE  . XE  F 3 .   ? -1.746  -1.231  -10.534 0.12 47.76  ? 502 XE  A XE  1 
HETATM 1295 C  C1  . BME G 4 .   ? 8.555   9.682   -4.459  0.50 36.52  ? 901 BME A C1  1 
HETATM 1296 C  C2  . BME G 4 .   ? 8.352   10.399  -5.826  0.50 32.15  ? 901 BME A C2  1 
HETATM 1297 O  O1  . BME G 4 .   ? 9.925   9.704   -4.047  0.50 49.37  ? 901 BME A O1  1 
HETATM 1298 S  S2  . BME G 4 .   ? 7.237   9.613   -7.032  0.50 33.94  ? 901 BME A S2  1 
HETATM 1299 C  C1  . BME H 4 .   ? 3.396   9.502   -8.450  0.50 20.84  ? 902 BME A C1  1 
HETATM 1300 C  C2  . BME H 4 .   ? 4.015   9.344   -7.014  0.50 25.34  ? 902 BME A C2  1 
HETATM 1301 O  O1  . BME H 4 .   ? 2.053   9.953   -8.341  0.50 33.38  ? 902 BME A O1  1 
HETATM 1302 S  S2  . BME H 4 .   ? 5.379   10.482  -6.640  0.50 27.22  ? 902 BME A S2  1 
HETATM 1303 O  O   . HOH I 5 .   ? 5.462   2.516   6.696   1.00 15.83  ? 171 HOH A O   1 
HETATM 1304 O  O   . HOH I 5 .   ? -7.544  -6.658  1.778   1.00 26.10  ? 172 HOH A O   1 
HETATM 1305 O  O   . HOH I 5 .   ? -12.691 -6.958  7.203   1.00 15.18  ? 174 HOH A O   1 
HETATM 1306 O  O   . HOH I 5 .   ? -10.059 9.721   -5.576  1.00 17.21  ? 175 HOH A O   1 
HETATM 1307 O  O   . HOH I 5 .   ? -0.721  13.559  -14.839 1.00 27.41  ? 177 HOH A O   1 
HETATM 1308 O  O   . HOH I 5 .   ? 5.982   3.640   9.366   1.00 12.55  ? 179 HOH A O   1 
HETATM 1309 O  O   . HOH I 5 .   ? -14.930 4.295   0.778   1.00 21.11  ? 180 HOH A O   1 
HETATM 1310 O  O   . HOH I 5 .   ? 1.732   10.372  -17.205 1.00 20.65  ? 181 HOH A O   1 
HETATM 1311 O  O   . HOH I 5 .   ? 11.447  0.362   5.575   1.00 20.09  ? 182 HOH A O   1 
HETATM 1312 O  O   . HOH I 5 .   ? 17.014  3.088   8.095   1.00 20.10  ? 183 HOH A O   1 
HETATM 1313 O  O   . HOH I 5 .   ? 14.575  4.593   0.453   1.00 38.58  ? 185 HOH A O   1 
HETATM 1314 O  O   . HOH I 5 .   ? 7.664   10.081  5.499   1.00 29.68  ? 186 HOH A O   1 
HETATM 1315 O  O   . HOH I 5 .   ? -0.975  17.970  -1.164  1.00 37.76  ? 187 HOH A O   1 
HETATM 1316 O  O   . HOH I 5 .   ? -18.096 -9.252  1.388   1.00 33.28  ? 188 HOH A O   1 
HETATM 1317 O  O   . HOH I 5 .   ? -0.102  5.351   18.876  1.00 44.06  ? 189 HOH A O   1 
HETATM 1318 O  O   . HOH I 5 .   ? 2.315   -11.044 12.791  1.00 23.17  ? 190 HOH A O   1 
HETATM 1319 O  O   . HOH I 5 .   ? 0.153   -12.192 14.378  1.00 32.66  ? 191 HOH A O   1 
HETATM 1320 O  O   . HOH I 5 .   ? -6.479  -6.352  13.899  1.00 27.66  ? 192 HOH A O   1 
HETATM 1321 O  O   . HOH I 5 .   ? 3.391   1.705   -21.332 1.00 27.28  ? 193 HOH A O   1 
HETATM 1322 O  O   . HOH I 5 .   ? -17.313 1.765   -13.082 1.00 37.25  ? 194 HOH A O   1 
HETATM 1323 O  O   . HOH I 5 .   ? 1.794   11.547  -5.281  1.00 18.72  ? 195 HOH A O   1 
HETATM 1324 O  O   . HOH I 5 .   ? 11.512  3.137   22.524  1.00 27.13  ? 196 HOH A O   1 
HETATM 1325 O  O   . HOH I 5 .   ? -7.561  -8.533  -12.871 1.00 28.40  ? 197 HOH A O   1 
HETATM 1326 O  O   . HOH I 5 .   ? 15.312  -10.627 13.817  1.00 28.56  ? 198 HOH A O   1 
HETATM 1327 O  O   . HOH I 5 .   ? 10.785  -4.435  8.845   1.00 34.31  ? 200 HOH A O   1 
HETATM 1328 O  O   . HOH I 5 .   ? 13.482  1.828   0.540   1.00 33.43  ? 201 HOH A O   1 
HETATM 1329 O  O   . HOH I 5 .   ? 0.549   -4.432  7.804   1.00 17.26  ? 203 HOH A O   1 
HETATM 1330 O  O   . HOH I 5 .   ? -1.183  -2.035  7.520   1.00 24.72  ? 204 HOH A O   1 
HETATM 1331 O  O   . HOH I 5 .   ? 2.077   -9.362  -3.263  1.00 41.15  ? 206 HOH A O   1 
HETATM 1332 O  O   . HOH I 5 .   ? -4.776  -0.347  -1.709  1.00 14.70  ? 208 HOH A O   1 
HETATM 1333 O  O   . HOH I 5 .   ? -8.648  -0.824  5.849   1.00 33.63  ? 209 HOH A O   1 
HETATM 1334 O  O   . HOH I 5 .   ? -5.274  12.547  -13.634 1.00 20.13  ? 210 HOH A O   1 
HETATM 1335 O  O   . HOH I 5 .   ? -14.041 6.578   2.336   1.00 26.65  ? 211 HOH A O   1 
HETATM 1336 O  O   . HOH I 5 .   ? -3.058  3.852   -18.956 1.00 17.71  ? 213 HOH A O   1 
HETATM 1337 O  O   . HOH I 5 .   ? -1.883  3.801   -22.729 1.00 31.55  ? 214 HOH A O   1 
HETATM 1338 O  O   . HOH I 5 .   ? 14.935  0.017   8.106   1.00 17.83  ? 215 HOH A O   1 
HETATM 1339 O  O   . HOH I 5 .   ? -16.094 -0.877  -8.605  1.00 27.14  ? 216 HOH A O   1 
HETATM 1340 O  O   . HOH I 5 .   ? -14.567 6.753   -17.216 1.00 31.54  ? 217 HOH A O   1 
HETATM 1341 O  O   . HOH I 5 .   ? -14.992 -5.235  -16.281 1.00 27.75  ? 218 HOH A O   1 
HETATM 1342 O  O   . HOH I 5 .   ? -14.877 -7.566  -14.921 1.00 34.35  ? 219 HOH A O   1 
HETATM 1343 O  O   . HOH I 5 .   ? -16.880 -8.844  -5.240  1.00 34.04  ? 220 HOH A O   1 
HETATM 1344 O  O   . HOH I 5 .   ? 2.734   11.554  7.178   1.00 52.61  ? 221 HOH A O   1 
HETATM 1345 O  O   . HOH I 5 .   ? 7.491   -12.944 8.075   1.00 39.78  ? 222 HOH A O   1 
HETATM 1346 O  O   . HOH I 5 .   ? 1.237   17.821  -2.539  1.00 25.51  ? 223 HOH A O   1 
HETATM 1347 O  O   . HOH I 5 .   ? 1.240   -3.095  5.702   1.00 27.09  ? 224 HOH A O   1 
HETATM 1348 O  O   . HOH I 5 .   ? 2.747   -4.542  3.348   1.00 49.33  ? 225 HOH A O   1 
HETATM 1349 O  O   . HOH I 5 .   ? -4.025  12.349  7.661   1.00 38.90  ? 227 HOH A O   1 
HETATM 1350 O  O   . HOH I 5 .   ? -6.033  7.561   8.885   1.00 34.27  ? 228 HOH A O   1 
HETATM 1351 O  O   . HOH I 5 .   ? -2.259  0.170   9.130   1.00 29.52  ? 229 HOH A O   1 
HETATM 1352 O  O   . HOH I 5 .   ? -7.904  2.209   5.390   1.00 30.17  ? 230 HOH A O   1 
HETATM 1353 O  O   . HOH I 5 .   ? -8.633  15.923  -7.805  1.00 29.40  ? 231 HOH A O   1 
HETATM 1354 O  O   . HOH I 5 .   ? -14.384 8.654   0.336   1.00 24.31  ? 232 HOH A O   1 
HETATM 1355 O  O   . HOH I 5 .   ? -15.097 6.342   -1.472  1.00 38.29  ? 233 HOH A O   1 
HETATM 1356 O  O   . HOH I 5 .   ? 4.330   10.869  -18.405 1.00 42.55  ? 234 HOH A O   1 
HETATM 1357 O  O   . HOH I 5 .   ? -14.704 3.719   -18.912 1.00 27.26  ? 235 HOH A O   1 
HETATM 1358 O  O   . HOH I 5 .   ? -6.336  -1.295  4.757   1.00 35.83  ? 237 HOH A O   1 
HETATM 1359 O  O   . HOH I 5 .   ? -13.287 8.621   -15.991 1.00 29.67  ? 238 HOH A O   1 
HETATM 1360 O  O   . HOH I 5 .   ? 15.628  3.110   10.216  1.00 28.49  ? 239 HOH A O   1 
HETATM 1361 O  O   . HOH I 5 .   ? 9.956   12.823  9.504   1.00 28.61  ? 240 HOH A O   1 
HETATM 1362 O  O   . HOH I 5 .   ? 12.102  -2.175  -4.133  1.00 53.47  ? 242 HOH A O   1 
HETATM 1363 O  O   . HOH I 5 .   ? -3.000  12.738  5.148   1.00 26.80  ? 244 HOH A O   1 
HETATM 1364 O  O   . HOH I 5 .   ? -11.460 3.238   6.209   1.00 40.12  ? 245 HOH A O   1 
HETATM 1365 O  O   . HOH I 5 .   ? 10.497  -4.458  5.284   1.00 39.56  ? 246 HOH A O   1 
HETATM 1366 O  O   . HOH I 5 .   ? -3.506  -4.812  18.272  1.00 48.01  ? 247 HOH A O   1 
HETATM 1367 O  O   . HOH I 5 .   ? -2.583  16.215  -7.726  1.00 43.17  ? 248 HOH A O   1 
HETATM 1368 O  O   . HOH I 5 .   ? -18.468 -2.539  -8.813  1.00 47.67  ? 250 HOH A O   1 
HETATM 1369 O  O   . HOH I 5 .   ? -17.820 -5.437  -9.596  1.00 25.68  ? 251 HOH A O   1 
HETATM 1370 O  O   . HOH I 5 .   ? 1.431   -5.992  -18.006 1.00 35.59  ? 253 HOH A O   1 
HETATM 1371 O  O   . HOH I 5 .   ? 5.815   -8.957  -3.252  1.00 47.40  ? 254 HOH A O   1 
HETATM 1372 O  O   . HOH I 5 .   ? -1.124  -2.266  4.343   1.00 33.30  ? 256 HOH A O   1 
HETATM 1373 O  O   . HOH I 5 .   ? 16.312  6.591   15.361  1.00 31.02  ? 259 HOH A O   1 
HETATM 1374 O  O   . HOH I 5 .   ? 13.262  10.140  16.853  1.00 43.95  ? 260 HOH A O   1 
HETATM 1375 O  O   . HOH I 5 .   ? -15.643 4.358   -8.432  1.00 56.98  ? 261 HOH A O   1 
HETATM 1376 O  O   . HOH I 5 .   ? 4.916   -2.463  4.798   1.00 33.42  ? 266 HOH A O   1 
HETATM 1377 O  O   . HOH I 5 .   ? 2.497   -2.121  4.085   1.00 31.73  ? 267 HOH A O   1 
HETATM 1378 O  O   . HOH I 5 .   ? 9.620   -8.770  -13.918 1.00 41.83  ? 268 HOH A O   1 
HETATM 1379 O  O   . HOH I 5 .   ? -5.750  -2.772  12.161  1.00 35.03  ? 269 HOH A O   1 
HETATM 1380 O  O   . HOH I 5 .   ? -7.460  -9.947  -4.102  1.00 18.68  ? 270 HOH A O   1 
HETATM 1381 O  O   . HOH I 5 .   ? -16.991 1.522   -9.960  1.00 45.80  ? 271 HOH A O   1 
HETATM 1382 O  O   . HOH I 5 .   ? -5.159  -13.841 -17.977 1.00 50.26  ? 272 HOH A O   1 
HETATM 1383 O  O   . HOH I 5 .   ? -6.766  15.182  -11.683 1.00 34.07  ? 273 HOH A O   1 
HETATM 1384 O  O   . HOH I 5 .   ? 6.531   -1.237  0.541   1.00 28.85  ? 274 HOH A O   1 
HETATM 1385 O  O   . HOH I 5 .   ? -0.547  -10.433 -15.046 1.00 39.82  ? 276 HOH A O   1 
HETATM 1386 O  O   . HOH I 5 .   ? -10.577 10.192  -16.962 1.00 32.44  ? 277 HOH A O   1 
HETATM 1387 O  O   . HOH I 5 .   ? 12.952  -4.223  22.247  1.00 34.82  ? 278 HOH A O   1 
HETATM 1388 O  O   . HOH I 5 .   ? 10.408  -7.060  9.015   1.00 30.70  ? 281 HOH A O   1 
HETATM 1389 O  O   . HOH I 5 .   ? 13.004  -5.343  10.108  1.00 27.96  ? 282 HOH A O   1 
HETATM 1390 O  O   . HOH I 5 .   ? 1.631   12.683  5.049   1.00 36.33  ? 283 HOH A O   1 
HETATM 1391 O  O   . HOH I 5 .   ? 7.393   10.873  18.533  1.00 42.81  ? 284 HOH A O   1 
HETATM 1392 O  O   . HOH I 5 .   ? 6.829   7.334   21.137  1.00 39.76  ? 286 HOH A O   1 
HETATM 1393 O  O   . HOH I 5 .   ? 2.273   16.567  1.869   1.00 24.26  ? 288 HOH A O   1 
HETATM 1394 O  O   . HOH I 5 .   ? 10.337  -5.812  -8.794  1.00 50.27  ? 289 HOH A O   1 
HETATM 1395 O  O   . HOH I 5 .   ? -17.885 0.103   2.122   1.00 41.51  ? 290 HOH A O   1 
HETATM 1396 O  O   . HOH I 5 .   ? -2.296  -7.720  -18.329 1.00 38.52  ? 292 HOH A O   1 
HETATM 1397 O  O   . HOH I 5 .   ? -14.082 2.777   -21.819 1.00 30.94  ? 293 HOH A O   1 
HETATM 1398 O  O   . HOH I 5 .   ? -4.101  15.065  3.551   1.00 49.48  ? 294 HOH A O   1 
HETATM 1399 O  O   . HOH I 5 .   ? -0.547  13.640  6.038   1.00 36.55  ? 295 HOH A O   1 
HETATM 1400 O  O   . HOH I 5 .   ? -5.360  16.965  -9.155  1.00 51.83  ? 297 HOH A O   1 
HETATM 1401 O  O   . HOH I 5 .   ? -1.500  2.793   12.041  1.00 31.14  ? 298 HOH A O   1 
HETATM 1402 O  O   . HOH I 5 .   ? 4.849   -1.607  2.335   1.00 34.77  ? 299 HOH A O   1 
HETATM 1403 O  O   . HOH I 5 .   ? -1.412  -5.078  -19.291 1.00 39.50  ? 301 HOH A O   1 
HETATM 1404 O  O   . HOH I 5 .   ? -5.648  -7.632  0.327   1.00 36.71  ? 303 HOH A O   1 
HETATM 1405 O  O   . HOH I 5 .   ? -1.073  -7.461  5.549   1.00 32.30  ? 306 HOH A O   1 
HETATM 1406 O  O   . HOH I 5 .   ? 18.220  4.145   15.508  1.00 47.02  ? 308 HOH A O   1 
HETATM 1407 O  O   . HOH I 5 .   ? -14.461 1.130   -19.338 1.00 28.52  ? 311 HOH A O   1 
HETATM 1408 O  O   . HOH I 5 .   ? -0.922  -1.967  19.758  1.00 46.31  ? 319 HOH A O   1 
HETATM 1409 O  O   . HOH I 5 .   ? -4.820  0.618   12.873  1.00 57.81  ? 323 HOH A O   1 
HETATM 1410 O  O   . HOH I 5 .   ? 13.177  6.312   -5.697  1.00 29.14  ? 324 HOH A O   1 
HETATM 1411 O  O   . HOH I 5 .   ? -9.641  -9.287  7.152   1.00 44.56  ? 326 HOH A O   1 
HETATM 1412 O  O   . HOH I 5 .   ? -5.952  -9.753  -0.861  1.00 55.32  ? 328 HOH A O   1 
HETATM 1413 O  O   . HOH I 5 .   ? -0.369  -13.382 16.989  1.00 42.09  ? 329 HOH A O   1 
HETATM 1414 O  O   . HOH I 5 .   ? -0.597  6.093   -22.057 1.00 14.93  ? 331 HOH A O   1 
HETATM 1415 O  O   . HOH I 5 .   ? -13.346 4.488   6.423   1.00 32.05  ? 332 HOH A O   1 
HETATM 1416 O  O   . HOH I 5 .   ? -0.022  -14.026 12.621  1.00 39.94  ? 333 HOH A O   1 
HETATM 1417 O  O   . HOH I 5 .   ? -12.806 12.529  -14.004 1.00 41.91  ? 334 HOH A O   1 
HETATM 1418 O  O   . HOH I 5 .   ? -6.294  19.152  -10.896 1.00 43.37  ? 336 HOH A O   1 
HETATM 1419 O  O   . HOH I 5 .   ? 16.388  2.920   22.722  1.00 48.23  ? 337 HOH A O   1 
HETATM 1420 O  O   . HOH I 5 .   ? 9.831   1.561   26.550  1.00 50.24  ? 338 HOH A O   1 
HETATM 1421 O  O   . HOH I 5 .   ? 7.725   14.838  12.451  1.00 51.02  ? 339 HOH A O   1 
HETATM 1422 O  O   . HOH I 5 .   ? -3.016  -12.431 14.768  1.00 51.92  ? 340 HOH A O   1 
HETATM 1423 O  O   . HOH I 5 .   ? -16.661 7.175   -14.619 1.00 54.87  ? 341 HOH A O   1 
HETATM 1424 O  O   . HOH I 5 .   ? 1.725   -12.590 -9.706  1.00 57.89  ? 342 HOH A O   1 
HETATM 1425 O  O   . HOH I 5 .   ? 4.099   -4.535  0.049   1.00 63.84  ? 343 HOH A O   1 
HETATM 1426 O  O   . HOH I 5 .   ? 19.426  -3.833  16.683  1.00 67.56  ? 344 HOH A O   1 
HETATM 1427 O  O   . HOH I 5 .   ? -16.111 6.526   -3.764  1.00 78.07  ? 345 HOH A O   1 
# 
loop_
_pdbx_poly_seq_scheme.asym_id 
_pdbx_poly_seq_scheme.entity_id 
_pdbx_poly_seq_scheme.seq_id 
_pdbx_poly_seq_scheme.mon_id 
_pdbx_poly_seq_scheme.ndb_seq_num 
_pdbx_poly_seq_scheme.pdb_seq_num 
_pdbx_poly_seq_scheme.auth_seq_num 
_pdbx_poly_seq_scheme.pdb_mon_id 
_pdbx_poly_seq_scheme.auth_mon_id 
_pdbx_poly_seq_scheme.pdb_strand_id 
_pdbx_poly_seq_scheme.pdb_ins_code 
_pdbx_poly_seq_scheme.hetero 
A 1 1   MET 1   1   1   MET MET A . n 
A 1 2   ASN 2   2   2   ASN ASN A . n 
A 1 3   ILE 3   3   3   ILE ILE A . n 
A 1 4   PHE 4   4   4   PHE PHE A . n 
A 1 5   GLU 5   5   5   GLU GLU A . n 
A 1 6   MET 6   6   6   MET MET A . n 
A 1 7   LEU 7   7   7   LEU LEU A . n 
A 1 8   ARG 8   8   8   ARG ARG A . n 
A 1 9   ILE 9   9   9   ILE ILE A . n 
A 1 10  ASP 10  10  10  ASP ASP A . n 
A 1 11  GLU 11  11  11  GLU GLU A . n 
A 1 12  GLY 12  12  12  GLY GLY A . n 
A 1 13  LEU 13  13  13  LEU LEU A . n 
A 1 14  ARG 14  14  14  ARG ARG A . n 
A 1 15  LEU 15  15  15  LEU LEU A . n 
A 1 16  LYS 16  16  16  LYS LYS A . n 
A 1 17  ILE 17  17  17  ILE ILE A . n 
A 1 18  TYR 18  18  18  TYR TYR A . n 
A 1 19  LYS 19  19  19  LYS LYS A . n 
A 1 20  ASP 20  20  20  ASP ASP A . n 
A 1 21  THR 21  21  21  THR THR A . n 
A 1 22  GLU 22  22  22  GLU GLU A . n 
A 1 23  GLY 23  23  23  GLY GLY A . n 
A 1 24  TYR 24  24  24  TYR TYR A . n 
A 1 25  TYR 25  25  25  TYR TYR A . n 
A 1 26  THR 26  26  26  THR THR A . n 
A 1 27  ILE 27  27  27  ILE ILE A . n 
A 1 28  GLY 28  28  28  GLY GLY A . n 
A 1 29  ILE 29  29  29  ILE ILE A . n 
A 1 30  GLY 30  30  30  GLY GLY A . n 
A 1 31  HIS 31  31  31  HIS HIS A . n 
A 1 32  LEU 32  32  32  LEU LEU A . n 
A 1 33  LEU 33  33  33  LEU LEU A . n 
A 1 34  THR 34  34  34  THR THR A . n 
A 1 35  LYS 35  35  35  LYS LYS A . n 
A 1 36  SER 36  36  36  SER SER A . n 
A 1 37  PRO 37  37  37  PRO PRO A . n 
A 1 38  SER 38  38  38  SER SER A . n 
A 1 39  LEU 39  39  39  LEU LEU A . n 
A 1 40  ASN 40  40  40  ASN ASN A . n 
A 1 41  ALA 41  41  41  ALA ALA A . n 
A 1 42  ALA 42  42  42  ALA ALA A . n 
A 1 43  LYS 43  43  43  LYS LYS A . n 
A 1 44  SER 44  44  44  SER SER A . n 
A 1 45  GLU 45  45  45  GLU GLU A . n 
A 1 46  LEU 46  46  46  LEU LEU A . n 
A 1 47  ASP 47  47  47  ASP ASP A . n 
A 1 48  LYS 48  48  48  LYS LYS A . n 
A 1 49  ALA 49  49  49  ALA ALA A . n 
A 1 50  ILE 50  50  50  ILE ILE A . n 
A 1 51  GLY 51  51  51  GLY GLY A . n 
A 1 52  ARG 52  52  52  ARG ARG A . n 
A 1 53  ASN 53  53  53  ASN ASN A . n 
A 1 54  THR 54  54  54  THR THR A . n 
A 1 55  ASN 55  55  55  ASN ASN A . n 
A 1 56  GLY 56  56  56  GLY GLY A . n 
A 1 57  VAL 57  57  57  VAL VAL A . n 
A 1 58  ILE 58  58  58  ILE ILE A . n 
A 1 59  THR 59  59  59  THR THR A . n 
A 1 60  LYS 60  60  60  LYS LYS A . n 
A 1 61  ASP 61  61  61  ASP ASP A . n 
A 1 62  GLU 62  62  62  GLU GLU A . n 
A 1 63  ALA 63  63  63  ALA ALA A . n 
A 1 64  GLU 64  64  64  GLU GLU A . n 
A 1 65  LYS 65  65  65  LYS LYS A . n 
A 1 66  LEU 66  66  66  LEU LEU A . n 
A 1 67  PHE 67  67  67  PHE PHE A . n 
A 1 68  ASN 68  68  68  ASN ASN A . n 
A 1 69  GLN 69  69  69  GLN GLN A . n 
A 1 70  ASP 70  70  70  ASP ASP A . n 
A 1 71  VAL 71  71  71  VAL VAL A . n 
A 1 72  ASP 72  72  72  ASP ASP A . n 
A 1 73  ALA 73  73  73  ALA ALA A . n 
A 1 74  ALA 74  74  74  ALA ALA A . n 
A 1 75  VAL 75  75  75  VAL VAL A . n 
A 1 76  ARG 76  76  76  ARG ARG A . n 
A 1 77  GLY 77  77  77  GLY GLY A . n 
A 1 78  ILE 78  78  78  ILE ILE A . n 
A 1 79  LEU 79  79  79  LEU LEU A . n 
A 1 80  ARG 80  80  80  ARG ARG A . n 
A 1 81  ASN 81  81  81  ASN ASN A . n 
A 1 82  ALA 82  82  82  ALA ALA A . n 
A 1 83  LYS 83  83  83  LYS LYS A . n 
A 1 84  LEU 84  84  84  LEU LEU A . n 
A 1 85  LYS 85  85  85  LYS LYS A . n 
A 1 86  PRO 86  86  86  PRO PRO A . n 
A 1 87  VAL 87  87  87  VAL VAL A . n 
A 1 88  TYR 88  88  88  TYR TYR A . n 
A 1 89  ASP 89  89  89  ASP ASP A . n 
A 1 90  SER 90  90  90  SER SER A . n 
A 1 91  LEU 91  91  91  LEU LEU A . n 
A 1 92  ASP 92  92  92  ASP ASP A . n 
A 1 93  ALA 93  93  93  ALA ALA A . n 
A 1 94  VAL 94  94  94  VAL VAL A . n 
A 1 95  ARG 95  95  95  ARG ARG A . n 
A 1 96  ARG 96  96  96  ARG ARG A . n 
A 1 97  ALA 97  97  97  ALA ALA A . n 
A 1 98  ALA 98  98  98  ALA ALA A . n 
A 1 99  ALA 99  99  99  ALA ALA A . n 
A 1 100 ILE 100 100 100 ILE ILE A . n 
A 1 101 ASN 101 101 101 ASN ASN A . n 
A 1 102 MET 102 102 102 MET MET A . n 
A 1 103 VAL 103 103 103 VAL VAL A . n 
A 1 104 PHE 104 104 104 PHE PHE A . n 
A 1 105 GLN 105 105 105 GLN GLN A . n 
A 1 106 MET 106 106 106 MET MET A . n 
A 1 107 GLY 107 107 107 GLY GLY A . n 
A 1 108 GLU 108 108 108 GLU GLU A . n 
A 1 109 THR 109 109 109 THR THR A . n 
A 1 110 GLY 110 110 110 GLY GLY A . n 
A 1 111 VAL 111 111 111 VAL VAL A . n 
A 1 112 ALA 112 112 112 ALA ALA A . n 
A 1 113 GLY 113 113 113 GLY GLY A . n 
A 1 114 PHE 114 114 114 PHE PHE A . n 
A 1 115 THR 115 115 115 THR THR A . n 
A 1 116 ASN 116 116 116 ASN ASN A . n 
A 1 117 SER 117 117 117 SER SER A . n 
A 1 118 LEU 118 118 118 LEU LEU A . n 
A 1 119 ARG 119 119 119 ARG ARG A . n 
A 1 120 MET 120 120 120 MET MET A . n 
A 1 121 LEU 121 121 121 LEU LEU A . n 
A 1 122 GLN 122 122 122 GLN GLN A . n 
A 1 123 GLN 123 123 123 GLN GLN A . n 
A 1 124 LYS 124 124 124 LYS LYS A . n 
A 1 125 ARG 125 125 125 ARG ARG A . n 
A 1 126 TRP 126 126 126 TRP TRP A . n 
A 1 127 ASP 127 127 127 ASP ASP A . n 
A 1 128 GLU 128 128 128 GLU GLU A . n 
A 1 129 ALA 129 129 129 ALA ALA A . n 
A 1 130 ALA 130 130 130 ALA ALA A . n 
A 1 131 VAL 131 131 131 VAL VAL A . n 
A 1 132 ASN 132 132 132 ASN ASN A . n 
A 1 133 LEU 133 133 133 LEU LEU A . n 
A 1 134 ALA 134 134 134 ALA ALA A . n 
A 1 135 LYS 135 135 135 LYS LYS A . n 
A 1 136 SER 136 136 136 SER SER A . n 
A 1 137 ARG 137 137 137 ARG ARG A . n 
A 1 138 TRP 138 138 138 TRP TRP A . n 
A 1 139 TYR 139 139 139 TYR TYR A . n 
A 1 140 ASN 140 140 140 ASN ASN A . n 
A 1 141 GLN 141 141 141 GLN GLN A . n 
A 1 142 THR 142 142 142 THR THR A . n 
A 1 143 PRO 143 143 143 PRO PRO A . n 
A 1 144 ASN 144 144 144 ASN ASN A . n 
A 1 145 ARG 145 145 145 ARG ARG A . n 
A 1 146 ALA 146 146 146 ALA ALA A . n 
A 1 147 LYS 147 147 147 LYS LYS A . n 
A 1 148 ARG 148 148 148 ARG ARG A . n 
A 1 149 VAL 149 149 149 VAL VAL A . n 
A 1 150 ILE 150 150 150 ILE ILE A . n 
A 1 151 THR 151 151 151 THR THR A . n 
A 1 152 THR 152 152 152 THR THR A . n 
A 1 153 PHE 153 153 153 PHE PHE A . n 
A 1 154 ARG 154 154 154 ARG ARG A . n 
A 1 155 THR 155 155 155 THR THR A . n 
A 1 156 GLY 156 156 156 GLY GLY A . n 
A 1 157 THR 157 157 157 THR THR A . n 
A 1 158 TRP 158 158 158 TRP TRP A . n 
A 1 159 ASP 159 159 159 ASP ASP A . n 
A 1 160 ALA 160 160 160 ALA ALA A . n 
A 1 161 TYR 161 161 161 TYR TYR A . n 
A 1 162 LYS 162 162 162 LYS LYS A . n 
A 1 163 ASN 163 163 ?   ?   ?   A . n 
A 1 164 LEU 164 164 ?   ?   ?   A . n 
# 
loop_
_pdbx_nonpoly_scheme.asym_id 
_pdbx_nonpoly_scheme.entity_id 
_pdbx_nonpoly_scheme.mon_id 
_pdbx_nonpoly_scheme.ndb_seq_num 
_pdbx_nonpoly_scheme.pdb_seq_num 
_pdbx_nonpoly_scheme.auth_seq_num 
_pdbx_nonpoly_scheme.pdb_mon_id 
_pdbx_nonpoly_scheme.auth_mon_id 
_pdbx_nonpoly_scheme.pdb_strand_id 
_pdbx_nonpoly_scheme.pdb_ins_code 
B 2 CL  1   173 173 CL  CL  A . 
C 2 CL  1   178 178 CL  CL  A . 
D 3 XE  1   500 500 XE  XE  A . 
E 3 XE  1   501 501 XE  XE  A . 
F 3 XE  1   502 502 XE  XE  A . 
G 4 BME 1   901 901 BME BME A . 
H 4 BME 1   902 902 BME BME A . 
I 5 HOH 1   171 171 HOH HOH A . 
I 5 HOH 2   172 172 HOH HOH A . 
I 5 HOH 3   174 174 HOH HOH A . 
I 5 HOH 4   175 175 HOH HOH A . 
I 5 HOH 5   177 177 HOH HOH A . 
I 5 HOH 6   179 179 HOH HOH A . 
I 5 HOH 7   180 180 HOH HOH A . 
I 5 HOH 8   181 181 HOH HOH A . 
I 5 HOH 9   182 182 HOH HOH A . 
I 5 HOH 10  183 183 HOH HOH A . 
I 5 HOH 11  185 185 HOH HOH A . 
I 5 HOH 12  186 186 HOH HOH A . 
I 5 HOH 13  187 187 HOH HOH A . 
I 5 HOH 14  188 188 HOH HOH A . 
I 5 HOH 15  189 189 HOH HOH A . 
I 5 HOH 16  190 190 HOH HOH A . 
I 5 HOH 17  191 191 HOH HOH A . 
I 5 HOH 18  192 192 HOH HOH A . 
I 5 HOH 19  193 193 HOH HOH A . 
I 5 HOH 20  194 194 HOH HOH A . 
I 5 HOH 21  195 195 HOH HOH A . 
I 5 HOH 22  196 196 HOH HOH A . 
I 5 HOH 23  197 197 HOH HOH A . 
I 5 HOH 24  198 198 HOH HOH A . 
I 5 HOH 25  200 200 HOH HOH A . 
I 5 HOH 26  201 201 HOH HOH A . 
I 5 HOH 27  203 203 HOH HOH A . 
I 5 HOH 28  204 204 HOH HOH A . 
I 5 HOH 29  206 206 HOH HOH A . 
I 5 HOH 30  208 208 HOH HOH A . 
I 5 HOH 31  209 209 HOH HOH A . 
I 5 HOH 32  210 210 HOH HOH A . 
I 5 HOH 33  211 211 HOH HOH A . 
I 5 HOH 34  213 213 HOH HOH A . 
I 5 HOH 35  214 214 HOH HOH A . 
I 5 HOH 36  215 215 HOH HOH A . 
I 5 HOH 37  216 216 HOH HOH A . 
I 5 HOH 38  217 217 HOH HOH A . 
I 5 HOH 39  218 218 HOH HOH A . 
I 5 HOH 40  219 219 HOH HOH A . 
I 5 HOH 41  220 220 HOH HOH A . 
I 5 HOH 42  221 221 HOH HOH A . 
I 5 HOH 43  222 222 HOH HOH A . 
I 5 HOH 44  223 223 HOH HOH A . 
I 5 HOH 45  224 224 HOH HOH A . 
I 5 HOH 46  225 225 HOH HOH A . 
I 5 HOH 47  227 227 HOH HOH A . 
I 5 HOH 48  228 228 HOH HOH A . 
I 5 HOH 49  229 229 HOH HOH A . 
I 5 HOH 50  230 230 HOH HOH A . 
I 5 HOH 51  231 231 HOH HOH A . 
I 5 HOH 52  232 232 HOH HOH A . 
I 5 HOH 53  233 233 HOH HOH A . 
I 5 HOH 54  234 234 HOH HOH A . 
I 5 HOH 55  235 235 HOH HOH A . 
I 5 HOH 56  237 237 HOH HOH A . 
I 5 HOH 57  238 238 HOH HOH A . 
I 5 HOH 58  239 239 HOH HOH A . 
I 5 HOH 59  240 240 HOH HOH A . 
I 5 HOH 60  242 242 HOH HOH A . 
I 5 HOH 61  244 244 HOH HOH A . 
I 5 HOH 62  245 245 HOH HOH A . 
I 5 HOH 63  246 246 HOH HOH A . 
I 5 HOH 64  247 247 HOH HOH A . 
I 5 HOH 65  248 248 HOH HOH A . 
I 5 HOH 66  250 250 HOH HOH A . 
I 5 HOH 67  251 251 HOH HOH A . 
I 5 HOH 68  253 253 HOH HOH A . 
I 5 HOH 69  254 254 HOH HOH A . 
I 5 HOH 70  256 256 HOH HOH A . 
I 5 HOH 71  259 259 HOH HOH A . 
I 5 HOH 72  260 260 HOH HOH A . 
I 5 HOH 73  261 261 HOH HOH A . 
I 5 HOH 74  266 266 HOH HOH A . 
I 5 HOH 75  267 267 HOH HOH A . 
I 5 HOH 76  268 268 HOH HOH A . 
I 5 HOH 77  269 269 HOH HOH A . 
I 5 HOH 78  270 270 HOH HOH A . 
I 5 HOH 79  271 271 HOH HOH A . 
I 5 HOH 80  272 272 HOH HOH A . 
I 5 HOH 81  273 273 HOH HOH A . 
I 5 HOH 82  274 274 HOH HOH A . 
I 5 HOH 83  276 276 HOH HOH A . 
I 5 HOH 84  277 277 HOH HOH A . 
I 5 HOH 85  278 278 HOH HOH A . 
I 5 HOH 86  281 281 HOH HOH A . 
I 5 HOH 87  282 282 HOH HOH A . 
I 5 HOH 88  283 283 HOH HOH A . 
I 5 HOH 89  284 284 HOH HOH A . 
I 5 HOH 90  286 286 HOH HOH A . 
I 5 HOH 91  288 288 HOH HOH A . 
I 5 HOH 92  289 289 HOH HOH A . 
I 5 HOH 93  290 290 HOH HOH A . 
I 5 HOH 94  292 292 HOH HOH A . 
I 5 HOH 95  293 293 HOH HOH A . 
I 5 HOH 96  294 294 HOH HOH A . 
I 5 HOH 97  295 295 HOH HOH A . 
I 5 HOH 98  297 297 HOH HOH A . 
I 5 HOH 99  298 298 HOH HOH A . 
I 5 HOH 100 299 299 HOH HOH A . 
I 5 HOH 101 301 301 HOH HOH A . 
I 5 HOH 102 303 303 HOH HOH A . 
I 5 HOH 103 306 306 HOH HOH A . 
I 5 HOH 104 308 308 HOH HOH A . 
I 5 HOH 105 311 311 HOH HOH A . 
I 5 HOH 106 319 319 HOH HOH A . 
I 5 HOH 107 323 323 HOH HOH A . 
I 5 HOH 108 324 324 HOH HOH A . 
I 5 HOH 109 326 326 HOH HOH A . 
I 5 HOH 110 328 328 HOH HOH A . 
I 5 HOH 111 329 329 HOH HOH A . 
I 5 HOH 112 331 331 HOH HOH A . 
I 5 HOH 113 332 332 HOH HOH A . 
I 5 HOH 114 333 333 HOH HOH A . 
I 5 HOH 115 334 334 HOH HOH A . 
I 5 HOH 116 336 336 HOH HOH A . 
I 5 HOH 117 337 337 HOH HOH A . 
I 5 HOH 118 338 338 HOH HOH A . 
I 5 HOH 119 339 339 HOH HOH A . 
I 5 HOH 120 340 340 HOH HOH A . 
I 5 HOH 121 341 341 HOH HOH A . 
I 5 HOH 122 342 342 HOH HOH A . 
I 5 HOH 123 343 343 HOH HOH A . 
I 5 HOH 124 344 344 HOH HOH A . 
I 5 HOH 125 345 345 HOH HOH A . 
# 
_pdbx_struct_assembly.id                   1 
_pdbx_struct_assembly.details              author_defined_assembly 
_pdbx_struct_assembly.method_details       ? 
_pdbx_struct_assembly.oligomeric_details   monomeric 
_pdbx_struct_assembly.oligomeric_count     1 
# 
_pdbx_struct_assembly_gen.assembly_id       1 
_pdbx_struct_assembly_gen.oper_expression   1 
_pdbx_struct_assembly_gen.asym_id_list      A,B,C,D,E,F,G,H,I 
# 
_pdbx_struct_oper_list.id                   1 
_pdbx_struct_oper_list.type                 'identity operation' 
_pdbx_struct_oper_list.name                 1_555 
_pdbx_struct_oper_list.symmetry_operation   x,y,z 
_pdbx_struct_oper_list.matrix[1][1]         1.0000000000 
_pdbx_struct_oper_list.matrix[1][2]         0.0000000000 
_pdbx_struct_oper_list.matrix[1][3]         0.0000000000 
_pdbx_struct_oper_list.vector[1]            0.0000000000 
_pdbx_struct_oper_list.matrix[2][1]         0.0000000000 
_pdbx_struct_oper_list.matrix[2][2]         1.0000000000 
_pdbx_struct_oper_list.matrix[2][3]         0.0000000000 
_pdbx_struct_oper_list.vector[2]            0.0000000000 
_pdbx_struct_oper_list.matrix[3][1]         0.0000000000 
_pdbx_struct_oper_list.matrix[3][2]         0.0000000000 
_pdbx_struct_oper_list.matrix[3][3]         1.0000000000 
_pdbx_struct_oper_list.vector[3]            0.0000000000 
# 
loop_
_pdbx_audit_revision_history.ordinal 
_pdbx_audit_revision_history.data_content_type 
_pdbx_audit_revision_history.major_revision 
_pdbx_audit_revision_history.minor_revision 
_pdbx_audit_revision_history.revision_date 
1 'Structure model' 1 0 2000-10-04 
2 'Structure model' 1 1 2008-04-26 
3 'Structure model' 1 2 2011-07-13 
4 'Structure model' 1 3 2021-11-03 
5 'Structure model' 1 4 2023-08-09 
# 
_pdbx_audit_revision_details.ordinal             1 
_pdbx_audit_revision_details.revision_ordinal    1 
_pdbx_audit_revision_details.data_content_type   'Structure model' 
_pdbx_audit_revision_details.provider            repository 
_pdbx_audit_revision_details.type                'Initial release' 
_pdbx_audit_revision_details.description         ? 
_pdbx_audit_revision_details.details             ? 
# 
loop_
_pdbx_audit_revision_group.ordinal 
_pdbx_audit_revision_group.revision_ordinal 
_pdbx_audit_revision_group.data_content_type 
_pdbx_audit_revision_group.group 
1 2 'Structure model' 'Version format compliance' 
2 3 'Structure model' 'Version format compliance' 
3 4 'Structure model' 'Database references'       
4 4 'Structure model' 'Derived calculations'      
5 5 'Structure model' 'Data collection'           
6 5 'Structure model' 'Refinement description'    
# 
loop_
_pdbx_audit_revision_category.ordinal 
_pdbx_audit_revision_category.revision_ordinal 
_pdbx_audit_revision_category.data_content_type 
_pdbx_audit_revision_category.category 
1 4 'Structure model' database_2                    
2 4 'Structure model' struct_conn                   
3 4 'Structure model' struct_ref_seq_dif            
4 4 'Structure model' struct_site                   
5 5 'Structure model' chem_comp_atom                
6 5 'Structure model' chem_comp_bond                
7 5 'Structure model' pdbx_initial_refinement_model 
# 
loop_
_pdbx_audit_revision_item.ordinal 
_pdbx_audit_revision_item.revision_ordinal 
_pdbx_audit_revision_item.data_content_type 
_pdbx_audit_revision_item.item 
1 4 'Structure model' '_database_2.pdbx_DOI'                
2 4 'Structure model' '_database_2.pdbx_database_accession' 
3 4 'Structure model' '_struct_conn.pdbx_leaving_atom_flag' 
4 4 'Structure model' '_struct_ref_seq_dif.details'         
5 4 'Structure model' '_struct_site.pdbx_auth_asym_id'      
6 4 'Structure model' '_struct_site.pdbx_auth_comp_id'      
7 4 'Structure model' '_struct_site.pdbx_auth_seq_id'       
# 
loop_
_software.name 
_software.classification 
_software.version 
_software.citation_id 
_software.pdbx_ordinal 
TNT       refinement       . ? 1 
DENZO     'data reduction' . ? 2 
SCALEPACK 'data scaling'   . ? 3 
TNT       phasing          . ? 4 
# 
_pdbx_validate_rmsd_bond.id                        1 
_pdbx_validate_rmsd_bond.PDB_model_num             1 
_pdbx_validate_rmsd_bond.auth_atom_id_1            CD 
_pdbx_validate_rmsd_bond.auth_asym_id_1            A 
_pdbx_validate_rmsd_bond.auth_comp_id_1            GLU 
_pdbx_validate_rmsd_bond.auth_seq_id_1             22 
_pdbx_validate_rmsd_bond.PDB_ins_code_1            ? 
_pdbx_validate_rmsd_bond.label_alt_id_1            ? 
_pdbx_validate_rmsd_bond.auth_atom_id_2            OE2 
_pdbx_validate_rmsd_bond.auth_asym_id_2            A 
_pdbx_validate_rmsd_bond.auth_comp_id_2            GLU 
_pdbx_validate_rmsd_bond.auth_seq_id_2             22 
_pdbx_validate_rmsd_bond.PDB_ins_code_2            ? 
_pdbx_validate_rmsd_bond.label_alt_id_2            ? 
_pdbx_validate_rmsd_bond.bond_value                1.340 
_pdbx_validate_rmsd_bond.bond_target_value         1.252 
_pdbx_validate_rmsd_bond.bond_deviation            0.088 
_pdbx_validate_rmsd_bond.bond_standard_deviation   0.011 
_pdbx_validate_rmsd_bond.linker_flag               N 
# 
loop_
_pdbx_validate_rmsd_angle.id 
_pdbx_validate_rmsd_angle.PDB_model_num 
_pdbx_validate_rmsd_angle.auth_atom_id_1 
_pdbx_validate_rmsd_angle.auth_asym_id_1 
_pdbx_validate_rmsd_angle.auth_comp_id_1 
_pdbx_validate_rmsd_angle.auth_seq_id_1 
_pdbx_validate_rmsd_angle.PDB_ins_code_1 
_pdbx_validate_rmsd_angle.label_alt_id_1 
_pdbx_validate_rmsd_angle.auth_atom_id_2 
_pdbx_validate_rmsd_angle.auth_asym_id_2 
_pdbx_validate_rmsd_angle.auth_comp_id_2 
_pdbx_validate_rmsd_angle.auth_seq_id_2 
_pdbx_validate_rmsd_angle.PDB_ins_code_2 
_pdbx_validate_rmsd_angle.label_alt_id_2 
_pdbx_validate_rmsd_angle.auth_atom_id_3 
_pdbx_validate_rmsd_angle.auth_asym_id_3 
_pdbx_validate_rmsd_angle.auth_comp_id_3 
_pdbx_validate_rmsd_angle.auth_seq_id_3 
_pdbx_validate_rmsd_angle.PDB_ins_code_3 
_pdbx_validate_rmsd_angle.label_alt_id_3 
_pdbx_validate_rmsd_angle.angle_value 
_pdbx_validate_rmsd_angle.angle_target_value 
_pdbx_validate_rmsd_angle.angle_deviation 
_pdbx_validate_rmsd_angle.angle_standard_deviation 
_pdbx_validate_rmsd_angle.linker_flag 
1  1 CB A ASP 10  ? ? CG A ASP 10  ? ? OD1 A ASP 10  ? ? 124.54 118.30 6.24  0.90 N 
2  1 CB A ASP 10  ? ? CG A ASP 10  ? ? OD2 A ASP 10  ? ? 111.77 118.30 -6.53 0.90 N 
3  1 CB A ASP 20  ? ? CG A ASP 20  ? ? OD1 A ASP 20  ? ? 128.33 118.30 10.03 0.90 N 
4  1 CB A ASP 20  ? ? CG A ASP 20  ? ? OD2 A ASP 20  ? ? 112.08 118.30 -6.22 0.90 N 
5  1 CB A TYR 24  ? ? CG A TYR 24  ? ? CD1 A TYR 24  ? ? 116.50 121.00 -4.50 0.60 N 
6  1 CB A ASP 47  ? ? CG A ASP 47  ? ? OD1 A ASP 47  ? ? 126.00 118.30 7.70  0.90 N 
7  1 CB A ASP 47  ? ? CG A ASP 47  ? ? OD2 A ASP 47  ? ? 110.27 118.30 -8.03 0.90 N 
8  1 CB A ASP 70  ? ? CG A ASP 70  ? ? OD1 A ASP 70  ? ? 124.11 118.30 5.81  0.90 N 
9  1 CB A ASP 70  ? ? CG A ASP 70  ? ? OD2 A ASP 70  ? ? 112.62 118.30 -5.68 0.90 N 
10 1 CB A ASP 72  ? ? CG A ASP 72  ? ? OD1 A ASP 72  ? ? 125.73 118.30 7.43  0.90 N 
11 1 CB A ASP 72  ? ? CG A ASP 72  ? ? OD2 A ASP 72  ? ? 111.37 118.30 -6.93 0.90 N 
12 1 NE A ARG 80  ? ? CZ A ARG 80  ? ? NH1 A ARG 80  ? ? 123.80 120.30 3.50  0.50 N 
13 1 CB A TYR 88  ? ? CG A TYR 88  ? ? CD2 A TYR 88  ? ? 117.20 121.00 -3.80 0.60 N 
14 1 CB A ASP 89  ? ? CG A ASP 89  ? ? OD1 A ASP 89  ? ? 124.78 118.30 6.48  0.90 N 
15 1 CB A ASP 89  ? ? CG A ASP 89  ? ? OD2 A ASP 89  ? ? 110.45 118.30 -7.85 0.90 N 
16 1 CG A MET 120 ? ? SD A MET 120 ? ? CE  A MET 120 ? ? 111.85 100.20 11.65 1.60 N 
17 1 NE A ARG 125 ? ? CZ A ARG 125 ? ? NH2 A ARG 125 ? ? 116.30 120.30 -4.00 0.50 N 
18 1 CB A ASP 127 ? ? CG A ASP 127 ? ? OD1 A ASP 127 ? ? 127.13 118.30 8.83  0.90 N 
19 1 CB A ASP 127 ? ? CG A ASP 127 ? ? OD2 A ASP 127 ? ? 111.76 118.30 -6.54 0.90 N 
20 1 NE A ARG 154 ? ? CZ A ARG 154 ? ? NH1 A ARG 154 ? ? 125.01 120.30 4.71  0.50 N 
# 
loop_
_pdbx_unobs_or_zero_occ_residues.id 
_pdbx_unobs_or_zero_occ_residues.PDB_model_num 
_pdbx_unobs_or_zero_occ_residues.polymer_flag 
_pdbx_unobs_or_zero_occ_residues.occupancy_flag 
_pdbx_unobs_or_zero_occ_residues.auth_asym_id 
_pdbx_unobs_or_zero_occ_residues.auth_comp_id 
_pdbx_unobs_or_zero_occ_residues.auth_seq_id 
_pdbx_unobs_or_zero_occ_residues.PDB_ins_code 
_pdbx_unobs_or_zero_occ_residues.label_asym_id 
_pdbx_unobs_or_zero_occ_residues.label_comp_id 
_pdbx_unobs_or_zero_occ_residues.label_seq_id 
1 1 Y 1 A ASN 163 ? A ASN 163 
2 1 Y 1 A LEU 164 ? A LEU 164 
# 
loop_
_chem_comp_atom.comp_id 
_chem_comp_atom.atom_id 
_chem_comp_atom.type_symbol 
_chem_comp_atom.pdbx_aromatic_flag 
_chem_comp_atom.pdbx_stereo_config 
_chem_comp_atom.pdbx_ordinal 
ALA N    N  N N 1   
ALA CA   C  N S 2   
ALA C    C  N N 3   
ALA O    O  N N 4   
ALA CB   C  N N 5   
ALA OXT  O  N N 6   
ALA H    H  N N 7   
ALA H2   H  N N 8   
ALA HA   H  N N 9   
ALA HB1  H  N N 10  
ALA HB2  H  N N 11  
ALA HB3  H  N N 12  
ALA HXT  H  N N 13  
ARG N    N  N N 14  
ARG CA   C  N S 15  
ARG C    C  N N 16  
ARG O    O  N N 17  
ARG CB   C  N N 18  
ARG CG   C  N N 19  
ARG CD   C  N N 20  
ARG NE   N  N N 21  
ARG CZ   C  N N 22  
ARG NH1  N  N N 23  
ARG NH2  N  N N 24  
ARG OXT  O  N N 25  
ARG H    H  N N 26  
ARG H2   H  N N 27  
ARG HA   H  N N 28  
ARG HB2  H  N N 29  
ARG HB3  H  N N 30  
ARG HG2  H  N N 31  
ARG HG3  H  N N 32  
ARG HD2  H  N N 33  
ARG HD3  H  N N 34  
ARG HE   H  N N 35  
ARG HH11 H  N N 36  
ARG HH12 H  N N 37  
ARG HH21 H  N N 38  
ARG HH22 H  N N 39  
ARG HXT  H  N N 40  
ASN N    N  N N 41  
ASN CA   C  N S 42  
ASN C    C  N N 43  
ASN O    O  N N 44  
ASN CB   C  N N 45  
ASN CG   C  N N 46  
ASN OD1  O  N N 47  
ASN ND2  N  N N 48  
ASN OXT  O  N N 49  
ASN H    H  N N 50  
ASN H2   H  N N 51  
ASN HA   H  N N 52  
ASN HB2  H  N N 53  
ASN HB3  H  N N 54  
ASN HD21 H  N N 55  
ASN HD22 H  N N 56  
ASN HXT  H  N N 57  
ASP N    N  N N 58  
ASP CA   C  N S 59  
ASP C    C  N N 60  
ASP O    O  N N 61  
ASP CB   C  N N 62  
ASP CG   C  N N 63  
ASP OD1  O  N N 64  
ASP OD2  O  N N 65  
ASP OXT  O  N N 66  
ASP H    H  N N 67  
ASP H2   H  N N 68  
ASP HA   H  N N 69  
ASP HB2  H  N N 70  
ASP HB3  H  N N 71  
ASP HD2  H  N N 72  
ASP HXT  H  N N 73  
BME C1   C  N N 74  
BME C2   C  N N 75  
BME O1   O  N N 76  
BME S2   S  N N 77  
BME H11  H  N N 78  
BME H12  H  N N 79  
BME H21  H  N N 80  
BME H22  H  N N 81  
BME HO1  H  N N 82  
BME HS2  H  N N 83  
CL  CL   CL N N 84  
CYS N    N  N N 85  
CYS CA   C  N R 86  
CYS C    C  N N 87  
CYS O    O  N N 88  
CYS CB   C  N N 89  
CYS SG   S  N N 90  
CYS OXT  O  N N 91  
CYS H    H  N N 92  
CYS H2   H  N N 93  
CYS HA   H  N N 94  
CYS HB2  H  N N 95  
CYS HB3  H  N N 96  
CYS HG   H  N N 97  
CYS HXT  H  N N 98  
GLN N    N  N N 99  
GLN CA   C  N S 100 
GLN C    C  N N 101 
GLN O    O  N N 102 
GLN CB   C  N N 103 
GLN CG   C  N N 104 
GLN CD   C  N N 105 
GLN OE1  O  N N 106 
GLN NE2  N  N N 107 
GLN OXT  O  N N 108 
GLN H    H  N N 109 
GLN H2   H  N N 110 
GLN HA   H  N N 111 
GLN HB2  H  N N 112 
GLN HB3  H  N N 113 
GLN HG2  H  N N 114 
GLN HG3  H  N N 115 
GLN HE21 H  N N 116 
GLN HE22 H  N N 117 
GLN HXT  H  N N 118 
GLU N    N  N N 119 
GLU CA   C  N S 120 
GLU C    C  N N 121 
GLU O    O  N N 122 
GLU CB   C  N N 123 
GLU CG   C  N N 124 
GLU CD   C  N N 125 
GLU OE1  O  N N 126 
GLU OE2  O  N N 127 
GLU OXT  O  N N 128 
GLU H    H  N N 129 
GLU H2   H  N N 130 
GLU HA   H  N N 131 
GLU HB2  H  N N 132 
GLU HB3  H  N N 133 
GLU HG2  H  N N 134 
GLU HG3  H  N N 135 
GLU HE2  H  N N 136 
GLU HXT  H  N N 137 
GLY N    N  N N 138 
GLY CA   C  N N 139 
GLY C    C  N N 140 
GLY O    O  N N 141 
GLY OXT  O  N N 142 
GLY H    H  N N 143 
GLY H2   H  N N 144 
GLY HA2  H  N N 145 
GLY HA3  H  N N 146 
GLY HXT  H  N N 147 
HIS N    N  N N 148 
HIS CA   C  N S 149 
HIS C    C  N N 150 
HIS O    O  N N 151 
HIS CB   C  N N 152 
HIS CG   C  Y N 153 
HIS ND1  N  Y N 154 
HIS CD2  C  Y N 155 
HIS CE1  C  Y N 156 
HIS NE2  N  Y N 157 
HIS OXT  O  N N 158 
HIS H    H  N N 159 
HIS H2   H  N N 160 
HIS HA   H  N N 161 
HIS HB2  H  N N 162 
HIS HB3  H  N N 163 
HIS HD1  H  N N 164 
HIS HD2  H  N N 165 
HIS HE1  H  N N 166 
HIS HE2  H  N N 167 
HIS HXT  H  N N 168 
HOH O    O  N N 169 
HOH H1   H  N N 170 
HOH H2   H  N N 171 
ILE N    N  N N 172 
ILE CA   C  N S 173 
ILE C    C  N N 174 
ILE O    O  N N 175 
ILE CB   C  N S 176 
ILE CG1  C  N N 177 
ILE CG2  C  N N 178 
ILE CD1  C  N N 179 
ILE OXT  O  N N 180 
ILE H    H  N N 181 
ILE H2   H  N N 182 
ILE HA   H  N N 183 
ILE HB   H  N N 184 
ILE HG12 H  N N 185 
ILE HG13 H  N N 186 
ILE HG21 H  N N 187 
ILE HG22 H  N N 188 
ILE HG23 H  N N 189 
ILE HD11 H  N N 190 
ILE HD12 H  N N 191 
ILE HD13 H  N N 192 
ILE HXT  H  N N 193 
LEU N    N  N N 194 
LEU CA   C  N S 195 
LEU C    C  N N 196 
LEU O    O  N N 197 
LEU CB   C  N N 198 
LEU CG   C  N N 199 
LEU CD1  C  N N 200 
LEU CD2  C  N N 201 
LEU OXT  O  N N 202 
LEU H    H  N N 203 
LEU H2   H  N N 204 
LEU HA   H  N N 205 
LEU HB2  H  N N 206 
LEU HB3  H  N N 207 
LEU HG   H  N N 208 
LEU HD11 H  N N 209 
LEU HD12 H  N N 210 
LEU HD13 H  N N 211 
LEU HD21 H  N N 212 
LEU HD22 H  N N 213 
LEU HD23 H  N N 214 
LEU HXT  H  N N 215 
LYS N    N  N N 216 
LYS CA   C  N S 217 
LYS C    C  N N 218 
LYS O    O  N N 219 
LYS CB   C  N N 220 
LYS CG   C  N N 221 
LYS CD   C  N N 222 
LYS CE   C  N N 223 
LYS NZ   N  N N 224 
LYS OXT  O  N N 225 
LYS H    H  N N 226 
LYS H2   H  N N 227 
LYS HA   H  N N 228 
LYS HB2  H  N N 229 
LYS HB3  H  N N 230 
LYS HG2  H  N N 231 
LYS HG3  H  N N 232 
LYS HD2  H  N N 233 
LYS HD3  H  N N 234 
LYS HE2  H  N N 235 
LYS HE3  H  N N 236 
LYS HZ1  H  N N 237 
LYS HZ2  H  N N 238 
LYS HZ3  H  N N 239 
LYS HXT  H  N N 240 
MET N    N  N N 241 
MET CA   C  N S 242 
MET C    C  N N 243 
MET O    O  N N 244 
MET CB   C  N N 245 
MET CG   C  N N 246 
MET SD   S  N N 247 
MET CE   C  N N 248 
MET OXT  O  N N 249 
MET H    H  N N 250 
MET H2   H  N N 251 
MET HA   H  N N 252 
MET HB2  H  N N 253 
MET HB3  H  N N 254 
MET HG2  H  N N 255 
MET HG3  H  N N 256 
MET HE1  H  N N 257 
MET HE2  H  N N 258 
MET HE3  H  N N 259 
MET HXT  H  N N 260 
PHE N    N  N N 261 
PHE CA   C  N S 262 
PHE C    C  N N 263 
PHE O    O  N N 264 
PHE CB   C  N N 265 
PHE CG   C  Y N 266 
PHE CD1  C  Y N 267 
PHE CD2  C  Y N 268 
PHE CE1  C  Y N 269 
PHE CE2  C  Y N 270 
PHE CZ   C  Y N 271 
PHE OXT  O  N N 272 
PHE H    H  N N 273 
PHE H2   H  N N 274 
PHE HA   H  N N 275 
PHE HB2  H  N N 276 
PHE HB3  H  N N 277 
PHE HD1  H  N N 278 
PHE HD2  H  N N 279 
PHE HE1  H  N N 280 
PHE HE2  H  N N 281 
PHE HZ   H  N N 282 
PHE HXT  H  N N 283 
PRO N    N  N N 284 
PRO CA   C  N S 285 
PRO C    C  N N 286 
PRO O    O  N N 287 
PRO CB   C  N N 288 
PRO CG   C  N N 289 
PRO CD   C  N N 290 
PRO OXT  O  N N 291 
PRO H    H  N N 292 
PRO HA   H  N N 293 
PRO HB2  H  N N 294 
PRO HB3  H  N N 295 
PRO HG2  H  N N 296 
PRO HG3  H  N N 297 
PRO HD2  H  N N 298 
PRO HD3  H  N N 299 
PRO HXT  H  N N 300 
SER N    N  N N 301 
SER CA   C  N S 302 
SER C    C  N N 303 
SER O    O  N N 304 
SER CB   C  N N 305 
SER OG   O  N N 306 
SER OXT  O  N N 307 
SER H    H  N N 308 
SER H2   H  N N 309 
SER HA   H  N N 310 
SER HB2  H  N N 311 
SER HB3  H  N N 312 
SER HG   H  N N 313 
SER HXT  H  N N 314 
THR N    N  N N 315 
THR CA   C  N S 316 
THR C    C  N N 317 
THR O    O  N N 318 
THR CB   C  N R 319 
THR OG1  O  N N 320 
THR CG2  C  N N 321 
THR OXT  O  N N 322 
THR H    H  N N 323 
THR H2   H  N N 324 
THR HA   H  N N 325 
THR HB   H  N N 326 
THR HG1  H  N N 327 
THR HG21 H  N N 328 
THR HG22 H  N N 329 
THR HG23 H  N N 330 
THR HXT  H  N N 331 
TRP N    N  N N 332 
TRP CA   C  N S 333 
TRP C    C  N N 334 
TRP O    O  N N 335 
TRP CB   C  N N 336 
TRP CG   C  Y N 337 
TRP CD1  C  Y N 338 
TRP CD2  C  Y N 339 
TRP NE1  N  Y N 340 
TRP CE2  C  Y N 341 
TRP CE3  C  Y N 342 
TRP CZ2  C  Y N 343 
TRP CZ3  C  Y N 344 
TRP CH2  C  Y N 345 
TRP OXT  O  N N 346 
TRP H    H  N N 347 
TRP H2   H  N N 348 
TRP HA   H  N N 349 
TRP HB2  H  N N 350 
TRP HB3  H  N N 351 
TRP HD1  H  N N 352 
TRP HE1  H  N N 353 
TRP HE3  H  N N 354 
TRP HZ2  H  N N 355 
TRP HZ3  H  N N 356 
TRP HH2  H  N N 357 
TRP HXT  H  N N 358 
TYR N    N  N N 359 
TYR CA   C  N S 360 
TYR C    C  N N 361 
TYR O    O  N N 362 
TYR CB   C  N N 363 
TYR CG   C  Y N 364 
TYR CD1  C  Y N 365 
TYR CD2  C  Y N 366 
TYR CE1  C  Y N 367 
TYR CE2  C  Y N 368 
TYR CZ   C  Y N 369 
TYR OH   O  N N 370 
TYR OXT  O  N N 371 
TYR H    H  N N 372 
TYR H2   H  N N 373 
TYR HA   H  N N 374 
TYR HB2  H  N N 375 
TYR HB3  H  N N 376 
TYR HD1  H  N N 377 
TYR HD2  H  N N 378 
TYR HE1  H  N N 379 
TYR HE2  H  N N 380 
TYR HH   H  N N 381 
TYR HXT  H  N N 382 
VAL N    N  N N 383 
VAL CA   C  N S 384 
VAL C    C  N N 385 
VAL O    O  N N 386 
VAL CB   C  N N 387 
VAL CG1  C  N N 388 
VAL CG2  C  N N 389 
VAL OXT  O  N N 390 
VAL H    H  N N 391 
VAL H2   H  N N 392 
VAL HA   H  N N 393 
VAL HB   H  N N 394 
VAL HG11 H  N N 395 
VAL HG12 H  N N 396 
VAL HG13 H  N N 397 
VAL HG21 H  N N 398 
VAL HG22 H  N N 399 
VAL HG23 H  N N 400 
VAL HXT  H  N N 401 
XE  XE   XE N N 402 
# 
loop_
_chem_comp_bond.comp_id 
_chem_comp_bond.atom_id_1 
_chem_comp_bond.atom_id_2 
_chem_comp_bond.value_order 
_chem_comp_bond.pdbx_aromatic_flag 
_chem_comp_bond.pdbx_stereo_config 
_chem_comp_bond.pdbx_ordinal 
ALA N   CA   sing N N 1   
ALA N   H    sing N N 2   
ALA N   H2   sing N N 3   
ALA CA  C    sing N N 4   
ALA CA  CB   sing N N 5   
ALA CA  HA   sing N N 6   
ALA C   O    doub N N 7   
ALA C   OXT  sing N N 8   
ALA CB  HB1  sing N N 9   
ALA CB  HB2  sing N N 10  
ALA CB  HB3  sing N N 11  
ALA OXT HXT  sing N N 12  
ARG N   CA   sing N N 13  
ARG N   H    sing N N 14  
ARG N   H2   sing N N 15  
ARG CA  C    sing N N 16  
ARG CA  CB   sing N N 17  
ARG CA  HA   sing N N 18  
ARG C   O    doub N N 19  
ARG C   OXT  sing N N 20  
ARG CB  CG   sing N N 21  
ARG CB  HB2  sing N N 22  
ARG CB  HB3  sing N N 23  
ARG CG  CD   sing N N 24  
ARG CG  HG2  sing N N 25  
ARG CG  HG3  sing N N 26  
ARG CD  NE   sing N N 27  
ARG CD  HD2  sing N N 28  
ARG CD  HD3  sing N N 29  
ARG NE  CZ   sing N N 30  
ARG NE  HE   sing N N 31  
ARG CZ  NH1  sing N N 32  
ARG CZ  NH2  doub N N 33  
ARG NH1 HH11 sing N N 34  
ARG NH1 HH12 sing N N 35  
ARG NH2 HH21 sing N N 36  
ARG NH2 HH22 sing N N 37  
ARG OXT HXT  sing N N 38  
ASN N   CA   sing N N 39  
ASN N   H    sing N N 40  
ASN N   H2   sing N N 41  
ASN CA  C    sing N N 42  
ASN CA  CB   sing N N 43  
ASN CA  HA   sing N N 44  
ASN C   O    doub N N 45  
ASN C   OXT  sing N N 46  
ASN CB  CG   sing N N 47  
ASN CB  HB2  sing N N 48  
ASN CB  HB3  sing N N 49  
ASN CG  OD1  doub N N 50  
ASN CG  ND2  sing N N 51  
ASN ND2 HD21 sing N N 52  
ASN ND2 HD22 sing N N 53  
ASN OXT HXT  sing N N 54  
ASP N   CA   sing N N 55  
ASP N   H    sing N N 56  
ASP N   H2   sing N N 57  
ASP CA  C    sing N N 58  
ASP CA  CB   sing N N 59  
ASP CA  HA   sing N N 60  
ASP C   O    doub N N 61  
ASP C   OXT  sing N N 62  
ASP CB  CG   sing N N 63  
ASP CB  HB2  sing N N 64  
ASP CB  HB3  sing N N 65  
ASP CG  OD1  doub N N 66  
ASP CG  OD2  sing N N 67  
ASP OD2 HD2  sing N N 68  
ASP OXT HXT  sing N N 69  
BME C1  C2   sing N N 70  
BME C1  O1   sing N N 71  
BME C1  H11  sing N N 72  
BME C1  H12  sing N N 73  
BME C2  S2   sing N N 74  
BME C2  H21  sing N N 75  
BME C2  H22  sing N N 76  
BME O1  HO1  sing N N 77  
BME S2  HS2  sing N N 78  
CYS N   CA   sing N N 79  
CYS N   H    sing N N 80  
CYS N   H2   sing N N 81  
CYS CA  C    sing N N 82  
CYS CA  CB   sing N N 83  
CYS CA  HA   sing N N 84  
CYS C   O    doub N N 85  
CYS C   OXT  sing N N 86  
CYS CB  SG   sing N N 87  
CYS CB  HB2  sing N N 88  
CYS CB  HB3  sing N N 89  
CYS SG  HG   sing N N 90  
CYS OXT HXT  sing N N 91  
GLN N   CA   sing N N 92  
GLN N   H    sing N N 93  
GLN N   H2   sing N N 94  
GLN CA  C    sing N N 95  
GLN CA  CB   sing N N 96  
GLN CA  HA   sing N N 97  
GLN C   O    doub N N 98  
GLN C   OXT  sing N N 99  
GLN CB  CG   sing N N 100 
GLN CB  HB2  sing N N 101 
GLN CB  HB3  sing N N 102 
GLN CG  CD   sing N N 103 
GLN CG  HG2  sing N N 104 
GLN CG  HG3  sing N N 105 
GLN CD  OE1  doub N N 106 
GLN CD  NE2  sing N N 107 
GLN NE2 HE21 sing N N 108 
GLN NE2 HE22 sing N N 109 
GLN OXT HXT  sing N N 110 
GLU N   CA   sing N N 111 
GLU N   H    sing N N 112 
GLU N   H2   sing N N 113 
GLU CA  C    sing N N 114 
GLU CA  CB   sing N N 115 
GLU CA  HA   sing N N 116 
GLU C   O    doub N N 117 
GLU C   OXT  sing N N 118 
GLU CB  CG   sing N N 119 
GLU CB  HB2  sing N N 120 
GLU CB  HB3  sing N N 121 
GLU CG  CD   sing N N 122 
GLU CG  HG2  sing N N 123 
GLU CG  HG3  sing N N 124 
GLU CD  OE1  doub N N 125 
GLU CD  OE2  sing N N 126 
GLU OE2 HE2  sing N N 127 
GLU OXT HXT  sing N N 128 
GLY N   CA   sing N N 129 
GLY N   H    sing N N 130 
GLY N   H2   sing N N 131 
GLY CA  C    sing N N 132 
GLY CA  HA2  sing N N 133 
GLY CA  HA3  sing N N 134 
GLY C   O    doub N N 135 
GLY C   OXT  sing N N 136 
GLY OXT HXT  sing N N 137 
HIS N   CA   sing N N 138 
HIS N   H    sing N N 139 
HIS N   H2   sing N N 140 
HIS CA  C    sing N N 141 
HIS CA  CB   sing N N 142 
HIS CA  HA   sing N N 143 
HIS C   O    doub N N 144 
HIS C   OXT  sing N N 145 
HIS CB  CG   sing N N 146 
HIS CB  HB2  sing N N 147 
HIS CB  HB3  sing N N 148 
HIS CG  ND1  sing Y N 149 
HIS CG  CD2  doub Y N 150 
HIS ND1 CE1  doub Y N 151 
HIS ND1 HD1  sing N N 152 
HIS CD2 NE2  sing Y N 153 
HIS CD2 HD2  sing N N 154 
HIS CE1 NE2  sing Y N 155 
HIS CE1 HE1  sing N N 156 
HIS NE2 HE2  sing N N 157 
HIS OXT HXT  sing N N 158 
HOH O   H1   sing N N 159 
HOH O   H2   sing N N 160 
ILE N   CA   sing N N 161 
ILE N   H    sing N N 162 
ILE N   H2   sing N N 163 
ILE CA  C    sing N N 164 
ILE CA  CB   sing N N 165 
ILE CA  HA   sing N N 166 
ILE C   O    doub N N 167 
ILE C   OXT  sing N N 168 
ILE CB  CG1  sing N N 169 
ILE CB  CG2  sing N N 170 
ILE CB  HB   sing N N 171 
ILE CG1 CD1  sing N N 172 
ILE CG1 HG12 sing N N 173 
ILE CG1 HG13 sing N N 174 
ILE CG2 HG21 sing N N 175 
ILE CG2 HG22 sing N N 176 
ILE CG2 HG23 sing N N 177 
ILE CD1 HD11 sing N N 178 
ILE CD1 HD12 sing N N 179 
ILE CD1 HD13 sing N N 180 
ILE OXT HXT  sing N N 181 
LEU N   CA   sing N N 182 
LEU N   H    sing N N 183 
LEU N   H2   sing N N 184 
LEU CA  C    sing N N 185 
LEU CA  CB   sing N N 186 
LEU CA  HA   sing N N 187 
LEU C   O    doub N N 188 
LEU C   OXT  sing N N 189 
LEU CB  CG   sing N N 190 
LEU CB  HB2  sing N N 191 
LEU CB  HB3  sing N N 192 
LEU CG  CD1  sing N N 193 
LEU CG  CD2  sing N N 194 
LEU CG  HG   sing N N 195 
LEU CD1 HD11 sing N N 196 
LEU CD1 HD12 sing N N 197 
LEU CD1 HD13 sing N N 198 
LEU CD2 HD21 sing N N 199 
LEU CD2 HD22 sing N N 200 
LEU CD2 HD23 sing N N 201 
LEU OXT HXT  sing N N 202 
LYS N   CA   sing N N 203 
LYS N   H    sing N N 204 
LYS N   H2   sing N N 205 
LYS CA  C    sing N N 206 
LYS CA  CB   sing N N 207 
LYS CA  HA   sing N N 208 
LYS C   O    doub N N 209 
LYS C   OXT  sing N N 210 
LYS CB  CG   sing N N 211 
LYS CB  HB2  sing N N 212 
LYS CB  HB3  sing N N 213 
LYS CG  CD   sing N N 214 
LYS CG  HG2  sing N N 215 
LYS CG  HG3  sing N N 216 
LYS CD  CE   sing N N 217 
LYS CD  HD2  sing N N 218 
LYS CD  HD3  sing N N 219 
LYS CE  NZ   sing N N 220 
LYS CE  HE2  sing N N 221 
LYS CE  HE3  sing N N 222 
LYS NZ  HZ1  sing N N 223 
LYS NZ  HZ2  sing N N 224 
LYS NZ  HZ3  sing N N 225 
LYS OXT HXT  sing N N 226 
MET N   CA   sing N N 227 
MET N   H    sing N N 228 
MET N   H2   sing N N 229 
MET CA  C    sing N N 230 
MET CA  CB   sing N N 231 
MET CA  HA   sing N N 232 
MET C   O    doub N N 233 
MET C   OXT  sing N N 234 
MET CB  CG   sing N N 235 
MET CB  HB2  sing N N 236 
MET CB  HB3  sing N N 237 
MET CG  SD   sing N N 238 
MET CG  HG2  sing N N 239 
MET CG  HG3  sing N N 240 
MET SD  CE   sing N N 241 
MET CE  HE1  sing N N 242 
MET CE  HE2  sing N N 243 
MET CE  HE3  sing N N 244 
MET OXT HXT  sing N N 245 
PHE N   CA   sing N N 246 
PHE N   H    sing N N 247 
PHE N   H2   sing N N 248 
PHE CA  C    sing N N 249 
PHE CA  CB   sing N N 250 
PHE CA  HA   sing N N 251 
PHE C   O    doub N N 252 
PHE C   OXT  sing N N 253 
PHE CB  CG   sing N N 254 
PHE CB  HB2  sing N N 255 
PHE CB  HB3  sing N N 256 
PHE CG  CD1  doub Y N 257 
PHE CG  CD2  sing Y N 258 
PHE CD1 CE1  sing Y N 259 
PHE CD1 HD1  sing N N 260 
PHE CD2 CE2  doub Y N 261 
PHE CD2 HD2  sing N N 262 
PHE CE1 CZ   doub Y N 263 
PHE CE1 HE1  sing N N 264 
PHE CE2 CZ   sing Y N 265 
PHE CE2 HE2  sing N N 266 
PHE CZ  HZ   sing N N 267 
PHE OXT HXT  sing N N 268 
PRO N   CA   sing N N 269 
PRO N   CD   sing N N 270 
PRO N   H    sing N N 271 
PRO CA  C    sing N N 272 
PRO CA  CB   sing N N 273 
PRO CA  HA   sing N N 274 
PRO C   O    doub N N 275 
PRO C   OXT  sing N N 276 
PRO CB  CG   sing N N 277 
PRO CB  HB2  sing N N 278 
PRO CB  HB3  sing N N 279 
PRO CG  CD   sing N N 280 
PRO CG  HG2  sing N N 281 
PRO CG  HG3  sing N N 282 
PRO CD  HD2  sing N N 283 
PRO CD  HD3  sing N N 284 
PRO OXT HXT  sing N N 285 
SER N   CA   sing N N 286 
SER N   H    sing N N 287 
SER N   H2   sing N N 288 
SER CA  C    sing N N 289 
SER CA  CB   sing N N 290 
SER CA  HA   sing N N 291 
SER C   O    doub N N 292 
SER C   OXT  sing N N 293 
SER CB  OG   sing N N 294 
SER CB  HB2  sing N N 295 
SER CB  HB3  sing N N 296 
SER OG  HG   sing N N 297 
SER OXT HXT  sing N N 298 
THR N   CA   sing N N 299 
THR N   H    sing N N 300 
THR N   H2   sing N N 301 
THR CA  C    sing N N 302 
THR CA  CB   sing N N 303 
THR CA  HA   sing N N 304 
THR C   O    doub N N 305 
THR C   OXT  sing N N 306 
THR CB  OG1  sing N N 307 
THR CB  CG2  sing N N 308 
THR CB  HB   sing N N 309 
THR OG1 HG1  sing N N 310 
THR CG2 HG21 sing N N 311 
THR CG2 HG22 sing N N 312 
THR CG2 HG23 sing N N 313 
THR OXT HXT  sing N N 314 
TRP N   CA   sing N N 315 
TRP N   H    sing N N 316 
TRP N   H2   sing N N 317 
TRP CA  C    sing N N 318 
TRP CA  CB   sing N N 319 
TRP CA  HA   sing N N 320 
TRP C   O    doub N N 321 
TRP C   OXT  sing N N 322 
TRP CB  CG   sing N N 323 
TRP CB  HB2  sing N N 324 
TRP CB  HB3  sing N N 325 
TRP CG  CD1  doub Y N 326 
TRP CG  CD2  sing Y N 327 
TRP CD1 NE1  sing Y N 328 
TRP CD1 HD1  sing N N 329 
TRP CD2 CE2  doub Y N 330 
TRP CD2 CE3  sing Y N 331 
TRP NE1 CE2  sing Y N 332 
TRP NE1 HE1  sing N N 333 
TRP CE2 CZ2  sing Y N 334 
TRP CE3 CZ3  doub Y N 335 
TRP CE3 HE3  sing N N 336 
TRP CZ2 CH2  doub Y N 337 
TRP CZ2 HZ2  sing N N 338 
TRP CZ3 CH2  sing Y N 339 
TRP CZ3 HZ3  sing N N 340 
TRP CH2 HH2  sing N N 341 
TRP OXT HXT  sing N N 342 
TYR N   CA   sing N N 343 
TYR N   H    sing N N 344 
TYR N   H2   sing N N 345 
TYR CA  C    sing N N 346 
TYR CA  CB   sing N N 347 
TYR CA  HA   sing N N 348 
TYR C   O    doub N N 349 
TYR C   OXT  sing N N 350 
TYR CB  CG   sing N N 351 
TYR CB  HB2  sing N N 352 
TYR CB  HB3  sing N N 353 
TYR CG  CD1  doub Y N 354 
TYR CG  CD2  sing Y N 355 
TYR CD1 CE1  sing Y N 356 
TYR CD1 HD1  sing N N 357 
TYR CD2 CE2  doub Y N 358 
TYR CD2 HD2  sing N N 359 
TYR CE1 CZ   doub Y N 360 
TYR CE1 HE1  sing N N 361 
TYR CE2 CZ   sing Y N 362 
TYR CE2 HE2  sing N N 363 
TYR CZ  OH   sing N N 364 
TYR OH  HH   sing N N 365 
TYR OXT HXT  sing N N 366 
VAL N   CA   sing N N 367 
VAL N   H    sing N N 368 
VAL N   H2   sing N N 369 
VAL CA  C    sing N N 370 
VAL CA  CB   sing N N 371 
VAL CA  HA   sing N N 372 
VAL C   O    doub N N 373 
VAL C   OXT  sing N N 374 
VAL CB  CG1  sing N N 375 
VAL CB  CG2  sing N N 376 
VAL CB  HB   sing N N 377 
VAL CG1 HG11 sing N N 378 
VAL CG1 HG12 sing N N 379 
VAL CG1 HG13 sing N N 380 
VAL CG2 HG21 sing N N 381 
VAL CG2 HG22 sing N N 382 
VAL CG2 HG23 sing N N 383 
VAL OXT HXT  sing N N 384 
# 
loop_
_pdbx_entity_nonpoly.entity_id 
_pdbx_entity_nonpoly.name 
_pdbx_entity_nonpoly.comp_id 
2 'CHLORIDE ION'       CL  
3 XENON                XE  
4 BETA-MERCAPTOETHANOL BME 
5 water                HOH 
# 
_pdbx_initial_refinement_model.id               1 
_pdbx_initial_refinement_model.entity_id_list   ? 
_pdbx_initial_refinement_model.type             'experimental model' 
_pdbx_initial_refinement_model.source_name      PDB 
_pdbx_initial_refinement_model.accession_code   1L90 
_pdbx_initial_refinement_model.details          ? 
# 
